data_2RFL
#
_entry.id   2RFL
#
_cell.length_a   58.966
_cell.length_b   201.503
_cell.length_c   72.717
_cell.angle_alpha   90.00
_cell.angle_beta   113.98
_cell.angle_gamma   90.00
#
_symmetry.space_group_name_H-M   'P 1 21 1'
#
loop_
_entity.id
_entity.type
_entity.pdbx_description
1 polymer 'Putative phosphohistidine phosphatase SixA'
2 non-polymer 'THIOCYANATE ION'
3 non-polymer GLYCEROL
4 non-polymer 'ACETIC ACID'
5 water water
#
_entity_poly.entity_id   1
_entity_poly.type   'polypeptide(L)'
_entity_poly.pdbx_seq_one_letter_code
;GH(MSE)TASFPTRVYLLRHAKAAWAAPGERDFDRGLNEAGFAEAEIIADLAADRRYRPDLILSSTAARCRQTTQAWQRA
FNEGIDIVYIDE(MSE)YNARSETYLSLIAAQTEVQSV(MSE)LVGHNPT(MSE)EATLEA(MSE)IGEDLLHAALPSGF
PTSGLAVLDQDDSAASGKNRWRLIDFLAPGKGS
;
_entity_poly.pdbx_strand_id   A,B,C,D,E,F,G,H
#
loop_
_chem_comp.id
_chem_comp.type
_chem_comp.name
_chem_comp.formula
ACY non-polymer 'ACETIC ACID' 'C2 H4 O2'
GOL non-polymer GLYCEROL 'C3 H8 O3'
SCN non-polymer 'THIOCYANATE ION' 'C N S -1'
#
# COMPACT_ATOMS: atom_id res chain seq x y z
N SER A 6 1.75 -6.30 -18.36
CA SER A 6 1.32 -4.94 -17.88
C SER A 6 1.23 -3.92 -19.01
N PHE A 7 0.06 -3.78 -19.64
CA PHE A 7 -0.14 -2.97 -20.85
C PHE A 7 -1.42 -2.15 -20.77
N PRO A 8 -1.39 -0.85 -21.13
CA PRO A 8 -0.34 0.02 -21.73
C PRO A 8 0.91 0.27 -20.88
N THR A 9 2.03 0.50 -21.56
CA THR A 9 3.26 0.88 -20.87
C THR A 9 3.58 2.38 -21.03
N ARG A 10 2.88 3.03 -21.96
CA ARG A 10 2.96 4.48 -22.13
C ARG A 10 1.58 5.10 -22.36
N VAL A 11 1.27 6.11 -21.52
CA VAL A 11 0.04 6.90 -21.59
C VAL A 11 0.32 8.34 -22.03
N TYR A 12 -0.32 8.73 -23.13
CA TYR A 12 -0.33 10.13 -23.53
C TYR A 12 -1.68 10.72 -23.19
N LEU A 13 -1.63 11.89 -22.56
CA LEU A 13 -2.81 12.69 -22.18
C LEU A 13 -2.81 14.08 -22.79
N LEU A 14 -3.73 14.26 -23.75
CA LEU A 14 -3.83 15.43 -24.62
C LEU A 14 -5.13 16.20 -24.39
N ARG A 15 -5.00 17.44 -23.95
CA ARG A 15 -6.17 18.28 -23.92
C ARG A 15 -6.34 18.87 -25.30
N HIS A 16 -7.60 19.02 -25.72
CA HIS A 16 -7.95 19.55 -27.01
C HIS A 16 -7.38 20.98 -27.08
N ALA A 17 -7.13 21.44 -28.30
CA ALA A 17 -6.60 22.76 -28.55
C ALA A 17 -7.67 23.82 -28.23
N LYS A 18 -7.26 25.10 -28.26
CA LYS A 18 -8.14 26.25 -27.96
C LYS A 18 -9.34 26.31 -28.90
N ALA A 19 -10.52 26.36 -28.29
CA ALA A 19 -11.78 26.40 -28.98
C ALA A 19 -12.34 27.80 -28.98
N ALA A 20 -13.21 28.07 -29.94
CA ALA A 20 -13.91 29.35 -30.02
C ALA A 20 -15.26 29.22 -29.35
N TRP A 21 -15.95 30.34 -29.19
CA TRP A 21 -17.22 30.36 -28.45
C TRP A 21 -18.40 30.47 -29.40
N ARG A 27 -24.87 25.34 -29.37
CA ARG A 27 -24.58 23.93 -28.99
C ARG A 27 -23.07 23.67 -28.84
N ASP A 28 -22.63 23.51 -27.60
CA ASP A 28 -21.18 23.45 -27.29
C ASP A 28 -20.37 22.38 -28.03
N PHE A 29 -20.95 21.19 -28.13
CA PHE A 29 -20.37 20.06 -28.82
C PHE A 29 -19.75 20.48 -30.16
N ASP A 30 -20.48 21.35 -30.88
CA ASP A 30 -20.08 21.83 -32.20
C ASP A 30 -19.08 22.99 -32.29
N ARG A 31 -18.48 23.40 -31.18
CA ARG A 31 -17.56 24.52 -31.25
C ARG A 31 -16.29 24.05 -31.92
N GLY A 32 -15.65 24.94 -32.69
CA GLY A 32 -14.44 24.58 -33.44
C GLY A 32 -13.14 25.03 -32.80
N LEU A 33 -12.02 24.63 -33.39
CA LEU A 33 -10.76 25.19 -33.02
C LEU A 33 -10.74 26.52 -33.73
N ASN A 34 -10.34 27.57 -32.99
CA ASN A 34 -10.04 28.88 -33.58
C ASN A 34 -8.65 28.85 -34.22
N GLU A 35 -8.19 29.98 -34.74
CA GLU A 35 -6.84 30.09 -35.32
C GLU A 35 -5.67 29.75 -34.38
N ALA A 36 -5.57 30.41 -33.22
CA ALA A 36 -4.50 30.08 -32.30
C ALA A 36 -4.55 28.61 -31.79
N GLY A 37 -5.76 28.16 -31.48
CA GLY A 37 -6.10 26.77 -31.24
C GLY A 37 -5.64 25.82 -32.32
N PHE A 38 -5.98 26.13 -33.57
CA PHE A 38 -5.40 25.39 -34.70
C PHE A 38 -3.86 25.33 -34.79
N ALA A 39 -3.21 26.43 -34.47
CA ALA A 39 -1.78 26.57 -34.65
C ALA A 39 -1.03 25.78 -33.59
N GLU A 40 -1.49 25.86 -32.33
CA GLU A 40 -0.89 25.20 -31.17
C GLU A 40 -0.88 23.69 -31.33
N ALA A 41 -2.01 23.15 -31.74
CA ALA A 41 -2.17 21.73 -31.84
C ALA A 41 -1.22 21.19 -32.91
N GLU A 42 -1.07 21.94 -34.00
CA GLU A 42 0.02 21.68 -34.94
C GLU A 42 1.43 21.76 -34.30
N ILE A 43 1.74 22.87 -33.62
CA ILE A 43 3.06 23.05 -32.99
C ILE A 43 3.36 21.84 -32.10
N ILE A 44 2.40 21.49 -31.26
CA ILE A 44 2.52 20.41 -30.26
C ILE A 44 2.55 18.99 -30.88
N ALA A 45 1.57 18.65 -31.71
CA ALA A 45 1.71 17.50 -32.64
C ALA A 45 3.15 17.37 -33.19
N ASP A 46 3.66 18.40 -33.88
CA ASP A 46 5.07 18.44 -34.36
C ASP A 46 6.21 18.21 -33.36
N LEU A 47 6.09 18.81 -32.18
CA LEU A 47 7.01 18.56 -31.09
C LEU A 47 6.99 17.05 -30.82
N ALA A 48 5.82 16.42 -30.93
CA ALA A 48 5.60 15.02 -30.51
C ALA A 48 6.35 13.99 -31.34
N ALA A 49 6.05 13.92 -32.64
CA ALA A 49 6.75 13.05 -33.59
C ALA A 49 8.21 13.39 -33.68
N ASP A 50 8.59 14.45 -32.98
CA ASP A 50 9.98 14.92 -32.91
C ASP A 50 10.67 14.11 -31.82
N ARG A 51 10.00 14.04 -30.67
CA ARG A 51 10.40 13.15 -29.59
C ARG A 51 9.99 11.71 -29.94
N ARG A 52 9.27 11.55 -31.05
CA ARG A 52 8.84 10.25 -31.56
C ARG A 52 7.77 9.67 -30.63
N TYR A 53 6.98 10.57 -30.08
CA TYR A 53 5.89 10.23 -29.20
C TYR A 53 4.65 9.75 -29.98
N ARG A 54 4.82 8.63 -30.69
CA ARG A 54 3.79 8.01 -31.54
C ARG A 54 2.98 6.95 -30.77
N PRO A 55 1.65 7.14 -30.67
CA PRO A 55 0.81 6.16 -30.02
C PRO A 55 0.25 5.15 -31.00
N ASP A 56 0.10 3.91 -30.54
CA ASP A 56 -0.52 2.84 -31.32
C ASP A 56 -2.01 3.09 -31.53
N LEU A 57 -2.68 3.48 -30.43
CA LEU A 57 -4.11 3.80 -30.41
C LEU A 57 -4.44 5.22 -29.85
N ILE A 58 -5.27 5.96 -30.58
CA ILE A 58 -5.82 7.25 -30.13
C ILE A 58 -7.30 7.16 -29.82
N LEU A 59 -7.68 7.42 -28.55
CA LEU A 59 -9.10 7.53 -28.13
C LEU A 59 -9.50 8.98 -27.90
N SER A 60 -10.50 9.44 -28.63
CA SER A 60 -10.85 10.87 -28.64
C SER A 60 -12.35 11.05 -28.45
N SER A 61 -12.72 12.16 -27.80
N SER A 61 -12.72 12.15 -27.79
CA SER A 61 -14.06 12.72 -27.89
CA SER A 61 -14.07 12.65 -27.89
C SER A 61 -14.49 12.84 -29.36
C SER A 61 -14.50 12.80 -29.36
N THR A 62 -15.79 12.73 -29.56
CA THR A 62 -16.36 12.97 -30.83
C THR A 62 -16.54 14.47 -31.03
N ALA A 63 -16.38 15.29 -29.96
CA ALA A 63 -16.69 16.74 -30.08
C ALA A 63 -15.79 17.36 -31.15
N ALA A 64 -16.37 18.11 -32.07
CA ALA A 64 -15.58 18.65 -33.15
C ALA A 64 -14.16 19.11 -32.66
N ARG A 65 -14.08 19.95 -31.61
CA ARG A 65 -12.79 20.46 -31.14
C ARG A 65 -11.79 19.37 -30.78
N CYS A 66 -12.27 18.15 -30.58
CA CYS A 66 -11.37 17.07 -30.20
C CYS A 66 -11.00 16.41 -31.47
N ARG A 67 -11.99 16.27 -32.32
CA ARG A 67 -11.83 15.70 -33.62
C ARG A 67 -10.73 16.41 -34.44
N GLN A 68 -10.83 17.75 -34.55
CA GLN A 68 -9.87 18.59 -35.25
C GLN A 68 -8.51 18.50 -34.52
N THR A 69 -8.53 18.59 -33.18
CA THR A 69 -7.26 18.39 -32.44
C THR A 69 -6.57 17.11 -32.98
N THR A 70 -7.28 15.97 -32.99
CA THR A 70 -6.79 14.63 -33.43
C THR A 70 -6.27 14.62 -34.88
N GLN A 71 -7.04 15.22 -35.81
CA GLN A 71 -6.61 15.47 -37.17
C GLN A 71 -5.23 16.16 -37.29
N ALA A 72 -4.87 16.99 -36.33
CA ALA A 72 -3.50 17.53 -36.38
C ALA A 72 -2.46 16.42 -36.25
N TRP A 73 -2.61 15.54 -35.27
CA TRP A 73 -1.75 14.36 -35.07
C TRP A 73 -1.62 13.38 -36.24
N GLN A 74 -2.73 13.02 -36.89
CA GLN A 74 -2.70 12.26 -38.15
C GLN A 74 -1.76 12.87 -39.17
N ARG A 75 -1.70 14.21 -39.18
CA ARG A 75 -0.90 15.04 -40.06
C ARG A 75 0.56 14.95 -39.71
N ALA A 76 0.89 15.21 -38.45
CA ALA A 76 2.26 15.17 -37.97
C ALA A 76 2.90 13.83 -38.29
N PHE A 77 2.08 12.78 -38.27
CA PHE A 77 2.60 11.41 -38.23
C PHE A 77 2.23 10.65 -39.50
N ASN A 78 1.24 11.16 -40.23
CA ASN A 78 0.93 10.66 -41.56
C ASN A 78 1.48 11.58 -42.66
N ILE A 81 -1.84 5.67 -37.36
CA ILE A 81 -2.36 5.48 -36.02
C ILE A 81 -3.80 4.99 -36.01
N ASP A 82 -4.10 4.06 -35.13
CA ASP A 82 -5.45 3.69 -34.80
C ASP A 82 -6.19 4.73 -34.06
N ILE A 83 -7.34 5.12 -34.55
CA ILE A 83 -8.13 6.13 -33.83
C ILE A 83 -9.61 5.75 -33.68
N VAL A 84 -10.10 5.90 -32.47
CA VAL A 84 -11.50 5.62 -32.18
C VAL A 84 -12.20 6.78 -31.46
N TYR A 85 -13.43 7.00 -31.90
CA TYR A 85 -14.25 8.06 -31.40
C TYR A 85 -15.39 7.60 -30.48
N ILE A 86 -15.48 8.27 -29.34
CA ILE A 86 -16.23 7.82 -28.22
C ILE A 86 -16.96 9.02 -27.71
N ASP A 87 -18.25 9.10 -28.02
CA ASP A 87 -19.12 10.23 -27.64
C ASP A 87 -19.08 10.47 -26.13
N GLU A 88 -19.01 9.38 -25.37
CA GLU A 88 -19.01 9.41 -23.89
C GLU A 88 -17.73 10.01 -23.24
N MSE A 89 -16.79 10.43 -24.08
CA MSE A 89 -15.64 11.20 -23.63
C MSE A 89 -15.97 12.68 -23.57
O MSE A 89 -15.22 13.47 -22.98
CB MSE A 89 -14.45 10.95 -24.55
CG MSE A 89 -13.61 9.73 -24.18
SE MSE A 89 -11.98 9.59 -25.24
CE MSE A 89 -10.78 10.60 -24.08
N TYR A 90 -17.08 13.06 -24.20
CA TYR A 90 -17.60 14.42 -24.06
C TYR A 90 -18.68 14.49 -22.97
N ASN A 91 -18.53 15.45 -22.06
CA ASN A 91 -19.37 15.51 -20.87
C ASN A 91 -19.46 14.16 -20.15
N ALA A 92 -18.31 13.66 -19.70
CA ALA A 92 -18.22 12.31 -19.17
C ALA A 92 -18.93 12.22 -17.82
N ARG A 93 -19.58 11.07 -17.58
CA ARG A 93 -20.09 10.73 -16.27
C ARG A 93 -19.04 10.47 -15.23
N SER A 94 -17.83 10.23 -15.68
CA SER A 94 -16.78 9.79 -14.79
C SER A 94 -15.88 10.95 -14.43
N GLU A 95 -15.21 10.84 -13.28
CA GLU A 95 -14.27 11.88 -12.92
C GLU A 95 -12.98 11.73 -13.72
N THR A 96 -12.75 10.53 -14.23
CA THR A 96 -11.51 10.25 -14.97
C THR A 96 -11.68 9.45 -16.28
N TYR A 97 -10.58 9.29 -16.99
CA TYR A 97 -10.58 8.44 -18.15
C TYR A 97 -9.80 7.14 -17.88
N LEU A 98 -9.49 6.88 -16.62
CA LEU A 98 -8.64 5.73 -16.23
C LEU A 98 -9.07 4.32 -16.78
N SER A 99 -10.36 4.12 -16.90
CA SER A 99 -10.90 2.88 -17.39
C SER A 99 -10.66 2.70 -18.89
N LEU A 100 -10.74 3.77 -19.65
CA LEU A 100 -10.32 3.72 -21.06
C LEU A 100 -8.86 3.28 -21.28
N ILE A 101 -8.01 3.75 -20.39
CA ILE A 101 -6.62 3.40 -20.36
C ILE A 101 -6.35 1.94 -20.05
N ALA A 102 -6.74 1.47 -18.86
CA ALA A 102 -6.41 0.12 -18.37
C ALA A 102 -7.06 -0.99 -19.19
N ALA A 103 -8.28 -0.70 -19.65
CA ALA A 103 -9.01 -1.57 -20.59
C ALA A 103 -8.18 -2.09 -21.78
N GLN A 104 -7.21 -1.34 -22.25
CA GLN A 104 -6.51 -1.66 -23.48
C GLN A 104 -5.31 -2.57 -23.17
N THR A 105 -5.64 -3.82 -22.88
CA THR A 105 -4.76 -4.81 -22.28
C THR A 105 -3.57 -5.31 -23.13
N GLU A 106 -3.68 -5.19 -24.45
CA GLU A 106 -2.60 -5.51 -25.39
C GLU A 106 -2.34 -4.42 -26.46
N VAL A 107 -2.30 -3.16 -26.04
CA VAL A 107 -1.85 -2.05 -26.86
C VAL A 107 -0.75 -1.39 -26.06
N GLN A 108 0.43 -1.26 -26.65
CA GLN A 108 1.63 -0.84 -25.94
C GLN A 108 1.57 0.62 -25.47
N SER A 109 1.18 1.52 -26.37
CA SER A 109 1.00 2.94 -26.05
C SER A 109 -0.33 3.54 -26.50
N VAL A 110 -0.92 4.32 -25.62
CA VAL A 110 -2.25 4.83 -25.87
C VAL A 110 -2.38 6.30 -25.47
N MSE A 111 -3.11 7.01 -26.32
CA MSE A 111 -3.30 8.42 -26.16
C MSE A 111 -4.78 8.73 -26.07
O MSE A 111 -5.58 8.32 -26.92
CB MSE A 111 -2.72 9.19 -27.33
CG MSE A 111 -3.12 10.63 -27.30
SE MSE A 111 -1.99 11.73 -28.37
CE MSE A 111 -3.07 11.91 -30.03
N LEU A 112 -5.13 9.49 -25.05
CA LEU A 112 -6.49 9.95 -24.90
C LEU A 112 -6.60 11.40 -25.34
N VAL A 113 -7.65 11.74 -26.07
CA VAL A 113 -7.95 13.13 -26.49
C VAL A 113 -9.37 13.55 -25.99
N GLY A 114 -9.39 14.29 -24.89
CA GLY A 114 -10.66 14.76 -24.30
C GLY A 114 -10.47 16.08 -23.57
N HIS A 115 -11.27 16.28 -22.52
CA HIS A 115 -11.52 17.61 -21.96
C HIS A 115 -11.27 17.66 -20.46
N ASN A 116 -10.95 18.86 -19.98
CA ASN A 116 -11.02 19.24 -18.57
C ASN A 116 -12.47 19.24 -18.06
N PRO A 117 -12.71 18.96 -16.76
CA PRO A 117 -11.84 18.58 -15.66
C PRO A 117 -11.36 17.14 -15.75
N THR A 118 -12.06 16.32 -16.54
CA THR A 118 -11.71 14.91 -16.64
C THR A 118 -10.25 14.63 -17.00
N MSE A 119 -9.68 15.40 -17.91
CA MSE A 119 -8.28 15.20 -18.31
C MSE A 119 -7.32 15.48 -17.15
O MSE A 119 -6.50 14.62 -16.80
CB MSE A 119 -7.94 16.05 -19.57
CG MSE A 119 -6.68 15.57 -20.36
SE MSE A 119 -6.60 13.64 -20.88
CE MSE A 119 -8.12 13.58 -22.13
N GLU A 120 -7.44 16.67 -16.55
CA GLU A 120 -6.68 17.04 -15.33
C GLU A 120 -6.88 16.02 -14.21
N ALA A 121 -8.11 15.55 -14.00
CA ALA A 121 -8.37 14.53 -12.97
C ALA A 121 -7.65 13.19 -13.20
N THR A 122 -7.62 12.76 -14.44
CA THR A 122 -6.88 11.60 -14.86
C THR A 122 -5.38 11.66 -14.57
N LEU A 123 -4.75 12.79 -14.88
CA LEU A 123 -3.32 12.91 -14.58
C LEU A 123 -3.13 12.90 -13.10
N GLU A 124 -4.00 13.63 -12.37
CA GLU A 124 -3.94 13.70 -10.93
C GLU A 124 -4.00 12.28 -10.34
N ALA A 125 -4.98 11.49 -10.81
CA ALA A 125 -5.18 10.09 -10.38
C ALA A 125 -3.93 9.26 -10.46
N MSE A 126 -3.09 9.57 -11.45
CA MSE A 126 -1.89 8.82 -11.79
C MSE A 126 -0.60 9.32 -11.11
O MSE A 126 0.23 8.51 -10.76
CB MSE A 126 -1.69 8.79 -13.31
CG MSE A 126 -2.84 8.27 -14.17
SE MSE A 126 -2.57 8.62 -16.14
CE MSE A 126 -4.21 7.79 -16.71
N ILE A 127 -0.41 10.62 -10.97
CA ILE A 127 0.84 11.19 -10.42
C ILE A 127 0.63 11.95 -9.09
N GLY A 128 -0.62 12.16 -8.70
CA GLY A 128 -0.95 12.74 -7.41
C GLY A 128 -1.08 14.24 -7.50
N GLU A 129 -1.82 14.83 -6.58
CA GLU A 129 -1.96 16.30 -6.52
C GLU A 129 -0.63 17.10 -6.33
N ASP A 130 0.27 16.64 -5.46
CA ASP A 130 1.53 17.34 -5.20
C ASP A 130 2.39 17.51 -6.45
N LEU A 131 2.50 16.44 -7.23
CA LEU A 131 3.27 16.49 -8.47
C LEU A 131 2.58 17.23 -9.58
N LEU A 132 1.29 16.94 -9.75
CA LEU A 132 0.44 17.78 -10.58
C LEU A 132 0.74 19.27 -10.35
N HIS A 133 0.57 19.74 -9.12
CA HIS A 133 0.90 21.13 -8.73
C HIS A 133 2.31 21.62 -9.16
N ALA A 134 3.35 20.87 -8.82
CA ALA A 134 4.74 21.17 -9.17
C ALA A 134 4.98 21.23 -10.68
N ALA A 135 4.18 20.50 -11.45
CA ALA A 135 4.35 20.44 -12.88
C ALA A 135 3.51 21.54 -13.53
N LEU A 136 2.30 21.70 -13.02
CA LEU A 136 1.36 22.65 -13.55
C LEU A 136 0.82 23.55 -12.43
N PRO A 137 1.44 24.73 -12.24
CA PRO A 137 0.90 25.71 -11.28
C PRO A 137 -0.51 26.21 -11.67
N SER A 138 -0.75 26.39 -12.96
CA SER A 138 -2.04 26.90 -13.43
C SER A 138 -2.94 25.86 -14.13
N GLY A 139 -2.70 24.58 -13.88
CA GLY A 139 -3.58 23.54 -14.39
C GLY A 139 -3.20 22.98 -15.74
N PHE A 140 -4.07 22.15 -16.30
CA PHE A 140 -3.80 21.36 -17.51
C PHE A 140 -4.30 22.13 -18.76
N PRO A 141 -3.38 22.78 -19.49
CA PRO A 141 -3.68 23.68 -20.59
C PRO A 141 -4.18 22.98 -21.89
N THR A 142 -4.72 23.77 -22.82
CA THR A 142 -5.19 23.27 -24.10
C THR A 142 -4.04 22.84 -24.97
N SER A 143 -4.21 21.71 -25.64
CA SER A 143 -3.12 21.02 -26.36
C SER A 143 -1.87 20.73 -25.54
N GLY A 144 -2.06 20.59 -24.21
CA GLY A 144 -1.03 20.12 -23.27
C GLY A 144 -0.93 18.59 -23.36
N LEU A 145 0.29 18.08 -23.46
CA LEU A 145 0.52 16.62 -23.57
C LEU A 145 1.42 16.05 -22.46
N ALA A 146 0.80 15.27 -21.58
CA ALA A 146 1.48 14.51 -20.58
C ALA A 146 1.90 13.19 -21.20
N VAL A 147 3.16 12.84 -20.97
CA VAL A 147 3.76 11.55 -21.38
C VAL A 147 4.12 10.75 -20.12
N LEU A 148 3.47 9.61 -19.95
CA LEU A 148 3.58 8.84 -18.73
C LEU A 148 4.08 7.42 -18.97
N ASP A 149 4.91 6.94 -18.05
CA ASP A 149 5.44 5.59 -18.09
C ASP A 149 5.25 4.91 -16.74
N GLN A 150 5.23 3.58 -16.80
CA GLN A 150 5.29 2.70 -15.63
C GLN A 150 6.71 2.60 -15.04
N ASN A 159 3.89 -0.92 -10.38
CA ASN A 159 3.52 -0.33 -9.09
C ASN A 159 2.91 1.07 -9.21
N ARG A 160 3.49 1.92 -10.05
CA ARG A 160 2.98 3.29 -10.23
C ARG A 160 3.34 3.97 -11.55
N TRP A 161 2.46 4.90 -11.96
CA TRP A 161 2.68 5.79 -13.14
C TRP A 161 3.69 6.92 -12.85
N ARG A 162 4.67 7.10 -13.72
CA ARG A 162 5.62 8.25 -13.57
C ARG A 162 5.43 9.25 -14.72
N LEU A 163 5.31 10.54 -14.41
CA LEU A 163 5.33 11.52 -15.51
C LEU A 163 6.76 11.72 -15.97
N ILE A 164 6.96 11.77 -17.28
CA ILE A 164 8.28 11.57 -17.92
C ILE A 164 8.65 12.77 -18.82
N ASP A 165 7.59 13.48 -19.24
CA ASP A 165 7.63 14.70 -20.05
C ASP A 165 6.24 15.38 -20.11
N PHE A 166 6.23 16.71 -20.28
CA PHE A 166 5.01 17.44 -20.53
C PHE A 166 5.22 18.52 -21.61
N LEU A 167 4.30 18.58 -22.60
CA LEU A 167 4.33 19.63 -23.60
C LEU A 167 3.21 20.67 -23.46
N ALA A 168 3.60 21.94 -23.39
CA ALA A 168 2.68 23.08 -23.41
C ALA A 168 3.16 24.14 -24.42
N PRO A 169 2.23 24.97 -24.94
CA PRO A 169 2.66 26.11 -25.74
C PRO A 169 3.04 27.30 -24.87
N PHE B 7 -20.12 5.26 -44.43
CA PHE B 7 -19.09 4.84 -43.42
C PHE B 7 -19.51 5.02 -41.92
N PRO B 8 -19.48 3.92 -41.14
CA PRO B 8 -19.40 2.51 -41.51
C PRO B 8 -20.55 1.97 -42.40
N THR B 9 -20.18 1.38 -43.54
CA THR B 9 -21.14 0.75 -44.44
C THR B 9 -21.34 -0.73 -44.13
N ARG B 10 -20.34 -1.38 -43.55
CA ARG B 10 -20.61 -2.66 -42.89
C ARG B 10 -20.63 -2.64 -41.35
N VAL B 11 -21.69 -3.23 -40.80
CA VAL B 11 -21.86 -3.45 -39.36
C VAL B 11 -22.09 -4.92 -38.96
N TYR B 12 -21.37 -5.36 -37.93
CA TYR B 12 -21.51 -6.69 -37.35
C TYR B 12 -22.01 -6.57 -35.91
N LEU B 13 -23.16 -7.16 -35.58
CA LEU B 13 -23.54 -7.26 -34.15
C LEU B 13 -23.23 -8.63 -33.49
N LEU B 14 -22.32 -8.66 -32.50
CA LEU B 14 -21.99 -9.92 -31.83
C LEU B 14 -22.33 -9.92 -30.33
N ARG B 15 -23.23 -10.81 -29.90
CA ARG B 15 -23.48 -10.92 -28.48
C ARG B 15 -22.48 -11.94 -27.89
N HIS B 16 -22.02 -11.69 -26.65
CA HIS B 16 -21.18 -12.68 -25.93
C HIS B 16 -21.74 -14.11 -25.99
N ALA B 17 -20.82 -15.06 -25.92
CA ALA B 17 -21.08 -16.45 -26.10
C ALA B 17 -21.56 -17.02 -24.74
N LYS B 18 -21.89 -18.31 -24.65
CA LYS B 18 -22.48 -18.77 -23.38
C LYS B 18 -21.65 -18.57 -22.10
N ALA B 19 -22.22 -17.81 -21.14
CA ALA B 19 -21.59 -17.51 -19.85
C ALA B 19 -21.83 -18.50 -18.66
N ALA B 20 -20.86 -18.53 -17.75
CA ALA B 20 -20.99 -19.19 -16.44
C ALA B 20 -22.19 -18.61 -15.62
N TRP B 21 -22.66 -19.40 -14.67
CA TRP B 21 -23.67 -18.94 -13.71
C TRP B 21 -23.03 -18.05 -12.65
N ALA B 22 -23.82 -17.14 -12.09
CA ALA B 22 -23.31 -16.13 -11.19
C ALA B 22 -22.80 -16.75 -9.89
N ALA B 23 -21.69 -16.22 -9.38
CA ALA B 23 -21.04 -16.78 -8.20
C ALA B 23 -21.24 -15.90 -6.98
N PRO B 24 -21.83 -16.47 -5.93
CA PRO B 24 -21.95 -15.78 -4.64
C PRO B 24 -20.67 -15.04 -4.28
N GLY B 25 -20.76 -13.72 -4.12
CA GLY B 25 -19.63 -12.93 -3.70
C GLY B 25 -18.92 -12.26 -4.87
N GLU B 26 -18.87 -12.96 -6.00
N GLU B 26 -18.77 -13.03 -5.94
CA GLU B 26 -17.92 -12.64 -7.05
CA GLU B 26 -17.92 -12.66 -7.06
C GLU B 26 -18.53 -11.66 -8.06
C GLU B 26 -18.50 -11.55 -7.95
N ARG B 27 -17.66 -11.00 -8.82
CA ARG B 27 -18.08 -9.84 -9.63
C ARG B 27 -18.67 -10.22 -10.94
N ASP B 28 -19.88 -9.74 -11.24
CA ASP B 28 -20.59 -10.07 -12.48
C ASP B 28 -19.79 -9.70 -13.72
N PHE B 29 -19.19 -8.52 -13.66
CA PHE B 29 -18.09 -8.08 -14.51
C PHE B 29 -17.09 -9.18 -14.95
N ASP B 30 -16.79 -10.11 -14.02
CA ASP B 30 -15.72 -11.08 -14.12
C ASP B 30 -16.28 -12.45 -14.44
N ARG B 31 -17.60 -12.48 -14.61
CA ARG B 31 -18.29 -13.70 -14.97
C ARG B 31 -17.97 -13.95 -16.43
N GLY B 32 -17.23 -15.01 -16.71
CA GLY B 32 -16.73 -15.30 -18.05
C GLY B 32 -17.45 -16.43 -18.77
N LEU B 33 -16.86 -16.91 -19.86
CA LEU B 33 -17.47 -18.07 -20.58
C LEU B 33 -17.30 -19.31 -19.78
N ASN B 34 -18.20 -20.25 -20.04
CA ASN B 34 -18.07 -21.61 -19.56
C ASN B 34 -17.49 -22.36 -20.73
N GLU B 35 -17.24 -23.66 -20.57
CA GLU B 35 -16.76 -24.52 -21.64
C GLU B 35 -17.63 -24.42 -22.87
N ALA B 36 -18.94 -24.51 -22.72
CA ALA B 36 -19.83 -24.50 -23.88
C ALA B 36 -19.58 -23.25 -24.68
N GLY B 37 -19.61 -22.10 -23.94
CA GLY B 37 -19.37 -20.75 -24.42
C GLY B 37 -18.08 -20.59 -25.18
N PHE B 38 -16.95 -20.97 -24.57
CA PHE B 38 -15.66 -20.97 -25.29
C PHE B 38 -15.72 -21.74 -26.61
N ALA B 39 -16.60 -22.73 -26.65
CA ALA B 39 -16.75 -23.59 -27.81
C ALA B 39 -17.48 -22.92 -28.96
N GLU B 40 -18.65 -22.36 -28.66
CA GLU B 40 -19.42 -21.63 -29.66
C GLU B 40 -18.81 -20.30 -30.07
N ALA B 41 -17.93 -19.73 -29.27
CA ALA B 41 -17.16 -18.57 -29.74
C ALA B 41 -16.20 -18.98 -30.87
N GLU B 42 -15.41 -20.03 -30.61
CA GLU B 42 -14.48 -20.59 -31.59
C GLU B 42 -15.19 -20.98 -32.90
N ILE B 43 -16.37 -21.56 -32.81
CA ILE B 43 -17.04 -22.02 -34.01
C ILE B 43 -17.51 -20.85 -34.85
N ILE B 44 -18.18 -19.91 -34.24
CA ILE B 44 -18.68 -18.74 -34.95
C ILE B 44 -17.48 -17.94 -35.50
N ALA B 45 -16.43 -17.83 -34.70
CA ALA B 45 -15.20 -17.21 -35.14
C ALA B 45 -14.71 -17.76 -36.49
N ASP B 46 -14.66 -19.09 -36.64
CA ASP B 46 -14.19 -19.78 -37.87
C ASP B 46 -15.19 -19.78 -39.00
N LEU B 47 -16.47 -19.98 -38.66
CA LEU B 47 -17.54 -19.74 -39.64
C LEU B 47 -17.45 -18.30 -40.25
N ALA B 48 -17.33 -17.29 -39.38
CA ALA B 48 -17.15 -15.89 -39.81
C ALA B 48 -15.90 -15.67 -40.68
N ALA B 49 -14.78 -16.28 -40.29
CA ALA B 49 -13.56 -16.14 -41.04
C ALA B 49 -13.62 -16.96 -42.35
N ASP B 50 -14.20 -18.16 -42.27
CA ASP B 50 -14.75 -18.92 -43.43
C ASP B 50 -15.33 -17.96 -44.45
N ARG B 51 -16.20 -17.07 -43.97
CA ARG B 51 -17.02 -16.22 -44.82
C ARG B 51 -16.46 -14.81 -44.98
N ARG B 52 -15.25 -14.62 -44.46
CA ARG B 52 -14.48 -13.39 -44.66
C ARG B 52 -15.25 -12.15 -44.14
N TYR B 53 -16.06 -12.38 -43.10
CA TYR B 53 -16.63 -11.32 -42.28
C TYR B 53 -15.57 -10.85 -41.32
N ARG B 54 -14.69 -10.01 -41.84
CA ARG B 54 -13.58 -9.50 -41.10
C ARG B 54 -13.68 -7.97 -40.85
N PRO B 55 -13.76 -7.57 -39.57
CA PRO B 55 -13.96 -6.14 -39.35
C PRO B 55 -12.65 -5.36 -39.32
N ASP B 56 -12.71 -4.10 -39.68
CA ASP B 56 -11.58 -3.24 -39.47
C ASP B 56 -11.47 -3.12 -37.96
N LEU B 57 -12.59 -2.82 -37.33
CA LEU B 57 -12.59 -2.43 -35.95
C LEU B 57 -13.58 -3.25 -35.18
N ILE B 58 -13.12 -3.75 -34.05
CA ILE B 58 -13.95 -4.29 -32.99
C ILE B 58 -13.95 -3.45 -31.72
N LEU B 59 -15.14 -2.96 -31.37
CA LEU B 59 -15.41 -2.40 -30.08
C LEU B 59 -16.19 -3.38 -29.21
N SER B 60 -15.54 -3.74 -28.11
CA SER B 60 -15.99 -4.80 -27.30
C SER B 60 -16.19 -4.32 -25.86
N SER B 61 -17.24 -4.87 -25.23
CA SER B 61 -17.43 -4.62 -23.83
C SER B 61 -16.21 -5.21 -23.16
N THR B 62 -16.16 -4.94 -21.90
CA THR B 62 -15.04 -5.17 -21.05
C THR B 62 -15.38 -6.33 -20.07
N ALA B 63 -16.66 -6.66 -19.95
CA ALA B 63 -17.12 -7.84 -19.17
C ALA B 63 -16.28 -9.04 -19.58
N ALA B 64 -15.88 -9.88 -18.62
CA ALA B 64 -15.08 -11.08 -18.95
C ALA B 64 -15.57 -11.85 -20.20
N ARG B 65 -16.86 -12.15 -20.26
CA ARG B 65 -17.43 -12.97 -21.32
C ARG B 65 -17.36 -12.38 -22.74
N CYS B 66 -17.35 -11.04 -22.83
CA CYS B 66 -17.17 -10.33 -24.10
C CYS B 66 -15.72 -10.34 -24.59
N ARG B 67 -14.77 -10.03 -23.68
CA ARG B 67 -13.32 -10.20 -23.88
C ARG B 67 -12.94 -11.59 -24.39
N GLN B 68 -13.42 -12.64 -23.71
CA GLN B 68 -13.17 -14.04 -24.08
C GLN B 68 -13.86 -14.40 -25.35
N THR B 69 -15.07 -13.88 -25.56
CA THR B 69 -15.71 -13.95 -26.90
C THR B 69 -14.83 -13.32 -27.95
N THR B 70 -14.29 -12.14 -27.64
CA THR B 70 -13.52 -11.32 -28.58
C THR B 70 -12.16 -12.02 -28.79
N GLN B 71 -11.63 -12.66 -27.74
CA GLN B 71 -10.30 -13.27 -27.83
C GLN B 71 -10.34 -14.31 -28.90
N ALA B 72 -11.54 -14.81 -29.17
CA ALA B 72 -11.78 -15.87 -30.11
C ALA B 72 -11.67 -15.47 -31.58
N TRP B 73 -12.21 -14.30 -31.91
CA TRP B 73 -12.04 -13.66 -33.21
C TRP B 73 -10.62 -13.22 -33.50
N GLN B 74 -9.89 -12.83 -32.46
CA GLN B 74 -8.43 -12.76 -32.51
C GLN B 74 -7.67 -14.02 -33.03
N ARG B 75 -8.19 -15.20 -32.79
CA ARG B 75 -7.48 -16.39 -33.22
C ARG B 75 -7.92 -16.93 -34.59
N ALA B 76 -9.19 -16.69 -34.92
CA ALA B 76 -9.70 -17.08 -36.21
C ALA B 76 -9.17 -16.14 -37.32
N PHE B 77 -8.60 -14.99 -36.93
CA PHE B 77 -8.11 -14.01 -37.90
C PHE B 77 -6.60 -13.77 -37.94
N ASN B 78 -5.86 -14.14 -36.90
CA ASN B 78 -4.38 -14.17 -36.96
C ASN B 78 -3.77 -12.85 -37.48
N GLY B 80 -4.32 -9.72 -36.56
CA GLY B 80 -4.02 -8.50 -37.31
C GLY B 80 -4.96 -7.34 -36.99
N ILE B 81 -6.18 -7.67 -36.55
CA ILE B 81 -7.23 -6.68 -36.39
C ILE B 81 -7.03 -5.63 -35.27
N ASP B 82 -7.93 -4.66 -35.29
CA ASP B 82 -7.89 -3.51 -34.43
C ASP B 82 -9.03 -3.64 -33.41
N ILE B 83 -8.64 -3.78 -32.14
CA ILE B 83 -9.53 -4.16 -31.04
C ILE B 83 -9.54 -3.14 -29.89
N VAL B 84 -10.70 -2.49 -29.68
CA VAL B 84 -10.85 -1.56 -28.53
C VAL B 84 -11.93 -1.95 -27.48
N TYR B 85 -11.54 -1.83 -26.22
CA TYR B 85 -12.36 -2.20 -25.06
C TYR B 85 -12.95 -1.01 -24.32
N ILE B 86 -14.27 -0.94 -24.30
CA ILE B 86 -14.97 0.17 -23.61
C ILE B 86 -15.83 -0.32 -22.42
N ASP B 87 -15.44 0.06 -21.22
CA ASP B 87 -16.18 -0.24 -20.00
C ASP B 87 -17.67 0.12 -20.12
N GLU B 88 -17.99 1.20 -20.84
CA GLU B 88 -19.37 1.74 -20.92
C GLU B 88 -20.37 0.96 -21.81
N MSE B 89 -19.85 0.02 -22.59
CA MSE B 89 -20.69 -0.97 -23.28
C MSE B 89 -21.25 -1.99 -22.30
O MSE B 89 -22.25 -2.66 -22.59
CB MSE B 89 -19.90 -1.66 -24.38
CG MSE B 89 -19.56 -0.78 -25.57
SE MSE B 89 -18.51 -1.71 -26.92
CE MSE B 89 -19.93 -2.76 -27.74
N TYR B 90 -20.62 -2.11 -21.14
CA TYR B 90 -21.19 -2.85 -20.03
C TYR B 90 -22.34 -2.10 -19.38
N ASN B 91 -23.52 -2.70 -19.40
CA ASN B 91 -24.72 -2.03 -18.91
C ASN B 91 -25.07 -0.79 -19.73
N ALA B 92 -25.45 -1.00 -20.99
CA ALA B 92 -25.75 0.10 -21.89
C ALA B 92 -27.16 -0.02 -22.45
N ARG B 93 -27.66 1.07 -23.02
CA ARG B 93 -28.88 1.03 -23.84
C ARG B 93 -28.55 0.92 -25.32
N SER B 94 -29.53 1.05 -26.17
CA SER B 94 -29.24 0.89 -27.57
C SER B 94 -28.64 2.06 -28.20
N GLU B 95 -29.03 3.22 -27.71
CA GLU B 95 -28.33 4.49 -27.98
C GLU B 95 -26.80 4.51 -27.84
N THR B 96 -26.25 3.78 -26.86
CA THR B 96 -24.81 3.75 -26.61
C THR B 96 -24.10 3.06 -27.78
N TYR B 97 -24.60 1.90 -28.19
CA TYR B 97 -24.05 1.15 -29.33
C TYR B 97 -24.17 1.87 -30.66
N LEU B 98 -25.36 2.40 -30.95
CA LEU B 98 -25.59 3.15 -32.19
C LEU B 98 -24.63 4.33 -32.32
N SER B 99 -24.51 5.13 -31.27
CA SER B 99 -23.55 6.24 -31.23
C SER B 99 -22.09 5.81 -31.47
N LEU B 100 -21.74 4.58 -31.08
CA LEU B 100 -20.38 4.06 -31.23
C LEU B 100 -20.12 3.62 -32.65
N ILE B 101 -21.21 3.16 -33.28
CA ILE B 101 -21.16 2.82 -34.66
C ILE B 101 -20.86 4.11 -35.44
N ALA B 102 -21.79 5.06 -35.36
CA ALA B 102 -21.82 6.26 -36.18
C ALA B 102 -20.59 7.12 -36.00
N ALA B 103 -19.90 6.96 -34.85
CA ALA B 103 -18.71 7.78 -34.52
C ALA B 103 -17.48 7.52 -35.40
N GLN B 104 -17.39 6.29 -35.89
CA GLN B 104 -16.22 5.79 -36.60
C GLN B 104 -16.39 6.02 -38.09
N THR B 105 -16.26 7.30 -38.47
CA THR B 105 -16.63 7.83 -39.75
C THR B 105 -15.61 7.56 -40.81
N GLU B 106 -14.37 7.26 -40.41
N GLU B 106 -14.41 7.18 -40.37
CA GLU B 106 -13.42 6.71 -41.39
CA GLU B 106 -13.39 6.74 -41.32
C GLU B 106 -13.05 5.22 -41.21
C GLU B 106 -13.14 5.21 -41.39
N VAL B 107 -14.05 4.40 -40.83
CA VAL B 107 -13.88 2.93 -40.77
C VAL B 107 -14.94 2.29 -41.66
N GLN B 108 -14.53 1.40 -42.53
CA GLN B 108 -15.47 0.90 -43.54
C GLN B 108 -16.46 -0.07 -42.86
N SER B 109 -15.93 -0.95 -42.01
CA SER B 109 -16.68 -2.00 -41.28
C SER B 109 -16.32 -2.12 -39.76
N VAL B 110 -17.35 -2.23 -38.94
CA VAL B 110 -17.20 -2.23 -37.49
C VAL B 110 -18.01 -3.36 -36.88
N MSE B 111 -17.41 -3.99 -35.86
CA MSE B 111 -18.10 -4.96 -35.00
C MSE B 111 -18.35 -4.56 -33.53
O MSE B 111 -17.42 -4.16 -32.85
CB MSE B 111 -17.28 -6.24 -35.01
CG MSE B 111 -17.74 -7.18 -33.93
SE MSE B 111 -17.47 -9.00 -34.45
CE MSE B 111 -15.82 -9.39 -33.49
N LEU B 112 -19.58 -4.70 -33.04
CA LEU B 112 -19.81 -4.56 -31.58
C LEU B 112 -19.99 -5.90 -30.97
N VAL B 113 -19.26 -6.11 -29.88
CA VAL B 113 -19.34 -7.29 -29.04
C VAL B 113 -19.94 -6.86 -27.72
N GLY B 114 -21.12 -7.38 -27.42
CA GLY B 114 -21.91 -6.84 -26.36
C GLY B 114 -22.96 -7.70 -25.69
N HIS B 115 -23.80 -7.01 -24.90
CA HIS B 115 -24.88 -7.66 -24.12
C HIS B 115 -26.29 -7.41 -24.62
N ASN B 116 -27.16 -8.35 -24.31
CA ASN B 116 -28.60 -8.10 -24.41
C ASN B 116 -29.00 -7.27 -23.21
N PRO B 117 -30.10 -6.50 -23.32
CA PRO B 117 -30.96 -6.43 -24.49
C PRO B 117 -30.42 -5.42 -25.48
N THR B 118 -29.25 -4.84 -25.19
CA THR B 118 -28.70 -3.71 -25.92
C THR B 118 -28.40 -4.10 -27.33
N MSE B 119 -27.70 -5.22 -27.50
CA MSE B 119 -27.46 -5.77 -28.82
C MSE B 119 -28.78 -5.91 -29.54
O MSE B 119 -28.92 -5.49 -30.71
CB MSE B 119 -26.83 -7.17 -28.74
CG MSE B 119 -25.96 -7.52 -29.97
SE MSE B 119 -24.66 -6.06 -30.24
CE MSE B 119 -23.37 -6.51 -28.89
N GLU B 120 -29.74 -6.54 -28.87
CA GLU B 120 -30.95 -6.93 -29.58
C GLU B 120 -31.73 -5.68 -30.00
N ALA B 121 -31.81 -4.69 -29.11
CA ALA B 121 -32.45 -3.42 -29.42
C ALA B 121 -31.67 -2.50 -30.40
N THR B 122 -30.35 -2.68 -30.49
CA THR B 122 -29.52 -1.99 -31.46
C THR B 122 -29.94 -2.42 -32.85
N LEU B 123 -30.05 -3.74 -33.02
CA LEU B 123 -30.48 -4.36 -34.25
C LEU B 123 -31.92 -4.03 -34.64
N GLU B 124 -32.78 -3.94 -33.62
CA GLU B 124 -34.17 -3.55 -33.82
C GLU B 124 -34.28 -2.11 -34.30
N ALA B 125 -33.37 -1.24 -33.86
CA ALA B 125 -33.33 0.15 -34.34
C ALA B 125 -32.71 0.29 -35.75
N MSE B 126 -32.21 -0.82 -36.28
CA MSE B 126 -31.57 -0.81 -37.56
C MSE B 126 -32.47 -1.44 -38.59
O MSE B 126 -32.63 -0.84 -39.66
CB MSE B 126 -30.18 -1.45 -37.51
CG MSE B 126 -29.17 -0.69 -36.62
SE MSE B 126 -27.49 -1.65 -36.45
CE MSE B 126 -26.82 -1.10 -34.75
N ILE B 127 -33.05 -2.60 -38.28
CA ILE B 127 -33.92 -3.31 -39.25
C ILE B 127 -35.43 -3.19 -39.00
N GLY B 128 -35.82 -2.91 -37.75
CA GLY B 128 -37.22 -2.88 -37.33
C GLY B 128 -37.57 -4.16 -36.60
N GLU B 129 -38.74 -4.17 -35.96
N GLU B 129 -38.73 -4.17 -35.95
CA GLU B 129 -39.17 -5.31 -35.15
CA GLU B 129 -39.17 -5.33 -35.16
C GLU B 129 -39.69 -6.46 -36.02
C GLU B 129 -39.68 -6.47 -36.02
N ASP B 130 -40.38 -6.10 -37.10
CA ASP B 130 -40.80 -7.05 -38.12
C ASP B 130 -39.62 -7.86 -38.60
N LEU B 131 -38.62 -7.20 -39.18
CA LEU B 131 -37.46 -7.94 -39.67
C LEU B 131 -36.79 -8.72 -38.54
N LEU B 132 -36.81 -8.16 -37.33
CA LEU B 132 -36.22 -8.80 -36.18
C LEU B 132 -36.89 -10.13 -35.85
N HIS B 133 -38.18 -10.17 -35.59
N HIS B 133 -38.21 -10.13 -35.61
CA HIS B 133 -38.80 -11.45 -35.24
CA HIS B 133 -38.98 -11.35 -35.30
C HIS B 133 -39.04 -12.41 -36.44
C HIS B 133 -38.99 -12.37 -36.43
N ALA B 134 -39.07 -11.88 -37.66
CA ALA B 134 -38.98 -12.74 -38.83
C ALA B 134 -37.62 -13.43 -38.76
N ALA B 135 -36.54 -12.66 -38.63
CA ALA B 135 -35.19 -13.23 -38.57
C ALA B 135 -34.81 -13.90 -37.23
N LEU B 136 -35.34 -13.40 -36.10
CA LEU B 136 -35.00 -13.95 -34.76
C LEU B 136 -36.21 -14.16 -33.83
N PRO B 137 -36.81 -15.36 -33.84
CA PRO B 137 -38.07 -15.65 -33.13
C PRO B 137 -37.98 -15.64 -31.60
N SER B 138 -37.04 -16.40 -31.06
CA SER B 138 -36.75 -16.42 -29.63
C SER B 138 -35.69 -15.37 -29.29
N GLY B 139 -35.39 -14.50 -30.24
CA GLY B 139 -34.49 -13.35 -30.04
C GLY B 139 -33.03 -13.57 -30.40
N PHE B 140 -32.14 -12.76 -29.80
CA PHE B 140 -30.69 -12.76 -30.12
C PHE B 140 -29.95 -13.83 -29.34
N PRO B 141 -29.38 -14.82 -30.04
CA PRO B 141 -28.62 -15.90 -29.40
C PRO B 141 -27.24 -15.48 -28.91
N THR B 142 -26.69 -16.27 -28.01
CA THR B 142 -25.33 -16.08 -27.53
C THR B 142 -24.40 -16.36 -28.74
N SER B 143 -23.44 -15.49 -29.02
CA SER B 143 -22.53 -15.70 -30.17
C SER B 143 -23.29 -15.70 -31.52
N GLY B 144 -24.45 -15.03 -31.51
CA GLY B 144 -25.17 -14.70 -32.73
C GLY B 144 -24.44 -13.53 -33.33
N LEU B 145 -24.33 -13.51 -34.65
CA LEU B 145 -23.70 -12.43 -35.37
C LEU B 145 -24.67 -11.87 -36.37
N ALA B 146 -25.06 -10.59 -36.24
CA ALA B 146 -25.81 -9.90 -37.29
C ALA B 146 -24.81 -9.13 -38.13
N VAL B 147 -25.01 -9.17 -39.47
CA VAL B 147 -24.14 -8.61 -40.52
C VAL B 147 -24.97 -7.63 -41.35
N LEU B 148 -24.60 -6.36 -41.34
CA LEU B 148 -25.43 -5.33 -41.96
C LEU B 148 -24.66 -4.41 -42.90
N ASP B 149 -25.25 -4.15 -44.07
CA ASP B 149 -24.74 -3.19 -45.03
C ASP B 149 -25.75 -2.03 -45.12
N GLN B 150 -25.30 -0.80 -45.29
CA GLN B 150 -26.27 0.28 -45.51
C GLN B 150 -27.10 -0.02 -46.75
N ASP B 151 -28.41 0.14 -46.63
CA ASP B 151 -29.33 0.01 -47.76
C ASP B 151 -29.77 1.39 -48.30
N ARG B 160 -32.67 1.78 -44.50
CA ARG B 160 -31.38 2.25 -44.01
C ARG B 160 -30.38 1.11 -43.93
N TRP B 161 -30.74 -0.05 -43.46
CA TRP B 161 -29.81 -1.20 -43.34
C TRP B 161 -30.29 -2.52 -43.91
N ARG B 162 -29.36 -3.30 -44.39
CA ARG B 162 -29.68 -4.58 -44.92
C ARG B 162 -29.00 -5.64 -44.11
N LEU B 163 -29.79 -6.60 -43.63
CA LEU B 163 -29.23 -7.78 -42.97
C LEU B 163 -29.04 -8.93 -43.95
N ILE B 164 -27.78 -9.24 -44.24
CA ILE B 164 -27.46 -10.12 -45.37
C ILE B 164 -27.05 -11.51 -44.88
N ASP B 165 -26.69 -11.60 -43.61
CA ASP B 165 -26.43 -12.90 -42.98
C ASP B 165 -26.62 -12.82 -41.47
N PHE B 166 -26.91 -13.96 -40.86
CA PHE B 166 -26.90 -14.08 -39.40
C PHE B 166 -26.44 -15.47 -38.97
N LEU B 167 -25.31 -15.53 -38.27
CA LEU B 167 -24.86 -16.77 -37.66
C LEU B 167 -25.27 -16.85 -36.20
N ALA B 168 -25.97 -17.91 -35.84
CA ALA B 168 -25.95 -18.44 -34.48
C ALA B 168 -25.23 -19.77 -34.41
N PRO B 169 -25.11 -20.32 -33.20
CA PRO B 169 -24.78 -21.71 -33.03
C PRO B 169 -26.02 -22.62 -33.21
N PHE C 7 19.42 -7.55 43.67
CA PHE C 7 18.82 -8.24 42.47
C PHE C 7 19.29 -7.63 41.13
N PRO C 8 19.40 -8.48 40.10
CA PRO C 8 19.27 -9.94 40.22
C PRO C 8 20.43 -10.62 40.93
N THR C 9 20.15 -11.73 41.64
CA THR C 9 21.20 -12.50 42.33
C THR C 9 21.69 -13.76 41.53
N ARG C 10 20.88 -14.18 40.58
CA ARG C 10 21.25 -15.24 39.66
C ARG C 10 21.15 -14.71 38.25
N VAL C 11 22.30 -14.65 37.59
CA VAL C 11 22.33 -14.36 36.16
C VAL C 11 22.50 -15.59 35.22
N TYR C 12 21.77 -15.67 34.12
CA TYR C 12 22.05 -16.68 33.06
C TYR C 12 22.36 -16.07 31.71
N LEU C 13 23.49 -16.49 31.14
CA LEU C 13 23.88 -16.10 29.79
C LEU C 13 23.76 -17.29 28.84
N LEU C 14 22.92 -17.12 27.83
CA LEU C 14 22.71 -18.09 26.79
C LEU C 14 23.01 -17.57 25.35
N ARG C 15 24.09 -18.09 24.77
CA ARG C 15 24.36 -17.94 23.34
C ARG C 15 23.37 -18.82 22.50
N HIS C 16 22.81 -18.28 21.44
CA HIS C 16 22.04 -19.09 20.49
C HIS C 16 22.76 -20.40 20.08
N ALA C 17 21.96 -21.42 19.78
CA ALA C 17 22.52 -22.70 19.30
C ALA C 17 22.96 -22.48 17.84
N LYS C 18 23.55 -23.51 17.22
CA LYS C 18 24.05 -23.50 15.82
C LYS C 18 23.10 -23.01 14.69
N ALA C 19 23.49 -21.92 14.05
CA ALA C 19 22.68 -21.20 13.06
C ALA C 19 22.94 -21.74 11.63
N ALA C 20 21.93 -21.67 10.77
CA ALA C 20 22.07 -22.14 9.40
C ALA C 20 23.17 -21.25 8.79
N TRP C 21 23.76 -21.67 7.65
CA TRP C 21 24.74 -20.81 6.96
C TRP C 21 24.07 -19.61 6.26
N ALA C 22 24.84 -18.53 6.06
CA ALA C 22 24.36 -17.36 5.29
C ALA C 22 23.86 -17.65 3.88
N ALA C 23 22.71 -17.10 3.55
CA ALA C 23 22.17 -17.18 2.20
C ALA C 23 22.01 -15.79 1.58
N PRO C 24 22.46 -15.65 0.29
CA PRO C 24 22.42 -14.44 -0.56
C PRO C 24 21.02 -13.80 -0.72
N GLY C 25 20.93 -12.48 -0.51
CA GLY C 25 19.65 -11.78 -0.52
C GLY C 25 18.82 -11.83 0.76
N GLU C 26 19.00 -12.89 1.56
CA GLU C 26 18.46 -12.95 2.95
C GLU C 26 19.32 -12.20 3.97
N ARG C 27 18.63 -11.55 4.90
CA ARG C 27 19.26 -10.78 5.93
C ARG C 27 19.78 -11.72 7.00
N ASP C 28 20.97 -11.43 7.50
CA ASP C 28 21.55 -12.12 8.64
C ASP C 28 20.60 -12.24 9.86
N PHE C 29 19.81 -11.21 10.08
CA PHE C 29 18.77 -11.16 11.12
C PHE C 29 17.75 -12.29 10.93
N ASP C 30 17.57 -12.75 9.70
CA ASP C 30 16.64 -13.85 9.36
C ASP C 30 17.22 -15.24 9.50
N ARG C 31 18.51 -15.36 9.81
CA ARG C 31 19.12 -16.69 10.07
C ARG C 31 18.67 -17.35 11.35
N GLY C 32 18.14 -18.56 11.23
CA GLY C 32 17.87 -19.37 12.39
C GLY C 32 18.82 -20.53 12.59
N LEU C 33 18.39 -21.42 13.48
CA LEU C 33 19.09 -22.67 13.77
C LEU C 33 19.04 -23.62 12.58
N ASN C 34 20.10 -24.38 12.33
CA ASN C 34 19.99 -25.57 11.44
C ASN C 34 19.39 -26.70 12.26
N GLU C 35 19.24 -27.85 11.61
N GLU C 35 19.23 -27.87 11.66
CA GLU C 35 18.75 -29.08 12.23
CA GLU C 35 18.67 -28.99 12.41
C GLU C 35 19.53 -29.40 13.50
C GLU C 35 19.54 -29.48 13.54
N ALA C 36 20.85 -29.45 13.35
CA ALA C 36 21.80 -29.67 14.44
C ALA C 36 21.49 -28.73 15.63
N GLY C 37 21.43 -27.42 15.31
CA GLY C 37 20.90 -26.31 16.14
C GLY C 37 19.60 -26.44 16.96
N PHE C 38 18.47 -26.74 16.34
CA PHE C 38 17.24 -26.94 17.11
C PHE C 38 17.39 -28.09 18.15
N ALA C 39 17.88 -29.23 17.69
CA ALA C 39 18.21 -30.35 18.54
C ALA C 39 19.02 -29.95 19.79
N GLU C 40 20.17 -29.31 19.54
N GLU C 40 20.17 -29.30 19.56
CA GLU C 40 21.10 -28.83 20.58
CA GLU C 40 21.05 -28.91 20.66
C GLU C 40 20.47 -27.83 21.56
C GLU C 40 20.51 -27.79 21.57
N ALA C 41 19.51 -27.05 21.08
CA ALA C 41 18.85 -26.00 21.91
C ALA C 41 17.96 -26.73 22.89
N GLU C 42 17.17 -27.63 22.31
CA GLU C 42 16.24 -28.48 23.00
C GLU C 42 16.94 -29.32 24.08
N ILE C 43 18.10 -29.89 23.74
CA ILE C 43 18.88 -30.69 24.69
C ILE C 43 19.32 -29.95 25.94
N ILE C 44 19.78 -28.71 25.76
CA ILE C 44 20.34 -27.92 26.83
C ILE C 44 19.26 -27.27 27.71
N ALA C 45 18.12 -26.92 27.12
CA ALA C 45 17.04 -26.32 27.90
C ALA C 45 16.45 -27.39 28.81
N ASP C 46 16.22 -28.57 28.25
CA ASP C 46 15.80 -29.76 28.98
C ASP C 46 16.72 -30.14 30.15
N LEU C 47 18.01 -30.25 29.92
CA LEU C 47 18.99 -30.40 31.00
C LEU C 47 18.91 -29.36 32.14
N ALA C 48 18.60 -28.11 31.78
CA ALA C 48 18.62 -26.96 32.67
C ALA C 48 17.34 -26.93 33.48
N ALA C 49 16.23 -27.27 32.83
CA ALA C 49 14.97 -27.64 33.47
C ALA C 49 15.25 -28.72 34.49
N ASP C 50 15.97 -29.77 34.07
CA ASP C 50 16.43 -30.83 34.99
C ASP C 50 17.04 -30.32 36.29
N ARG C 51 17.97 -29.36 36.18
CA ARG C 51 18.64 -28.76 37.33
C ARG C 51 17.92 -27.56 37.93
N ARG C 52 16.67 -27.35 37.53
CA ARG C 52 15.81 -26.23 37.98
C ARG C 52 16.42 -24.85 37.69
N TYR C 53 16.99 -24.72 36.51
CA TYR C 53 17.56 -23.46 36.10
C TYR C 53 16.53 -22.68 35.33
N ARG C 54 15.59 -22.11 36.07
CA ARG C 54 14.47 -21.37 35.55
C ARG C 54 14.67 -19.92 35.96
N PRO C 55 14.67 -19.01 34.97
CA PRO C 55 14.73 -17.59 35.27
C PRO C 55 13.33 -17.01 35.40
N ASP C 56 13.23 -15.84 36.00
CA ASP C 56 11.99 -15.11 36.07
C ASP C 56 11.82 -14.47 34.71
N LEU C 57 12.91 -13.91 34.20
CA LEU C 57 12.86 -13.08 33.00
C LEU C 57 13.88 -13.54 31.97
N ILE C 58 13.42 -13.81 30.75
CA ILE C 58 14.31 -13.96 29.60
C ILE C 58 14.31 -12.69 28.75
N LEU C 59 15.49 -12.13 28.54
CA LEU C 59 15.68 -11.07 27.55
C LEU C 59 16.44 -11.57 26.34
N SER C 60 15.85 -11.42 25.16
CA SER C 60 16.27 -12.16 23.98
C SER C 60 16.43 -11.24 22.78
N SER C 61 17.55 -11.40 22.07
CA SER C 61 17.71 -10.78 20.75
C SER C 61 16.60 -11.22 19.80
N THR C 62 16.37 -10.42 18.77
CA THR C 62 15.22 -10.62 17.89
C THR C 62 15.61 -11.39 16.63
N ALA C 63 16.91 -11.52 16.40
CA ALA C 63 17.42 -12.31 15.28
C ALA C 63 16.87 -13.73 15.33
N ALA C 64 16.61 -14.30 14.15
CA ALA C 64 15.86 -15.54 14.05
C ALA C 64 16.39 -16.59 15.04
N ARG C 65 17.71 -16.62 15.20
CA ARG C 65 18.37 -17.77 15.81
C ARG C 65 18.23 -17.75 17.32
N CYS C 66 18.31 -16.56 17.90
CA CYS C 66 18.07 -16.38 19.33
C CYS C 66 16.61 -16.66 19.68
N ARG C 67 15.70 -16.25 18.80
CA ARG C 67 14.29 -16.49 19.00
C ARG C 67 13.86 -17.95 19.10
N GLN C 68 14.28 -18.69 18.07
CA GLN C 68 14.29 -20.15 17.98
C GLN C 68 14.91 -20.81 19.19
N THR C 69 16.10 -20.34 19.57
CA THR C 69 16.82 -20.94 20.70
C THR C 69 16.00 -20.77 21.96
N THR C 70 15.60 -19.51 22.23
CA THR C 70 14.71 -19.09 23.33
C THR C 70 13.36 -19.81 23.34
N GLN C 71 12.91 -20.26 22.16
N GLN C 71 12.91 -20.26 22.16
CA GLN C 71 11.69 -21.07 21.99
CA GLN C 71 11.68 -21.06 22.00
C GLN C 71 11.86 -22.44 22.59
C GLN C 71 11.83 -22.47 22.55
N ALA C 72 13.02 -23.04 22.34
CA ALA C 72 13.43 -24.25 23.00
C ALA C 72 13.15 -24.12 24.51
N TRP C 73 13.57 -23.02 25.14
CA TRP C 73 13.42 -22.89 26.60
C TRP C 73 11.98 -22.76 27.10
N GLN C 74 11.17 -21.96 26.38
CA GLN C 74 9.78 -21.74 26.73
C GLN C 74 8.99 -23.07 26.69
N ARG C 75 9.27 -23.92 25.71
CA ARG C 75 8.66 -25.25 25.71
C ARG C 75 9.11 -26.09 26.90
N ALA C 76 10.40 -26.01 27.24
CA ALA C 76 10.99 -26.78 28.35
C ALA C 76 10.41 -26.56 29.75
N PHE C 77 9.60 -25.50 29.93
CA PHE C 77 9.33 -24.97 31.27
C PHE C 77 7.89 -24.49 31.54
N ILE C 81 7.28 -18.09 32.71
CA ILE C 81 8.52 -17.30 32.46
C ILE C 81 8.31 -16.12 31.49
N ASP C 82 8.48 -14.89 32.00
CA ASP C 82 8.40 -13.68 31.18
C ASP C 82 9.45 -13.60 30.02
N ILE C 83 8.99 -13.55 28.76
CA ILE C 83 9.94 -13.40 27.61
C ILE C 83 9.80 -12.12 26.82
N VAL C 84 10.86 -11.31 26.76
CA VAL C 84 10.87 -9.97 26.17
C VAL C 84 12.01 -10.04 25.18
N TYR C 85 11.70 -9.71 23.92
CA TYR C 85 12.67 -9.64 22.84
C TYR C 85 13.12 -8.19 22.61
N ILE C 86 14.43 -7.98 22.80
CA ILE C 86 15.06 -6.69 22.54
C ILE C 86 15.97 -6.72 21.31
N ASP C 87 15.60 -5.93 20.31
CA ASP C 87 16.35 -5.76 19.05
C ASP C 87 17.79 -5.25 19.16
N GLU C 88 18.06 -4.43 20.17
CA GLU C 88 19.38 -3.86 20.38
C GLU C 88 20.43 -4.87 20.93
N MSE C 89 19.96 -6.08 21.21
CA MSE C 89 20.85 -7.17 21.60
C MSE C 89 21.47 -7.84 20.39
O MSE C 89 22.50 -8.51 20.49
CB MSE C 89 20.09 -8.20 22.45
CG MSE C 89 19.42 -7.62 23.68
SE MSE C 89 18.66 -8.98 24.85
CE MSE C 89 20.31 -9.88 25.38
N TYR C 90 20.83 -7.67 19.23
CA TYR C 90 21.46 -8.01 17.96
C TYR C 90 22.53 -6.99 17.58
N ASN C 91 23.78 -7.42 17.59
CA ASN C 91 24.90 -6.51 17.37
C ASN C 91 25.04 -5.50 18.51
N ALA C 92 25.32 -5.99 19.71
CA ALA C 92 25.49 -5.13 20.88
C ALA C 92 26.88 -5.28 21.48
N ARG C 93 27.31 -4.28 22.24
N ARG C 93 27.38 -4.21 22.22
CA ARG C 93 28.52 -4.40 23.05
CA ARG C 93 28.56 -4.30 23.07
C ARG C 93 28.23 -5.07 24.38
C ARG C 93 28.23 -5.10 24.34
N SER C 94 29.27 -5.67 24.95
CA SER C 94 29.21 -6.10 26.35
C SER C 94 28.50 -5.05 27.21
N GLU C 95 28.85 -3.78 26.98
CA GLU C 95 28.19 -2.68 27.68
C GLU C 95 26.69 -2.93 27.79
N THR C 96 26.04 -3.20 26.67
CA THR C 96 24.59 -3.21 26.60
C THR C 96 24.01 -4.36 27.42
N TYR C 97 24.72 -5.48 27.45
CA TYR C 97 24.21 -6.70 28.06
C TYR C 97 24.30 -6.53 29.53
N LEU C 98 25.38 -5.89 30.00
CA LEU C 98 25.57 -5.68 31.44
C LEU C 98 24.52 -4.73 32.04
N SER C 99 24.16 -3.74 31.25
CA SER C 99 23.08 -2.80 31.54
C SER C 99 21.66 -3.37 31.60
N LEU C 100 21.37 -4.32 30.72
CA LEU C 100 20.02 -4.90 30.61
C LEU C 100 19.73 -5.71 31.83
N ILE C 101 20.83 -6.09 32.48
CA ILE C 101 20.87 -6.96 33.63
C ILE C 101 20.62 -6.19 34.96
N ALA C 102 21.48 -5.22 35.23
CA ALA C 102 21.41 -4.31 36.36
C ALA C 102 20.11 -3.48 36.43
N ALA C 103 19.46 -3.24 35.30
CA ALA C 103 18.21 -2.46 35.24
C ALA C 103 17.04 -3.13 35.97
N GLN C 104 17.04 -4.45 36.01
CA GLN C 104 15.91 -5.18 36.56
C GLN C 104 16.17 -5.51 38.01
N THR C 105 16.07 -4.49 38.86
CA THR C 105 16.56 -4.54 40.22
C THR C 105 15.53 -5.18 41.15
N GLU C 106 14.38 -5.51 40.56
CA GLU C 106 13.34 -6.20 41.29
C GLU C 106 13.13 -7.64 40.84
N VAL C 107 14.00 -8.15 39.97
CA VAL C 107 13.84 -9.52 39.45
C VAL C 107 14.95 -10.41 39.96
N GLN C 108 14.59 -11.51 40.60
CA GLN C 108 15.61 -12.31 41.26
C GLN C 108 16.52 -13.06 40.27
N SER C 109 15.96 -13.68 39.24
CA SER C 109 16.79 -14.27 38.20
C SER C 109 16.50 -13.83 36.75
N VAL C 110 17.58 -13.63 36.00
CA VAL C 110 17.47 -13.13 34.64
C VAL C 110 18.37 -13.90 33.69
N MSE C 111 17.84 -14.26 32.52
CA MSE C 111 18.62 -14.94 31.50
C MSE C 111 18.74 -14.08 30.23
O MSE C 111 17.73 -13.66 29.67
CB MSE C 111 18.00 -16.30 31.16
CG MSE C 111 18.38 -16.82 29.78
SE MSE C 111 18.09 -18.74 29.62
CE MSE C 111 16.67 -18.71 28.28
N LEU C 112 19.97 -13.83 29.80
CA LEU C 112 20.21 -13.21 28.51
C LEU C 112 20.44 -14.24 27.42
N VAL C 113 19.70 -14.10 26.32
CA VAL C 113 19.92 -14.94 25.15
C VAL C 113 20.40 -14.12 23.96
N GLY C 114 21.65 -14.34 23.56
CA GLY C 114 22.27 -13.55 22.50
C GLY C 114 23.48 -14.06 21.77
N HIS C 115 24.30 -13.09 21.37
CA HIS C 115 25.42 -13.41 20.52
C HIS C 115 26.80 -13.07 21.03
N ASN C 116 27.74 -13.78 20.43
CA ASN C 116 29.12 -13.39 20.47
C ASN C 116 29.41 -12.31 19.38
N PRO C 117 30.54 -11.60 19.52
CA PRO C 117 31.53 -11.70 20.61
C PRO C 117 31.00 -11.20 21.94
N THR C 118 29.92 -10.42 21.85
CA THR C 118 29.22 -9.78 22.95
C THR C 118 29.03 -10.63 24.20
N MSE C 119 28.44 -11.84 24.05
CA MSE C 119 28.17 -12.75 25.17
C MSE C 119 29.42 -13.15 25.97
O MSE C 119 29.40 -13.12 27.21
CB MSE C 119 27.39 -13.99 24.70
CG MSE C 119 26.67 -14.74 25.81
SE MSE C 119 25.19 -13.70 26.56
CE MSE C 119 23.82 -14.00 25.24
N GLU C 120 30.48 -13.51 25.27
CA GLU C 120 31.70 -13.98 25.93
C GLU C 120 32.39 -12.82 26.63
N ALA C 121 32.35 -11.66 26.00
CA ALA C 121 32.78 -10.39 26.56
C ALA C 121 32.07 -10.02 27.85
N THR C 122 30.76 -10.29 27.90
CA THR C 122 29.93 -10.06 29.10
C THR C 122 30.32 -10.94 30.30
N LEU C 123 30.27 -12.27 30.12
CA LEU C 123 30.73 -13.27 31.09
C LEU C 123 32.11 -12.93 31.65
N GLU C 124 33.03 -12.53 30.77
CA GLU C 124 34.36 -12.02 31.19
C GLU C 124 34.33 -10.68 31.94
N ALA C 125 33.32 -9.84 31.71
CA ALA C 125 33.13 -8.60 32.49
C ALA C 125 32.76 -8.91 33.94
N MSE C 126 32.08 -10.05 34.11
CA MSE C 126 31.56 -10.47 35.42
C MSE C 126 32.52 -11.36 36.21
O MSE C 126 32.48 -11.32 37.44
CB MSE C 126 30.19 -11.17 35.30
CG MSE C 126 29.14 -10.38 34.54
SE MSE C 126 27.58 -11.41 33.92
CE MSE C 126 26.72 -11.76 35.63
N ILE C 127 33.37 -12.16 35.56
CA ILE C 127 34.28 -13.09 36.27
C ILE C 127 35.79 -12.90 35.99
N GLY C 128 36.10 -12.31 34.83
CA GLY C 128 37.48 -12.07 34.40
C GLY C 128 38.06 -13.08 33.43
N GLU C 129 39.14 -12.67 32.79
CA GLU C 129 39.80 -13.42 31.74
C GLU C 129 40.37 -14.79 32.12
N ASP C 130 40.95 -14.93 33.32
CA ASP C 130 41.59 -16.19 33.72
C ASP C 130 40.61 -17.33 33.97
N LEU C 131 39.51 -16.99 34.63
CA LEU C 131 38.46 -17.95 34.95
C LEU C 131 37.59 -18.27 33.74
N LEU C 132 37.58 -17.35 32.77
CA LEU C 132 36.97 -17.56 31.45
C LEU C 132 37.79 -18.61 30.71
N HIS C 133 39.08 -18.38 30.58
CA HIS C 133 39.95 -19.24 29.75
C HIS C 133 40.06 -20.65 30.30
N ALA C 134 40.07 -20.77 31.63
CA ALA C 134 40.12 -22.05 32.30
C ALA C 134 38.78 -22.79 32.26
N ALA C 135 37.69 -22.01 32.24
CA ALA C 135 36.36 -22.55 32.08
C ALA C 135 36.07 -22.76 30.60
N LEU C 136 36.34 -21.74 29.77
CA LEU C 136 36.07 -21.83 28.33
C LEU C 136 37.38 -21.76 27.59
N PRO C 137 38.00 -22.92 27.33
CA PRO C 137 39.28 -22.87 26.61
C PRO C 137 39.07 -22.36 25.17
N SER C 138 38.26 -23.06 24.38
CA SER C 138 37.94 -22.66 23.00
C SER C 138 36.66 -21.81 22.86
N GLY C 139 36.24 -21.15 23.95
CA GLY C 139 35.21 -20.06 23.84
C GLY C 139 33.81 -20.31 24.39
N PHE C 140 32.86 -19.50 23.98
CA PHE C 140 31.49 -19.61 24.52
C PHE C 140 30.76 -20.35 23.45
N PRO C 141 30.43 -21.63 23.70
CA PRO C 141 29.89 -22.36 22.57
C PRO C 141 28.42 -22.05 22.34
N THR C 142 27.94 -22.39 21.15
CA THR C 142 26.58 -22.13 20.78
C THR C 142 25.78 -23.00 21.72
N SER C 143 24.64 -22.46 22.17
CA SER C 143 23.85 -23.12 23.20
C SER C 143 24.62 -23.38 24.53
N GLY C 144 25.66 -22.59 24.78
CA GLY C 144 26.34 -22.60 26.07
C GLY C 144 25.56 -21.80 27.12
N LEU C 145 25.57 -22.29 28.35
CA LEU C 145 24.76 -21.75 29.40
C LEU C 145 25.63 -21.42 30.61
N ALA C 146 25.83 -20.13 30.85
CA ALA C 146 26.64 -19.67 31.93
C ALA C 146 25.72 -19.38 33.07
N VAL C 147 25.98 -20.06 34.18
CA VAL C 147 25.18 -19.93 35.39
C VAL C 147 25.97 -19.19 36.45
N LEU C 148 25.48 -18.00 36.85
CA LEU C 148 26.15 -17.14 37.86
C LEU C 148 25.38 -16.73 39.14
N ASP C 149 26.01 -16.89 40.32
CA ASP C 149 25.47 -16.40 41.62
C ASP C 149 26.06 -15.04 42.05
N GLN C 150 25.23 -14.13 42.56
CA GLN C 150 25.70 -12.77 42.93
C GLN C 150 26.97 -12.74 43.81
N ARG C 160 30.67 -9.03 42.21
CA ARG C 160 31.48 -10.13 42.74
C ARG C 160 30.90 -11.49 42.33
N TRP C 161 30.48 -11.59 41.08
CA TRP C 161 29.82 -12.78 40.52
C TRP C 161 30.57 -14.11 40.65
N ARG C 162 29.81 -15.18 40.84
CA ARG C 162 30.40 -16.51 41.08
C ARG C 162 29.87 -17.44 40.01
N LEU C 163 30.76 -17.92 39.14
CA LEU C 163 30.37 -18.86 38.10
C LEU C 163 30.01 -20.16 38.77
N ILE C 164 28.74 -20.52 38.72
CA ILE C 164 28.29 -21.67 39.50
C ILE C 164 28.35 -22.95 38.67
N ASP C 165 28.10 -22.84 37.37
CA ASP C 165 28.07 -23.96 36.48
C ASP C 165 28.14 -23.54 35.00
N PHE C 166 28.30 -24.48 34.10
CA PHE C 166 28.35 -24.21 32.68
C PHE C 166 27.88 -25.40 31.84
N LEU C 167 26.75 -25.19 31.17
CA LEU C 167 26.21 -26.20 30.26
C LEU C 167 26.60 -25.92 28.82
N ALA C 168 26.70 -26.98 28.04
CA ALA C 168 27.25 -26.95 26.69
C ALA C 168 26.90 -28.29 25.99
N PRO C 169 26.67 -28.25 24.64
CA PRO C 169 26.28 -29.46 23.85
C PRO C 169 27.41 -30.45 23.69
N SER D 6 20.47 -12.71 -7.24
CA SER D 6 20.66 -11.55 -6.27
C SER D 6 22.11 -11.07 -6.24
N PHE D 7 22.32 -9.75 -6.31
CA PHE D 7 23.68 -9.17 -6.21
C PHE D 7 24.05 -8.88 -4.75
N PRO D 8 25.35 -8.92 -4.40
CA PRO D 8 26.56 -9.29 -5.13
C PRO D 8 26.68 -10.79 -5.42
N THR D 9 27.21 -11.15 -6.57
CA THR D 9 27.38 -12.55 -6.86
C THR D 9 28.78 -13.02 -6.48
N ARG D 10 29.64 -12.07 -6.17
CA ARG D 10 31.04 -12.32 -5.92
C ARG D 10 31.47 -11.62 -4.66
N VAL D 11 32.17 -12.32 -3.76
CA VAL D 11 32.64 -11.71 -2.51
C VAL D 11 34.10 -12.03 -2.29
N TYR D 12 34.90 -10.99 -2.08
CA TYR D 12 36.29 -11.16 -1.69
C TYR D 12 36.44 -10.77 -0.23
N LEU D 13 37.23 -11.53 0.53
CA LEU D 13 37.46 -11.14 1.94
C LEU D 13 38.95 -10.97 2.13
N LEU D 14 39.38 -9.75 2.50
CA LEU D 14 40.80 -9.54 2.73
C LEU D 14 41.09 -9.14 4.16
N ARG D 15 41.83 -10.00 4.86
CA ARG D 15 42.47 -9.55 6.10
C ARG D 15 43.62 -8.64 5.71
N HIS D 16 43.90 -7.63 6.53
CA HIS D 16 45.01 -6.70 6.33
C HIS D 16 46.35 -7.40 6.46
N ALA D 17 47.39 -6.84 5.85
CA ALA D 17 48.74 -7.39 6.03
C ALA D 17 49.25 -7.34 7.49
N LYS D 18 50.40 -7.97 7.72
CA LYS D 18 51.01 -8.03 9.04
C LYS D 18 51.60 -6.66 9.43
N ALA D 19 51.33 -6.26 10.66
CA ALA D 19 51.84 -5.00 11.18
C ALA D 19 52.53 -5.23 12.52
N ASP D 28 47.00 1.02 18.49
CA ASP D 28 46.61 -0.19 17.78
C ASP D 28 45.95 0.12 16.46
N PHE D 29 45.02 1.07 16.48
CA PHE D 29 44.38 1.61 15.31
C PHE D 29 45.45 2.17 14.39
N ASP D 30 46.52 2.66 15.00
CA ASP D 30 47.57 3.29 14.24
C ASP D 30 48.79 2.52 13.71
N ARG D 31 48.86 1.21 13.92
CA ARG D 31 50.03 0.43 13.43
C ARG D 31 50.02 0.34 11.90
N GLY D 32 51.14 0.69 11.28
CA GLY D 32 51.35 0.47 9.85
C GLY D 32 51.83 -0.95 9.53
N LEU D 33 51.93 -1.27 8.25
CA LEU D 33 52.38 -2.61 7.85
C LEU D 33 53.89 -2.65 7.88
N ASN D 34 54.47 -3.69 8.49
CA ASN D 34 55.94 -3.85 8.52
C ASN D 34 56.56 -4.14 7.15
N GLU D 35 57.85 -4.43 7.07
N GLU D 35 57.87 -4.43 7.12
CA GLU D 35 58.45 -4.55 5.73
CA GLU D 35 58.64 -4.68 5.88
C GLU D 35 58.13 -5.85 4.97
C GLU D 35 58.00 -5.76 5.02
N ALA D 36 57.55 -6.82 5.68
CA ALA D 36 56.93 -7.98 5.03
C ALA D 36 55.42 -7.78 4.96
N GLY D 37 54.94 -6.73 5.63
CA GLY D 37 53.54 -6.30 5.55
C GLY D 37 53.28 -5.83 4.13
N PHE D 38 54.02 -4.81 3.71
CA PHE D 38 53.99 -4.31 2.33
C PHE D 38 54.37 -5.39 1.32
N ALA D 39 55.38 -6.19 1.66
CA ALA D 39 55.87 -7.18 0.72
C ALA D 39 54.77 -8.16 0.33
N GLU D 40 54.11 -8.74 1.33
CA GLU D 40 53.08 -9.75 1.09
C GLU D 40 51.80 -9.19 0.48
N ALA D 41 51.41 -8.00 0.92
CA ALA D 41 50.36 -7.23 0.27
C ALA D 41 50.48 -7.31 -1.24
N GLU D 42 51.49 -6.62 -1.80
N GLU D 42 51.49 -6.63 -1.80
CA GLU D 42 51.73 -6.59 -3.26
CA GLU D 42 51.74 -6.60 -3.25
C GLU D 42 51.63 -7.98 -3.89
C GLU D 42 51.64 -7.98 -3.90
N ILE D 43 52.37 -8.94 -3.34
CA ILE D 43 52.26 -10.35 -3.72
C ILE D 43 50.83 -10.93 -3.82
N ILE D 44 49.90 -10.49 -2.96
CA ILE D 44 48.50 -10.97 -3.05
C ILE D 44 47.61 -10.15 -3.98
N ALA D 45 47.94 -8.88 -4.16
CA ALA D 45 47.17 -8.03 -5.04
C ALA D 45 47.42 -8.37 -6.54
N ASP D 46 48.67 -8.60 -6.90
CA ASP D 46 49.04 -8.79 -8.30
C ASP D 46 48.60 -10.16 -8.79
N LEU D 47 48.79 -11.13 -7.90
CA LEU D 47 48.27 -12.47 -8.03
C LEU D 47 46.70 -12.41 -8.25
N ALA D 48 46.06 -11.51 -7.51
CA ALA D 48 44.62 -11.24 -7.64
C ALA D 48 44.19 -10.52 -8.95
N ALA D 49 45.10 -9.75 -9.54
CA ALA D 49 44.89 -9.05 -10.82
C ALA D 49 45.37 -9.86 -12.05
N ASP D 50 46.29 -10.78 -11.78
CA ASP D 50 46.51 -11.92 -12.65
C ASP D 50 45.21 -12.71 -12.84
N ARG D 51 44.42 -12.83 -11.78
CA ARG D 51 43.20 -13.66 -11.79
C ARG D 51 41.91 -12.93 -12.17
N ARG D 52 42.03 -11.61 -12.43
CA ARG D 52 40.92 -10.70 -12.72
C ARG D 52 39.87 -10.74 -11.60
N TYR D 53 40.39 -10.76 -10.37
CA TYR D 53 39.64 -10.63 -9.14
C TYR D 53 39.52 -9.18 -8.85
N ARG D 54 38.83 -8.43 -9.74
CA ARG D 54 38.64 -7.01 -9.54
C ARG D 54 37.32 -6.74 -8.88
N PRO D 55 37.36 -6.31 -7.60
CA PRO D 55 36.04 -5.93 -7.07
C PRO D 55 35.59 -4.60 -7.66
N ASP D 56 34.28 -4.55 -7.92
CA ASP D 56 33.52 -3.34 -8.21
C ASP D 56 33.55 -2.34 -7.06
N LEU D 57 33.58 -2.85 -5.83
CA LEU D 57 33.63 -2.00 -4.64
C LEU D 57 34.49 -2.55 -3.57
N ILE D 58 35.27 -1.67 -2.95
CA ILE D 58 35.93 -2.00 -1.68
C ILE D 58 35.32 -1.36 -0.41
N LEU D 59 34.95 -2.19 0.57
CA LEU D 59 34.67 -1.72 1.90
C LEU D 59 35.80 -2.03 2.94
N SER D 60 36.46 -0.98 3.45
CA SER D 60 37.64 -1.11 4.32
C SER D 60 37.50 -0.31 5.67
N SER D 61 37.95 -0.95 6.76
N SER D 61 37.93 -0.95 6.76
CA SER D 61 38.25 -0.27 8.01
CA SER D 61 38.26 -0.27 7.99
C SER D 61 39.17 0.95 7.77
C SER D 61 39.16 0.96 7.76
N THR D 62 39.07 1.92 8.67
CA THR D 62 39.82 3.16 8.58
C THR D 62 41.19 3.01 9.20
N ALA D 63 41.50 1.77 9.61
CA ALA D 63 42.66 1.48 10.46
C ALA D 63 43.86 1.59 9.58
N ALA D 64 44.97 2.12 10.10
CA ALA D 64 46.21 2.22 9.26
C ALA D 64 46.49 1.03 8.35
N ARG D 65 46.49 -0.15 8.95
CA ARG D 65 46.98 -1.36 8.29
C ARG D 65 46.04 -1.93 7.19
N CYS D 66 44.75 -1.68 7.36
CA CYS D 66 43.75 -1.91 6.33
C CYS D 66 43.91 -0.85 5.28
N ARG D 67 43.93 0.43 5.69
CA ARG D 67 44.12 1.50 4.72
C ARG D 67 45.30 1.22 3.78
N GLN D 68 46.36 0.69 4.35
CA GLN D 68 47.59 0.40 3.65
C GLN D 68 47.52 -0.82 2.72
N THR D 69 46.89 -1.88 3.22
CA THR D 69 46.60 -3.07 2.43
C THR D 69 45.79 -2.69 1.21
N THR D 70 44.80 -1.82 1.42
CA THR D 70 43.95 -1.32 0.36
C THR D 70 44.72 -0.54 -0.70
N GLN D 71 45.70 0.25 -0.27
N GLN D 71 45.70 0.25 -0.27
CA GLN D 71 46.54 1.04 -1.17
CA GLN D 71 46.54 1.05 -1.15
C GLN D 71 47.25 0.22 -2.24
C GLN D 71 47.26 0.23 -2.23
N ALA D 72 47.67 -0.99 -1.91
CA ALA D 72 48.28 -1.91 -2.90
C ALA D 72 47.34 -2.26 -4.06
N TRP D 73 46.08 -2.52 -3.73
CA TRP D 73 45.09 -2.91 -4.73
C TRP D 73 44.76 -1.74 -5.66
N GLN D 74 44.95 -0.52 -5.15
CA GLN D 74 44.87 0.68 -5.99
C GLN D 74 45.96 0.68 -7.05
N ARG D 75 47.16 0.24 -6.68
CA ARG D 75 48.27 0.15 -7.62
C ARG D 75 48.02 -0.95 -8.64
N ALA D 76 47.50 -2.09 -8.18
CA ALA D 76 47.48 -3.30 -8.98
C ALA D 76 46.35 -3.27 -10.00
N PHE D 77 45.50 -2.26 -9.91
CA PHE D 77 44.40 -2.09 -10.85
C PHE D 77 44.30 -0.64 -11.33
N ILE D 81 38.54 1.95 -9.16
CA ILE D 81 37.72 1.09 -8.28
C ILE D 81 37.29 1.83 -7.02
N ASP D 82 35.97 1.84 -6.80
CA ASP D 82 35.35 2.56 -5.68
C ASP D 82 35.66 1.89 -4.35
N ILE D 83 36.30 2.66 -3.48
CA ILE D 83 36.76 2.24 -2.19
C ILE D 83 36.01 3.07 -1.17
N VAL D 84 35.34 2.43 -0.23
CA VAL D 84 34.75 3.17 0.85
C VAL D 84 35.38 2.78 2.20
N TYR D 85 35.55 3.76 3.05
CA TYR D 85 36.15 3.56 4.36
C TYR D 85 35.16 3.66 5.51
N ILE D 86 35.11 2.59 6.29
CA ILE D 86 34.07 2.46 7.32
C ILE D 86 34.69 2.15 8.66
N ASP D 87 34.71 3.16 9.53
CA ASP D 87 35.29 3.11 10.87
C ASP D 87 34.74 1.97 11.75
N GLU D 88 33.50 1.58 11.51
CA GLU D 88 32.85 0.49 12.26
C GLU D 88 33.35 -0.93 12.00
N MSE D 89 34.07 -1.10 10.90
CA MSE D 89 34.73 -2.37 10.59
C MSE D 89 35.92 -2.61 11.52
O MSE D 89 36.44 -3.71 11.58
CB MSE D 89 35.17 -2.41 9.13
CG MSE D 89 34.01 -2.29 8.20
SE MSE D 89 34.48 -2.41 6.34
CE MSE D 89 34.99 -4.32 6.21
N TYR D 90 36.35 -1.56 12.20
CA TYR D 90 37.34 -1.65 13.24
C TYR D 90 36.69 -1.82 14.64
N ASN D 91 37.19 -2.79 15.42
N ASN D 91 37.15 -2.87 15.33
CA ASN D 91 36.52 -3.26 16.65
CA ASN D 91 36.58 -3.28 16.62
C ASN D 91 35.02 -3.41 16.44
C ASN D 91 35.06 -3.42 16.45
N ALA D 92 34.67 -4.32 15.53
CA ALA D 92 33.29 -4.41 15.06
C ALA D 92 32.33 -4.86 16.17
N ARG D 93 31.26 -4.10 16.35
CA ARG D 93 30.30 -4.42 17.41
C ARG D 93 29.57 -5.66 16.97
N SER D 94 29.75 -5.91 15.67
CA SER D 94 29.06 -6.92 14.91
C SER D 94 29.86 -8.20 14.95
N GLU D 95 29.15 -9.31 14.92
CA GLU D 95 29.82 -10.60 14.90
C GLU D 95 30.61 -10.84 13.59
N THR D 96 30.09 -10.30 12.49
CA THR D 96 30.55 -10.65 11.14
C THR D 96 30.30 -9.40 10.36
N TYR D 97 30.74 -9.36 9.08
CA TYR D 97 30.50 -8.26 8.12
C TYR D 97 29.42 -8.57 7.04
N LEU D 98 28.63 -9.60 7.31
CA LEU D 98 27.55 -10.03 6.43
C LEU D 98 26.59 -8.93 5.91
N SER D 99 26.28 -7.93 6.72
CA SER D 99 25.37 -6.90 6.24
C SER D 99 25.95 -5.86 5.28
N LEU D 100 27.24 -5.52 5.49
CA LEU D 100 27.95 -4.70 4.50
C LEU D 100 27.88 -5.30 3.09
N ILE D 101 28.08 -6.61 2.95
CA ILE D 101 27.99 -7.35 1.68
C ILE D 101 26.54 -7.43 1.11
N ALA D 102 25.58 -7.75 1.99
CA ALA D 102 24.19 -7.96 1.60
C ALA D 102 23.42 -6.67 1.29
N ALA D 103 23.94 -5.52 1.76
CA ALA D 103 23.29 -4.24 1.56
C ALA D 103 23.45 -3.74 0.15
N GLN D 104 24.42 -4.30 -0.58
CA GLN D 104 24.86 -3.77 -1.83
C GLN D 104 24.18 -4.53 -2.96
N THR D 105 22.95 -4.15 -3.20
CA THR D 105 22.03 -4.89 -4.05
C THR D 105 22.24 -4.74 -5.59
N GLU D 106 23.06 -3.77 -5.99
CA GLU D 106 23.23 -3.50 -7.40
C GLU D 106 24.71 -3.40 -7.77
N VAL D 107 25.53 -4.03 -6.95
CA VAL D 107 26.98 -4.08 -7.13
C VAL D 107 27.33 -5.55 -7.31
N GLN D 108 27.95 -5.89 -8.42
CA GLN D 108 28.13 -7.29 -8.79
C GLN D 108 29.04 -8.07 -7.80
N SER D 109 30.09 -7.39 -7.36
CA SER D 109 31.16 -8.01 -6.63
C SER D 109 31.66 -7.01 -5.61
N VAL D 110 31.79 -7.43 -4.36
CA VAL D 110 32.23 -6.53 -3.30
C VAL D 110 33.50 -7.09 -2.65
N MSE D 111 34.29 -6.22 -2.06
CA MSE D 111 35.41 -6.67 -1.24
C MSE D 111 35.41 -5.97 0.10
O MSE D 111 35.18 -4.76 0.18
CB MSE D 111 36.76 -6.49 -1.94
CG MSE D 111 37.91 -7.26 -1.27
SE MSE D 111 39.66 -6.89 -2.04
CE MSE D 111 40.50 -8.55 -1.62
N LEU D 112 35.66 -6.76 1.15
CA LEU D 112 35.98 -6.28 2.51
C LEU D 112 37.45 -6.36 2.94
N VAL D 113 37.95 -5.22 3.40
CA VAL D 113 39.30 -5.22 4.00
C VAL D 113 39.23 -4.86 5.48
N GLY D 114 39.28 -5.92 6.28
CA GLY D 114 38.91 -5.85 7.68
C GLY D 114 39.84 -6.57 8.63
N HIS D 115 39.30 -6.93 9.78
CA HIS D 115 40.04 -7.51 10.91
C HIS D 115 39.40 -8.82 11.38
N ASN D 116 40.21 -9.64 12.05
CA ASN D 116 39.73 -10.77 12.84
C ASN D 116 39.38 -10.27 14.22
N PRO D 117 38.45 -10.95 14.93
CA PRO D 117 37.82 -12.25 14.60
C PRO D 117 36.73 -12.14 13.54
N THR D 118 36.39 -10.91 13.19
CA THR D 118 35.20 -10.58 12.41
C THR D 118 35.29 -11.05 10.98
N MSE D 119 36.50 -11.06 10.45
CA MSE D 119 36.74 -11.51 9.12
C MSE D 119 36.45 -13.01 9.07
O MSE D 119 35.66 -13.46 8.24
CB MSE D 119 38.17 -11.18 8.66
CG MSE D 119 38.37 -11.19 7.16
SE MSE D 119 36.99 -10.25 6.11
CE MSE D 119 37.79 -8.50 5.92
N GLU D 120 37.05 -13.72 10.02
CA GLU D 120 36.98 -15.19 10.14
C GLU D 120 35.57 -15.71 10.35
N ALA D 121 34.84 -14.99 11.19
CA ALA D 121 33.50 -15.35 11.57
C ALA D 121 32.61 -15.29 10.36
N THR D 122 32.77 -14.25 9.55
CA THR D 122 32.00 -14.02 8.33
C THR D 122 32.10 -15.15 7.33
N LEU D 123 33.31 -15.38 6.85
CA LEU D 123 33.66 -16.50 6.06
C LEU D 123 33.04 -17.82 6.55
N GLU D 124 33.27 -18.11 7.84
CA GLU D 124 32.67 -19.21 8.58
C GLU D 124 31.14 -19.33 8.48
N ALA D 125 30.48 -18.17 8.47
CA ALA D 125 29.04 -18.14 8.35
C ALA D 125 28.60 -18.48 6.94
N MSE D 126 29.43 -18.12 5.98
CA MSE D 126 29.15 -18.43 4.58
C MSE D 126 29.45 -19.91 4.26
O MSE D 126 28.75 -20.51 3.46
CB MSE D 126 29.95 -17.51 3.68
CG MSE D 126 29.69 -16.04 3.94
SE MSE D 126 30.94 -14.84 2.97
CE MSE D 126 30.11 -14.67 1.19
N ILE D 127 30.43 -20.48 4.94
CA ILE D 127 31.07 -21.75 4.53
C ILE D 127 30.83 -22.97 5.45
N GLY D 128 30.44 -22.70 6.68
CA GLY D 128 30.42 -23.71 7.74
C GLY D 128 31.76 -23.97 8.41
N GLU D 129 31.70 -24.56 9.60
CA GLU D 129 32.90 -24.74 10.44
C GLU D 129 33.92 -25.72 9.83
N ASP D 130 33.44 -26.86 9.32
CA ASP D 130 34.27 -27.87 8.63
C ASP D 130 35.18 -27.30 7.56
N LEU D 131 34.57 -26.78 6.49
CA LEU D 131 35.32 -26.30 5.34
C LEU D 131 36.24 -25.16 5.74
N LEU D 132 35.89 -24.46 6.82
CA LEU D 132 36.75 -23.45 7.38
C LEU D 132 37.90 -24.17 8.06
N HIS D 133 37.57 -25.11 8.93
CA HIS D 133 38.61 -25.83 9.67
C HIS D 133 39.48 -26.71 8.77
N ALA D 134 38.94 -27.16 7.63
CA ALA D 134 39.72 -27.81 6.56
C ALA D 134 40.57 -26.83 5.70
N ALA D 135 39.94 -25.76 5.21
CA ALA D 135 40.69 -24.75 4.42
C ALA D 135 41.72 -24.03 5.28
N LEU D 136 41.36 -23.76 6.53
CA LEU D 136 42.16 -22.87 7.38
C LEU D 136 42.38 -23.41 8.81
N PRO D 137 43.35 -24.35 9.00
CA PRO D 137 43.63 -24.98 10.29
C PRO D 137 44.16 -24.02 11.37
N SER D 138 44.90 -23.00 10.92
CA SER D 138 45.47 -22.00 11.80
C SER D 138 44.72 -20.69 11.72
N GLY D 139 43.57 -20.69 11.05
CA GLY D 139 42.67 -19.54 11.03
C GLY D 139 42.75 -18.73 9.76
N PHE D 140 42.05 -17.59 9.73
CA PHE D 140 42.16 -16.65 8.63
C PHE D 140 43.49 -15.86 8.67
N PRO D 141 44.41 -16.16 7.71
CA PRO D 141 45.73 -15.49 7.64
C PRO D 141 45.64 -13.99 7.32
N THR D 142 46.57 -13.23 7.89
CA THR D 142 46.87 -11.85 7.48
C THR D 142 47.08 -11.77 5.97
N SER D 143 46.36 -10.84 5.35
CA SER D 143 46.41 -10.60 3.90
C SER D 143 46.11 -11.90 3.13
N GLY D 144 45.27 -12.73 3.77
CA GLY D 144 44.57 -13.83 3.11
C GLY D 144 43.44 -13.28 2.27
N LEU D 145 43.09 -13.98 1.20
CA LEU D 145 42.03 -13.53 0.27
C LEU D 145 40.98 -14.62 0.01
N ALA D 146 39.80 -14.45 0.61
CA ALA D 146 38.71 -15.36 0.33
C ALA D 146 37.82 -14.91 -0.83
N VAL D 147 37.84 -15.73 -1.88
CA VAL D 147 36.99 -15.58 -3.06
C VAL D 147 35.79 -16.51 -2.95
N LEU D 148 34.63 -15.94 -3.16
CA LEU D 148 33.36 -16.61 -2.94
C LEU D 148 32.39 -16.19 -4.05
N ASP D 149 31.74 -17.21 -4.63
CA ASP D 149 30.65 -16.98 -5.54
C ASP D 149 29.41 -17.66 -5.01
N GLN D 150 28.29 -17.44 -5.68
CA GLN D 150 27.10 -18.23 -5.44
C GLN D 150 27.23 -19.44 -6.35
N ASP D 151 26.89 -20.60 -5.81
CA ASP D 151 26.67 -21.79 -6.63
C ASP D 151 25.57 -22.64 -5.96
N ASN D 159 21.25 -19.05 -3.27
CA ASN D 159 20.97 -20.19 -2.39
C ASN D 159 22.01 -20.48 -1.32
N ARG D 160 23.29 -20.35 -1.69
CA ARG D 160 24.39 -20.79 -0.84
C ARG D 160 25.71 -20.26 -1.39
N TRP D 161 26.66 -20.06 -0.48
CA TRP D 161 27.97 -19.50 -0.81
C TRP D 161 29.03 -20.58 -0.95
N ARG D 162 29.82 -20.50 -2.02
CA ARG D 162 30.94 -21.43 -2.23
C ARG D 162 32.33 -20.78 -2.19
N LEU D 163 33.27 -21.39 -1.44
CA LEU D 163 34.68 -20.99 -1.53
C LEU D 163 35.36 -21.52 -2.79
N ILE D 164 35.63 -20.58 -3.70
CA ILE D 164 36.12 -20.88 -5.04
C ILE D 164 37.65 -20.88 -5.09
N ASP D 165 38.28 -20.07 -4.21
CA ASP D 165 39.73 -19.84 -4.25
C ASP D 165 40.22 -19.18 -2.95
N PHE D 166 41.37 -19.60 -2.42
CA PHE D 166 41.97 -18.87 -1.28
C PHE D 166 43.43 -18.59 -1.58
N LEU D 167 43.84 -17.32 -1.45
CA LEU D 167 45.19 -16.88 -1.69
C LEU D 167 45.92 -16.32 -0.46
N ALA D 168 47.03 -16.95 -0.09
CA ALA D 168 47.92 -16.39 0.93
C ALA D 168 49.34 -16.83 0.66
N PRO D 169 50.35 -15.98 1.00
CA PRO D 169 51.71 -16.31 0.58
C PRO D 169 52.46 -17.12 1.64
N GLY D 170 53.78 -17.21 1.51
CA GLY D 170 54.60 -17.91 2.48
C GLY D 170 55.71 -17.01 2.96
N PHE E 7 -40.65 14.16 2.86
CA PHE E 7 -39.51 13.25 3.26
C PHE E 7 -38.64 12.74 2.12
N PRO E 8 -37.30 12.72 2.34
CA PRO E 8 -36.54 13.21 3.48
C PRO E 8 -36.43 14.75 3.51
N THR E 9 -36.15 15.29 4.70
CA THR E 9 -36.18 16.71 4.99
C THR E 9 -34.81 17.16 5.45
N ARG E 10 -34.03 16.20 5.95
N ARG E 10 -34.04 16.19 5.93
CA ARG E 10 -32.56 16.18 5.92
CA ARG E 10 -32.59 16.20 5.93
C ARG E 10 -31.92 15.44 4.78
C ARG E 10 -31.92 15.44 4.80
N VAL E 11 -31.04 16.07 4.05
CA VAL E 11 -30.07 15.33 3.25
C VAL E 11 -28.59 15.64 3.59
N TYR E 12 -27.78 14.59 3.57
CA TYR E 12 -26.32 14.67 3.53
C TYR E 12 -25.85 14.28 2.15
N LEU E 13 -24.99 15.14 1.61
CA LEU E 13 -24.14 14.87 0.46
C LEU E 13 -22.67 14.64 0.86
N LEU E 14 -22.20 13.39 0.83
CA LEU E 14 -20.79 13.08 1.12
C LEU E 14 -19.93 12.67 -0.11
N ARG E 15 -19.02 13.55 -0.52
CA ARG E 15 -18.03 13.07 -1.46
C ARG E 15 -16.96 12.21 -0.68
N HIS E 16 -16.50 11.11 -1.30
CA HIS E 16 -15.42 10.21 -0.79
C HIS E 16 -14.13 10.98 -0.50
N ALA E 17 -13.33 10.49 0.45
CA ALA E 17 -12.05 11.05 0.81
C ALA E 17 -11.06 10.89 -0.30
N LYS E 18 -9.84 11.41 -0.09
CA LYS E 18 -8.80 11.35 -1.10
C LYS E 18 -8.23 9.94 -1.34
N ALA E 19 -8.30 9.53 -2.60
CA ALA E 19 -7.91 8.21 -2.96
C ALA E 19 -6.45 8.07 -3.44
N ALA E 20 -5.88 6.90 -3.19
CA ALA E 20 -4.60 6.49 -3.67
C ALA E 20 -4.58 6.67 -5.18
N TRP E 21 -3.39 6.97 -5.68
CA TRP E 21 -3.15 7.13 -7.09
C TRP E 21 -3.24 5.72 -7.69
N ALA E 22 -3.48 5.67 -9.01
CA ALA E 22 -3.71 4.43 -9.72
C ALA E 22 -2.40 3.75 -10.02
N ALA E 23 -2.36 2.45 -9.78
CA ALA E 23 -1.25 1.64 -10.25
C ALA E 23 -1.56 0.98 -11.59
N PRO E 24 -0.56 0.83 -12.47
CA PRO E 24 -0.84 0.20 -13.77
C PRO E 24 -1.52 -1.20 -13.72
N GLY E 25 -2.61 -1.33 -14.47
CA GLY E 25 -3.22 -2.63 -14.74
C GLY E 25 -4.38 -2.95 -13.84
N GLU E 26 -4.59 -2.07 -12.84
CA GLU E 26 -5.67 -2.14 -11.84
C GLU E 26 -6.94 -1.42 -12.24
N ARG E 27 -7.99 -1.76 -11.52
CA ARG E 27 -9.27 -1.19 -11.74
C ARG E 27 -9.41 0.07 -10.92
N ASP E 28 -9.90 1.13 -11.53
CA ASP E 28 -10.14 2.37 -10.83
C ASP E 28 -11.09 2.15 -9.65
N PHE E 29 -12.06 1.26 -9.88
CA PHE E 29 -13.07 0.86 -8.93
C PHE E 29 -12.47 0.24 -7.65
N ASP E 30 -11.25 -0.30 -7.78
CA ASP E 30 -10.55 -0.88 -6.61
C ASP E 30 -9.67 0.05 -5.87
N ARG E 31 -9.62 1.29 -6.31
CA ARG E 31 -8.75 2.30 -5.71
C ARG E 31 -9.16 2.62 -4.28
N GLY E 32 -8.29 2.32 -3.32
CA GLY E 32 -8.50 2.70 -1.92
C GLY E 32 -8.25 4.17 -1.60
N LEU E 33 -8.30 4.49 -0.30
CA LEU E 33 -7.89 5.82 0.22
C LEU E 33 -6.41 5.78 0.46
N ASN E 34 -5.80 6.95 0.40
CA ASN E 34 -4.42 7.05 0.77
C ASN E 34 -4.39 7.53 2.24
N GLU E 35 -3.20 7.61 2.86
CA GLU E 35 -3.20 7.91 4.29
C GLU E 35 -3.94 9.22 4.61
N ALA E 36 -3.77 10.24 3.78
CA ALA E 36 -4.45 11.53 3.92
C ALA E 36 -5.96 11.44 3.79
N GLY E 37 -6.46 10.66 2.83
CA GLY E 37 -7.85 10.26 2.75
C GLY E 37 -8.40 9.53 3.95
N PHE E 38 -7.69 8.52 4.43
CA PHE E 38 -8.15 7.78 5.63
C PHE E 38 -8.29 8.75 6.82
N ALA E 39 -7.26 9.58 7.01
CA ALA E 39 -7.24 10.63 8.03
C ALA E 39 -8.42 11.61 7.85
N GLU E 40 -8.58 12.12 6.63
CA GLU E 40 -9.77 12.96 6.29
C GLU E 40 -11.11 12.35 6.68
N ALA E 41 -11.37 11.11 6.22
CA ALA E 41 -12.61 10.38 6.53
C ALA E 41 -12.93 10.47 8.01
N GLU E 42 -12.08 9.84 8.82
CA GLU E 42 -12.23 9.84 10.25
C GLU E 42 -12.40 11.26 10.90
N ILE E 43 -11.59 12.26 10.53
CA ILE E 43 -11.74 13.59 11.17
C ILE E 43 -13.11 14.19 10.89
N ILE E 44 -13.56 14.10 9.64
CA ILE E 44 -14.88 14.60 9.28
C ILE E 44 -16.02 13.72 9.81
N ALA E 45 -15.93 12.39 9.71
CA ALA E 45 -16.90 11.51 10.44
C ALA E 45 -17.09 11.87 11.93
N ASP E 46 -15.99 12.09 12.66
N ASP E 46 -15.97 12.08 12.67
CA ASP E 46 -16.05 12.49 14.08
CA ASP E 46 -15.97 12.53 14.09
C ASP E 46 -16.69 13.85 14.28
C ASP E 46 -16.67 13.85 14.28
N LEU E 47 -16.25 14.86 13.52
CA LEU E 47 -16.83 16.20 13.60
C LEU E 47 -18.34 16.17 13.47
N ALA E 48 -18.85 15.41 12.49
CA ALA E 48 -20.29 15.16 12.28
C ALA E 48 -20.95 14.38 13.42
N ALA E 49 -20.20 13.65 14.20
CA ALA E 49 -20.86 12.88 15.25
C ALA E 49 -21.07 13.78 16.45
N ASP E 50 -20.11 14.69 16.66
CA ASP E 50 -20.28 15.78 17.62
C ASP E 50 -21.49 16.65 17.28
N ARG E 51 -21.71 16.91 15.99
CA ARG E 51 -22.82 17.76 15.57
C ARG E 51 -24.06 16.94 15.24
N ARG E 52 -24.06 15.67 15.65
CA ARG E 52 -25.28 14.84 15.72
C ARG E 52 -25.88 14.50 14.36
N TYR E 53 -25.05 14.58 13.33
CA TYR E 53 -25.48 14.44 11.95
C TYR E 53 -25.53 12.95 11.55
N ARG E 54 -26.42 12.19 12.20
CA ARG E 54 -26.58 10.76 11.99
C ARG E 54 -27.70 10.52 11.00
N PRO E 55 -27.35 9.99 9.83
CA PRO E 55 -28.43 9.83 8.86
C PRO E 55 -29.23 8.53 9.13
N ASP E 56 -30.53 8.52 8.80
CA ASP E 56 -31.31 7.30 8.99
C ASP E 56 -30.67 6.24 8.06
N LEU E 57 -30.61 6.62 6.78
CA LEU E 57 -30.15 5.78 5.71
C LEU E 57 -28.93 6.34 4.99
N ILE E 58 -28.02 5.46 4.61
CA ILE E 58 -26.84 5.72 3.75
C ILE E 58 -26.84 4.90 2.42
N LEU E 59 -26.65 5.61 1.32
CA LEU E 59 -26.59 5.05 -0.01
C LEU E 59 -25.32 5.51 -0.54
N SER E 60 -24.52 4.54 -0.84
CA SER E 60 -23.16 4.74 -1.22
C SER E 60 -22.78 3.90 -2.45
N SER E 61 -21.93 4.52 -3.25
CA SER E 61 -21.26 3.84 -4.32
C SER E 61 -20.39 2.66 -3.83
N THR E 62 -20.28 1.63 -4.65
CA THR E 62 -19.57 0.41 -4.38
C THR E 62 -18.07 0.51 -4.67
N ALA E 63 -17.60 1.59 -5.33
CA ALA E 63 -16.17 1.84 -5.46
C ALA E 63 -15.54 1.84 -4.07
N ALA E 64 -14.39 1.14 -3.93
CA ALA E 64 -13.67 0.94 -2.67
C ALA E 64 -13.60 2.16 -1.77
N ARG E 65 -13.29 3.30 -2.41
CA ARG E 65 -13.00 4.56 -1.76
C ARG E 65 -14.22 5.19 -1.11
N CYS E 66 -15.37 5.02 -1.74
CA CYS E 66 -16.67 5.36 -1.13
C CYS E 66 -16.94 4.44 0.05
N ARG E 67 -16.84 3.11 -0.13
CA ARG E 67 -16.92 2.10 0.97
C ARG E 67 -16.09 2.43 2.21
N GLN E 68 -14.82 2.73 2.03
CA GLN E 68 -13.93 3.09 3.15
C GLN E 68 -14.30 4.42 3.80
N THR E 69 -14.90 5.34 3.01
CA THR E 69 -15.38 6.61 3.51
C THR E 69 -16.62 6.40 4.39
N THR E 70 -17.45 5.47 3.96
CA THR E 70 -18.62 4.98 4.68
C THR E 70 -18.28 4.19 5.96
N GLN E 71 -17.20 3.42 5.95
CA GLN E 71 -16.77 2.71 7.13
C GLN E 71 -16.40 3.65 8.25
N ALA E 72 -15.73 4.77 7.96
CA ALA E 72 -15.38 5.81 9.00
C ALA E 72 -16.62 6.32 9.65
N TRP E 73 -17.63 6.57 8.83
CA TRP E 73 -18.89 7.00 9.38
C TRP E 73 -19.51 6.01 10.31
N GLN E 74 -19.52 4.75 9.92
CA GLN E 74 -19.91 3.59 10.74
C GLN E 74 -19.26 3.51 12.11
N ARG E 75 -17.95 3.76 12.14
CA ARG E 75 -17.09 3.70 13.30
C ARG E 75 -17.35 4.87 14.24
N ALA E 76 -17.55 6.04 13.63
CA ALA E 76 -17.80 7.30 14.34
C ALA E 76 -19.12 7.29 15.08
N PHE E 77 -20.18 6.90 14.38
CA PHE E 77 -21.49 6.73 14.98
C PHE E 77 -21.53 5.34 15.55
N GLY E 80 -25.16 1.13 13.48
CA GLY E 80 -26.59 1.40 13.69
C GLY E 80 -27.40 1.95 12.50
N ILE E 81 -26.67 2.31 11.45
CA ILE E 81 -27.23 2.93 10.27
C ILE E 81 -27.60 1.87 9.22
N ASP E 82 -28.77 2.06 8.61
CA ASP E 82 -29.10 1.45 7.33
C ASP E 82 -28.18 2.05 6.20
N ILE E 83 -27.28 1.18 5.71
CA ILE E 83 -26.26 1.37 4.69
C ILE E 83 -26.47 0.41 3.48
N VAL E 84 -26.73 0.98 2.30
CA VAL E 84 -27.06 0.21 1.09
C VAL E 84 -26.08 0.68 -0.01
N TYR E 85 -25.52 -0.29 -0.75
CA TYR E 85 -24.47 -0.05 -1.79
C TYR E 85 -25.15 -0.17 -3.13
N ILE E 86 -25.00 0.85 -3.97
CA ILE E 86 -25.52 0.81 -5.35
C ILE E 86 -24.35 1.07 -6.33
N ASP E 87 -24.03 0.06 -7.16
CA ASP E 87 -22.91 0.14 -8.11
C ASP E 87 -23.17 1.31 -9.03
N GLU E 88 -24.45 1.54 -9.32
CA GLU E 88 -24.85 2.61 -10.24
C GLU E 88 -24.75 4.05 -9.68
N MSE E 89 -24.13 4.21 -8.53
CA MSE E 89 -23.68 5.51 -8.07
C MSE E 89 -22.24 5.67 -8.47
O MSE E 89 -21.61 6.68 -8.16
CB MSE E 89 -23.80 5.61 -6.56
CG MSE E 89 -25.24 5.74 -6.13
SE MSE E 89 -25.46 5.94 -4.20
CE MSE E 89 -24.55 7.75 -3.98
N TYR E 90 -21.71 4.65 -9.13
CA TYR E 90 -20.34 4.68 -9.58
C TYR E 90 -20.33 5.06 -11.02
N ASN E 91 -19.82 6.26 -11.29
CA ASN E 91 -19.88 6.92 -12.61
C ASN E 91 -21.32 7.09 -13.10
N ALA E 92 -22.03 8.03 -12.46
CA ALA E 92 -23.47 8.28 -12.67
C ALA E 92 -23.76 9.73 -13.16
N ARG E 93 -25.03 10.03 -13.51
CA ARG E 93 -25.46 11.40 -13.80
C ARG E 93 -26.04 12.02 -12.53
N SER E 94 -26.06 13.35 -12.44
CA SER E 94 -26.66 14.00 -11.28
C SER E 94 -28.13 13.66 -11.12
N GLU E 95 -28.79 13.36 -12.23
CA GLU E 95 -30.18 12.93 -12.17
C GLU E 95 -30.38 11.69 -11.28
N THR E 96 -29.41 10.80 -11.31
CA THR E 96 -29.46 9.57 -10.54
C THR E 96 -29.46 9.83 -9.05
N TYR E 97 -28.66 10.82 -8.61
CA TYR E 97 -28.53 11.08 -7.16
C TYR E 97 -29.83 11.70 -6.62
N LEU E 98 -30.29 12.77 -7.27
CA LEU E 98 -31.59 13.34 -7.04
C LEU E 98 -32.72 12.31 -7.00
N SER E 99 -32.73 11.38 -7.95
CA SER E 99 -33.70 10.25 -8.04
C SER E 99 -33.72 9.42 -6.77
N LEU E 100 -32.54 8.98 -6.39
CA LEU E 100 -32.26 8.20 -5.18
C LEU E 100 -32.75 8.77 -3.84
N ILE E 101 -32.57 10.09 -3.66
CA ILE E 101 -33.06 10.86 -2.52
C ILE E 101 -34.59 11.00 -2.56
N ALA E 102 -35.10 11.42 -3.72
CA ALA E 102 -36.54 11.61 -3.86
C ALA E 102 -37.31 10.30 -3.59
N ALA E 103 -36.77 9.16 -4.07
CA ALA E 103 -37.43 7.88 -3.88
C ALA E 103 -37.63 7.41 -2.44
N GLN E 104 -36.81 7.89 -1.51
CA GLN E 104 -36.81 7.39 -0.11
C GLN E 104 -37.88 8.07 0.75
N THR E 105 -39.15 7.79 0.41
CA THR E 105 -40.31 8.60 0.82
C THR E 105 -40.72 8.56 2.27
N GLU E 106 -40.27 7.52 2.95
N GLU E 106 -40.35 7.51 2.99
CA GLU E 106 -40.71 7.24 4.31
CA GLU E 106 -40.74 7.43 4.39
C GLU E 106 -39.51 7.30 5.24
C GLU E 106 -39.53 7.37 5.28
N VAL E 107 -38.45 7.97 4.79
CA VAL E 107 -37.17 8.06 5.48
C VAL E 107 -36.85 9.52 5.74
N GLN E 108 -36.62 9.85 6.99
CA GLN E 108 -36.49 11.25 7.35
C GLN E 108 -35.17 11.88 6.89
N SER E 109 -34.05 11.27 7.28
CA SER E 109 -32.74 11.66 6.81
C SER E 109 -31.99 10.60 5.93
N VAL E 110 -31.41 11.05 4.82
CA VAL E 110 -30.76 10.13 3.89
C VAL E 110 -29.42 10.71 3.63
N MSE E 111 -28.41 9.85 3.52
CA MSE E 111 -27.07 10.26 3.16
C MSE E 111 -26.57 9.62 1.84
O MSE E 111 -26.61 8.38 1.66
CB MSE E 111 -26.06 10.04 4.29
CG MSE E 111 -24.65 10.39 3.88
SE MSE E 111 -23.27 10.59 5.28
CE MSE E 111 -22.51 8.80 5.18
N LEU E 112 -26.03 10.45 0.97
CA LEU E 112 -25.38 9.98 -0.26
C LEU E 112 -23.87 10.01 -0.14
N VAL E 113 -23.23 8.86 -0.36
CA VAL E 113 -21.78 8.76 -0.63
C VAL E 113 -21.38 8.41 -2.11
N GLY E 114 -20.68 9.33 -2.76
CA GLY E 114 -20.30 9.23 -4.15
C GLY E 114 -19.22 10.18 -4.66
N HIS E 115 -19.24 10.34 -5.97
CA HIS E 115 -18.14 10.86 -6.74
C HIS E 115 -18.48 12.20 -7.33
N ASN E 116 -17.50 13.05 -7.51
CA ASN E 116 -17.64 14.16 -8.44
C ASN E 116 -17.50 13.61 -9.86
N PRO E 117 -18.16 14.24 -10.87
CA PRO E 117 -18.93 15.50 -10.90
C PRO E 117 -20.38 15.42 -10.40
N THR E 118 -20.89 14.20 -10.26
N THR E 118 -20.89 14.20 -10.25
CA THR E 118 -22.28 13.94 -9.89
CA THR E 118 -22.27 13.93 -9.89
C THR E 118 -22.70 14.63 -8.60
C THR E 118 -22.70 14.61 -8.60
N MSE E 119 -21.85 14.55 -7.58
CA MSE E 119 -22.14 15.16 -6.27
C MSE E 119 -22.23 16.66 -6.44
O MSE E 119 -23.32 17.22 -6.30
CB MSE E 119 -21.16 14.74 -5.17
CG MSE E 119 -21.73 14.90 -3.71
SE MSE E 119 -23.20 13.66 -3.27
CE MSE E 119 -22.06 12.18 -2.78
N GLU E 120 -21.14 17.27 -6.89
CA GLU E 120 -21.19 18.70 -7.30
C GLU E 120 -22.47 19.12 -8.07
N ALA E 121 -22.92 18.31 -9.04
CA ALA E 121 -24.08 18.72 -9.89
C ALA E 121 -25.37 18.42 -9.22
N THR E 122 -25.30 17.55 -8.23
CA THR E 122 -26.41 17.32 -7.34
C THR E 122 -26.68 18.50 -6.41
N LEU E 123 -25.65 19.14 -5.90
CA LEU E 123 -25.80 20.14 -4.88
C LEU E 123 -26.37 21.38 -5.55
N GLU E 124 -25.86 21.55 -6.77
CA GLU E 124 -26.17 22.60 -7.65
C GLU E 124 -27.60 22.50 -8.11
N ALA E 125 -28.19 21.31 -8.15
CA ALA E 125 -29.60 21.24 -8.56
C ALA E 125 -30.50 21.75 -7.45
N MSE E 126 -30.04 21.54 -6.23
CA MSE E 126 -30.78 21.88 -5.05
C MSE E 126 -30.53 23.24 -4.32
O MSE E 126 -31.26 23.63 -3.47
CB MSE E 126 -30.90 20.67 -4.11
CG MSE E 126 -29.62 19.92 -3.66
SE MSE E 126 -29.82 18.02 -3.11
CE MSE E 126 -31.29 17.76 -4.15
N ILE E 127 -29.48 23.95 -4.62
CA ILE E 127 -29.25 25.17 -3.83
C ILE E 127 -29.09 26.34 -4.78
N GLY E 128 -28.87 26.01 -6.06
CA GLY E 128 -28.68 26.97 -7.13
C GLY E 128 -27.24 27.19 -7.50
N GLU E 129 -27.06 27.53 -8.79
CA GLU E 129 -25.75 27.82 -9.43
C GLU E 129 -24.89 28.82 -8.63
N ASP E 130 -25.54 29.90 -8.22
CA ASP E 130 -24.93 31.01 -7.52
C ASP E 130 -24.51 30.71 -6.08
N LEU E 131 -25.42 30.15 -5.27
CA LEU E 131 -25.10 29.68 -3.91
C LEU E 131 -24.07 28.52 -3.89
N LEU E 132 -24.00 27.76 -4.99
CA LEU E 132 -22.95 26.76 -5.15
C LEU E 132 -21.59 27.46 -5.33
N HIS E 133 -21.41 28.17 -6.44
CA HIS E 133 -20.13 28.82 -6.69
C HIS E 133 -19.78 29.77 -5.55
N ALA E 134 -20.81 30.32 -4.92
CA ALA E 134 -20.69 31.05 -3.66
C ALA E 134 -20.00 30.26 -2.58
N ALA E 135 -20.71 29.28 -2.02
CA ALA E 135 -20.20 28.46 -0.92
C ALA E 135 -18.90 27.71 -1.26
N LEU E 136 -18.78 27.26 -2.50
N LEU E 136 -18.80 27.22 -2.50
CA LEU E 136 -17.58 26.52 -2.93
CA LEU E 136 -17.57 26.55 -2.95
C LEU E 136 -16.84 27.21 -4.09
C LEU E 136 -16.87 27.27 -4.10
N PRO E 137 -15.86 28.08 -3.76
CA PRO E 137 -15.04 28.77 -4.75
C PRO E 137 -14.27 27.75 -5.58
N SER E 138 -13.54 26.86 -4.92
CA SER E 138 -12.75 25.86 -5.63
C SER E 138 -13.39 24.46 -5.61
N GLY E 139 -14.71 24.42 -5.76
CA GLY E 139 -15.46 23.16 -5.79
C GLY E 139 -15.70 22.36 -4.52
N PHE E 140 -16.30 21.21 -4.73
CA PHE E 140 -16.66 20.25 -3.71
C PHE E 140 -15.46 19.32 -3.34
N PRO E 141 -14.94 19.43 -2.11
CA PRO E 141 -13.69 18.77 -1.74
C PRO E 141 -13.89 17.31 -1.39
N THR E 142 -12.82 16.54 -1.45
CA THR E 142 -12.93 15.14 -1.07
C THR E 142 -13.27 15.14 0.44
N SER E 143 -14.17 14.24 0.86
CA SER E 143 -14.77 14.18 2.18
C SER E 143 -15.49 15.44 2.68
N GLY E 144 -16.05 16.21 1.76
CA GLY E 144 -16.87 17.33 2.11
C GLY E 144 -18.28 16.85 2.35
N LEU E 145 -18.81 17.31 3.48
CA LEU E 145 -20.18 17.01 3.85
C LEU E 145 -21.06 18.23 3.73
N ALA E 146 -21.93 18.19 2.74
CA ALA E 146 -23.03 19.11 2.68
C ALA E 146 -24.20 18.63 3.58
N VAL E 147 -24.65 19.52 4.48
CA VAL E 147 -25.87 19.34 5.26
C VAL E 147 -27.05 20.23 4.80
N LEU E 148 -28.07 19.56 4.28
CA LEU E 148 -29.21 20.23 3.65
C LEU E 148 -30.52 19.99 4.38
N ASP E 149 -31.37 21.01 4.36
CA ASP E 149 -32.65 20.99 5.02
C ASP E 149 -33.71 21.44 4.08
N GLN E 150 -34.81 20.68 4.03
CA GLN E 150 -35.94 21.03 3.19
C GLN E 150 -36.41 22.45 3.50
N ASP E 151 -36.95 23.10 2.47
CA ASP E 151 -37.19 24.53 2.40
C ASP E 151 -38.43 24.70 1.53
N ARG E 160 -38.17 23.67 -1.68
CA ARG E 160 -36.80 23.78 -2.16
C ARG E 160 -35.82 23.26 -1.10
N TRP E 161 -34.57 23.71 -1.20
CA TRP E 161 -33.53 23.26 -0.28
C TRP E 161 -32.67 24.38 0.33
N ARG E 162 -32.41 24.25 1.63
N ARG E 162 -32.43 24.27 1.64
CA ARG E 162 -31.49 25.12 2.32
CA ARG E 162 -31.45 25.13 2.26
C ARG E 162 -30.17 24.38 2.68
C ARG E 162 -30.17 24.38 2.64
N LEU E 163 -29.05 25.09 2.58
CA LEU E 163 -27.78 24.57 3.08
C LEU E 163 -27.53 25.03 4.51
N ILE E 164 -27.62 24.10 5.46
CA ILE E 164 -27.32 24.38 6.86
C ILE E 164 -25.82 24.54 7.06
N ASP E 165 -25.05 23.58 6.57
CA ASP E 165 -23.64 23.45 6.93
C ASP E 165 -22.82 22.89 5.79
N PHE E 166 -21.51 23.11 5.83
CA PHE E 166 -20.57 22.32 5.06
C PHE E 166 -19.34 21.96 5.90
N LEU E 167 -19.29 20.71 6.36
CA LEU E 167 -18.07 20.16 6.95
C LEU E 167 -17.07 19.81 5.83
N ALA E 168 -15.92 20.49 5.82
CA ALA E 168 -14.86 20.23 4.86
C ALA E 168 -13.50 20.21 5.54
N PRO E 169 -12.61 19.28 5.12
CA PRO E 169 -11.28 19.17 5.72
C PRO E 169 -10.34 20.36 5.41
N GLY E 170 -10.39 20.81 4.14
CA GLY E 170 -9.28 21.49 3.49
C GLY E 170 -8.43 20.54 2.61
N SER F 6 -18.67 -14.56 2.43
CA SER F 6 -19.60 -13.84 1.48
C SER F 6 -21.08 -13.76 1.92
N PHE F 7 -21.53 -12.57 2.33
CA PHE F 7 -22.95 -12.26 2.45
C PHE F 7 -23.32 -11.54 1.11
N PRO F 8 -24.60 -11.56 0.66
CA PRO F 8 -25.81 -12.16 1.22
C PRO F 8 -25.79 -13.67 1.03
N THR F 9 -26.26 -14.42 2.02
CA THR F 9 -26.36 -15.87 1.87
C THR F 9 -27.76 -16.37 1.39
N ARG F 10 -28.73 -15.50 1.41
CA ARG F 10 -30.07 -15.81 0.94
C ARG F 10 -30.55 -14.70 0.02
N VAL F 11 -31.22 -15.07 -1.08
CA VAL F 11 -31.78 -14.10 -2.01
C VAL F 11 -33.23 -14.43 -2.28
N TYR F 12 -34.10 -13.40 -2.22
CA TYR F 12 -35.49 -13.51 -2.66
C TYR F 12 -35.70 -12.66 -3.88
N LEU F 13 -36.41 -13.17 -4.86
CA LEU F 13 -36.65 -12.44 -6.12
C LEU F 13 -38.13 -12.46 -6.23
N LEU F 14 -38.72 -11.27 -6.17
CA LEU F 14 -40.14 -11.11 -6.21
C LEU F 14 -40.53 -10.24 -7.42
N ARG F 15 -41.30 -10.80 -8.36
CA ARG F 15 -41.89 -10.00 -9.44
C ARG F 15 -43.15 -9.31 -8.88
N HIS F 16 -43.36 -8.07 -9.26
CA HIS F 16 -44.57 -7.34 -8.85
C HIS F 16 -45.84 -8.17 -9.09
N ALA F 17 -46.85 -7.88 -8.29
CA ALA F 17 -48.20 -8.32 -8.57
C ALA F 17 -48.70 -7.76 -9.90
N LYS F 18 -49.67 -8.49 -10.47
CA LYS F 18 -50.47 -8.04 -11.60
C LYS F 18 -51.15 -6.72 -11.25
N ALA F 19 -51.19 -5.85 -12.23
CA ALA F 19 -51.74 -4.54 -12.02
C ALA F 19 -52.87 -4.39 -13.01
N ALA F 20 -53.55 -3.25 -12.94
CA ALA F 20 -54.59 -2.89 -13.88
C ALA F 20 -54.00 -2.52 -15.24
N ASP F 28 -47.75 3.40 -17.71
CA ASP F 28 -46.86 2.30 -17.38
C ASP F 28 -46.32 2.43 -15.93
N PHE F 29 -45.35 3.31 -15.71
CA PHE F 29 -44.83 3.62 -14.37
C PHE F 29 -45.91 3.89 -13.30
N ASP F 30 -46.92 4.69 -13.63
CA ASP F 30 -47.99 5.05 -12.68
C ASP F 30 -49.07 3.95 -12.46
N ARG F 31 -48.99 2.89 -13.25
CA ARG F 31 -50.04 1.88 -13.28
C ARG F 31 -50.00 1.01 -12.03
N GLY F 32 -51.10 1.02 -11.28
CA GLY F 32 -51.15 0.39 -9.98
C GLY F 32 -51.77 -0.99 -10.02
N LEU F 33 -51.92 -1.61 -8.86
CA LEU F 33 -52.49 -2.94 -8.76
C LEU F 33 -54.01 -2.90 -8.92
N ASN F 34 -54.58 -3.93 -9.55
CA ASN F 34 -56.01 -4.17 -9.48
C ASN F 34 -56.41 -4.96 -8.25
N GLU F 35 -57.68 -5.34 -8.18
CA GLU F 35 -58.24 -5.95 -6.97
C GLU F 35 -57.81 -7.40 -6.85
N ALA F 36 -57.63 -8.07 -7.98
CA ALA F 36 -56.93 -9.34 -8.02
C ALA F 36 -55.53 -9.24 -7.42
N GLY F 37 -54.91 -8.07 -7.59
CA GLY F 37 -53.47 -7.96 -7.50
C GLY F 37 -52.99 -7.66 -6.10
N PHE F 38 -53.68 -6.75 -5.42
CA PHE F 38 -53.39 -6.45 -4.02
C PHE F 38 -53.37 -7.72 -3.18
N ALA F 39 -54.45 -8.49 -3.25
CA ALA F 39 -54.63 -9.64 -2.40
C ALA F 39 -53.67 -10.77 -2.75
N GLU F 40 -53.25 -10.85 -4.01
CA GLU F 40 -52.31 -11.88 -4.44
C GLU F 40 -50.88 -11.58 -3.92
N ALA F 41 -50.49 -10.31 -4.01
CA ALA F 41 -49.38 -9.81 -3.22
C ALA F 41 -49.53 -10.15 -1.73
N GLU F 42 -50.63 -9.70 -1.12
CA GLU F 42 -50.98 -10.03 0.27
C GLU F 42 -50.84 -11.52 0.62
N ILE F 43 -51.33 -12.42 -0.24
CA ILE F 43 -51.08 -13.87 -0.10
C ILE F 43 -49.61 -14.31 -0.08
N ILE F 44 -48.85 -14.06 -1.16
CA ILE F 44 -47.39 -14.38 -1.24
C ILE F 44 -46.61 -13.90 0.00
N ALA F 45 -46.93 -12.70 0.48
CA ALA F 45 -46.36 -12.17 1.74
C ALA F 45 -46.74 -12.97 2.98
N ASP F 46 -47.99 -13.43 3.01
CA ASP F 46 -48.51 -14.21 4.11
C ASP F 46 -47.71 -15.50 4.18
N LEU F 47 -47.71 -16.25 3.07
CA LEU F 47 -46.98 -17.51 2.89
C LEU F 47 -45.46 -17.44 3.16
N ALA F 48 -44.82 -16.36 2.68
CA ALA F 48 -43.44 -16.03 3.04
C ALA F 48 -43.26 -15.90 4.56
N ALA F 49 -44.31 -15.39 5.20
CA ALA F 49 -44.29 -15.08 6.63
C ALA F 49 -44.57 -16.32 7.46
N ASP F 50 -45.12 -17.34 6.83
CA ASP F 50 -45.37 -18.61 7.50
C ASP F 50 -44.05 -19.38 7.47
N ARG F 51 -43.29 -19.13 6.42
CA ARG F 51 -42.06 -19.83 6.14
C ARG F 51 -40.83 -19.07 6.62
N ARG F 52 -41.06 -17.87 7.20
CA ARG F 52 -40.02 -16.97 7.70
C ARG F 52 -38.97 -16.65 6.66
N TYR F 53 -39.45 -16.39 5.45
CA TYR F 53 -38.70 -15.80 4.37
C TYR F 53 -38.64 -14.30 4.60
N ARG F 54 -37.89 -13.90 5.62
CA ARG F 54 -37.81 -12.52 6.01
C ARG F 54 -36.53 -11.78 5.60
N PRO F 55 -36.58 -10.98 4.50
CA PRO F 55 -35.32 -10.29 4.11
C PRO F 55 -34.93 -9.15 5.07
N ASP F 56 -33.62 -8.94 5.19
CA ASP F 56 -33.09 -7.86 5.98
C ASP F 56 -33.26 -6.57 5.19
N LEU F 57 -33.27 -6.69 3.88
CA LEU F 57 -33.30 -5.59 2.98
C LEU F 57 -34.18 -5.93 1.83
N ILE F 58 -35.15 -5.09 1.52
CA ILE F 58 -35.79 -5.10 0.22
C ILE F 58 -35.30 -3.96 -0.66
N LEU F 59 -34.79 -4.30 -1.84
CA LEU F 59 -34.58 -3.32 -2.89
C LEU F 59 -35.71 -3.37 -3.92
N SER F 60 -36.30 -2.21 -4.18
CA SER F 60 -37.58 -2.15 -4.87
C SER F 60 -37.54 -1.13 -6.00
N SER F 61 -38.07 -1.51 -7.16
CA SER F 61 -38.45 -0.55 -8.19
C SER F 61 -39.36 0.54 -7.61
N THR F 62 -39.32 1.71 -8.23
CA THR F 62 -40.11 2.84 -7.78
C THR F 62 -41.50 2.87 -8.43
N ALA F 63 -41.72 1.93 -9.35
CA ALA F 63 -43.00 1.81 -10.04
C ALA F 63 -44.12 1.52 -9.07
N ALA F 64 -45.34 1.96 -9.41
CA ALA F 64 -46.46 1.91 -8.49
C ALA F 64 -46.80 0.47 -8.10
N ARG F 65 -46.84 -0.41 -9.09
CA ARG F 65 -47.16 -1.81 -8.86
C ARG F 65 -46.12 -2.48 -7.97
N CYS F 66 -44.84 -2.19 -8.25
CA CYS F 66 -43.73 -2.63 -7.36
C CYS F 66 -43.79 -2.03 -5.93
N ARG F 67 -43.99 -0.72 -5.82
CA ARG F 67 -44.19 -0.05 -4.54
C ARG F 67 -45.33 -0.71 -3.77
N GLN F 68 -46.46 -0.91 -4.42
CA GLN F 68 -47.65 -1.47 -3.77
C GLN F 68 -47.50 -2.96 -3.48
N THR F 69 -46.68 -3.63 -4.26
CA THR F 69 -46.36 -5.03 -3.92
C THR F 69 -45.57 -5.07 -2.61
N THR F 70 -44.75 -4.06 -2.38
CA THR F 70 -43.80 -4.06 -1.27
C THR F 70 -44.51 -3.78 0.04
N GLN F 71 -45.54 -2.93 -0.03
CA GLN F 71 -46.28 -2.51 1.14
C GLN F 71 -46.88 -3.74 1.83
N ALA F 72 -47.21 -4.75 1.03
CA ALA F 72 -47.73 -6.03 1.54
C ALA F 72 -46.73 -6.71 2.49
N TRP F 73 -45.45 -6.65 2.15
CA TRP F 73 -44.41 -7.24 2.96
C TRP F 73 -44.22 -6.53 4.29
N GLN F 74 -44.35 -5.20 4.24
CA GLN F 74 -44.34 -4.36 5.43
C GLN F 74 -45.48 -4.71 6.39
N ARG F 75 -46.58 -5.24 5.82
CA ARG F 75 -47.82 -5.56 6.53
C ARG F 75 -47.75 -6.92 7.17
N ALA F 76 -46.87 -7.76 6.64
CA ALA F 76 -46.81 -9.15 7.00
C ALA F 76 -45.72 -9.32 8.04
N PHE F 77 -44.83 -8.34 8.10
CA PHE F 77 -43.66 -8.42 8.96
C PHE F 77 -43.57 -7.16 9.81
N GLY F 80 -40.10 -4.49 10.41
CA GLY F 80 -38.72 -4.28 10.85
C GLY F 80 -37.78 -4.14 9.67
N ILE F 81 -38.34 -4.33 8.47
CA ILE F 81 -37.56 -4.55 7.22
C ILE F 81 -37.02 -3.30 6.44
N ASP F 82 -35.72 -3.09 6.49
CA ASP F 82 -35.07 -2.08 5.67
C ASP F 82 -35.60 -2.14 4.22
N ILE F 83 -36.06 -0.98 3.74
CA ILE F 83 -36.72 -0.84 2.41
C ILE F 83 -36.26 0.41 1.70
N VAL F 84 -35.56 0.22 0.59
CA VAL F 84 -35.04 1.32 -0.19
C VAL F 84 -35.55 1.34 -1.68
N TYR F 85 -35.85 2.53 -2.22
CA TYR F 85 -36.37 2.57 -3.61
C TYR F 85 -35.38 3.00 -4.68
N ILE F 86 -35.41 2.26 -5.78
CA ILE F 86 -34.37 2.33 -6.82
C ILE F 86 -35.01 2.44 -8.17
N ASP F 87 -34.99 3.67 -8.69
CA ASP F 87 -35.69 4.04 -9.90
C ASP F 87 -35.07 3.33 -11.09
N GLU F 88 -33.71 3.16 -11.08
CA GLU F 88 -32.95 2.49 -12.17
C GLU F 88 -33.31 1.01 -12.29
N MSE F 89 -34.15 0.51 -11.37
CA MSE F 89 -34.69 -0.86 -11.43
C MSE F 89 -35.94 -0.93 -12.31
O MSE F 89 -36.34 -2.01 -12.79
CB MSE F 89 -35.03 -1.37 -10.02
CG MSE F 89 -33.86 -1.59 -9.07
SE MSE F 89 -34.45 -2.39 -7.35
CE MSE F 89 -34.74 -4.21 -7.96
N TYR F 90 -36.62 0.21 -12.49
CA TYR F 90 -37.66 0.30 -13.48
C TYR F 90 -37.01 0.46 -14.85
N ASN F 91 -37.41 -0.38 -15.79
CA ASN F 91 -36.80 -0.37 -17.12
C ASN F 91 -35.29 -0.24 -17.03
N ALA F 92 -34.64 -1.30 -16.58
CA ALA F 92 -33.20 -1.20 -16.28
C ALA F 92 -32.29 -1.09 -17.51
N ARG F 93 -31.12 -0.50 -17.32
CA ARG F 93 -30.10 -0.48 -18.35
C ARG F 93 -29.37 -1.80 -18.28
N SER F 94 -29.60 -2.50 -17.17
CA SER F 94 -28.95 -3.75 -16.83
C SER F 94 -29.69 -4.92 -17.40
N GLU F 95 -28.94 -5.89 -17.93
CA GLU F 95 -29.50 -7.19 -18.22
C GLU F 95 -30.08 -7.88 -16.97
N THR F 96 -29.37 -7.74 -15.86
CA THR F 96 -29.62 -8.48 -14.63
C THR F 96 -29.63 -7.55 -13.44
N TYR F 97 -30.19 -7.98 -12.30
CA TYR F 97 -30.06 -7.31 -10.97
C TYR F 97 -28.88 -7.86 -10.16
N LEU F 98 -28.02 -8.65 -10.76
CA LEU F 98 -26.94 -9.24 -10.01
C LEU F 98 -26.21 -8.31 -9.05
N SER F 99 -25.82 -7.15 -9.51
CA SER F 99 -24.86 -6.36 -8.78
C SER F 99 -25.50 -5.69 -7.59
N LEU F 100 -26.83 -5.46 -7.66
CA LEU F 100 -27.58 -5.01 -6.50
C LEU F 100 -27.48 -5.98 -5.32
N ILE F 101 -27.44 -7.30 -5.63
CA ILE F 101 -27.43 -8.34 -4.64
C ILE F 101 -26.07 -8.33 -4.03
N ALA F 102 -25.11 -8.56 -4.93
CA ALA F 102 -23.76 -8.87 -4.61
C ALA F 102 -23.12 -7.76 -3.85
N ALA F 103 -23.53 -6.53 -4.08
CA ALA F 103 -23.01 -5.41 -3.35
C ALA F 103 -23.43 -5.30 -1.89
N GLN F 104 -24.40 -6.07 -1.40
CA GLN F 104 -24.86 -5.84 -0.03
C GLN F 104 -24.13 -6.78 0.91
N THR F 105 -22.90 -6.38 1.22
N THR F 105 -22.86 -6.45 1.19
CA THR F 105 -21.85 -7.26 1.74
CA THR F 105 -21.85 -7.42 1.64
C THR F 105 -21.94 -7.46 3.26
C THR F 105 -21.87 -7.73 3.13
N GLU F 106 -22.81 -6.68 3.91
N GLU F 106 -22.75 -7.04 3.84
CA GLU F 106 -23.03 -6.80 5.35
CA GLU F 106 -22.91 -7.20 5.29
C GLU F 106 -24.50 -7.13 5.68
C GLU F 106 -24.31 -7.71 5.62
N VAL F 107 -25.24 -7.56 4.67
CA VAL F 107 -26.60 -7.98 4.85
C VAL F 107 -26.68 -9.51 4.63
N GLN F 108 -27.30 -10.21 5.54
CA GLN F 108 -27.27 -11.64 5.36
C GLN F 108 -28.28 -12.06 4.31
N SER F 109 -29.42 -11.39 4.25
CA SER F 109 -30.39 -11.63 3.18
C SER F 109 -31.05 -10.41 2.55
N VAL F 110 -31.24 -10.49 1.24
CA VAL F 110 -31.77 -9.38 0.44
C VAL F 110 -32.85 -9.83 -0.55
N MSE F 111 -33.89 -9.03 -0.71
CA MSE F 111 -34.90 -9.30 -1.71
C MSE F 111 -34.96 -8.13 -2.71
O MSE F 111 -34.76 -6.99 -2.32
CB MSE F 111 -36.25 -9.55 -1.03
CG MSE F 111 -37.46 -9.35 -1.89
SE MSE F 111 -39.07 -10.08 -1.02
CE MSE F 111 -40.13 -8.43 -0.96
N LEU F 112 -35.21 -8.45 -3.99
CA LEU F 112 -35.58 -7.43 -5.01
C LEU F 112 -37.02 -7.58 -5.53
N VAL F 113 -37.71 -6.44 -5.52
CA VAL F 113 -38.98 -6.32 -6.24
C VAL F 113 -38.77 -5.56 -7.54
N GLY F 114 -38.81 -6.29 -8.65
CA GLY F 114 -38.75 -5.65 -9.96
C GLY F 114 -39.52 -6.24 -11.12
N HIS F 115 -38.95 -6.03 -12.30
CA HIS F 115 -39.64 -6.21 -13.58
C HIS F 115 -39.03 -7.30 -14.40
N ASN F 116 -39.80 -7.81 -15.35
CA ASN F 116 -39.18 -8.50 -16.48
C ASN F 116 -38.79 -7.48 -17.55
N PRO F 117 -37.80 -7.83 -18.40
CA PRO F 117 -37.07 -9.08 -18.51
C PRO F 117 -36.02 -9.36 -17.42
N THR F 118 -35.74 -8.35 -16.62
CA THR F 118 -34.59 -8.35 -15.71
C THR F 118 -34.70 -9.35 -14.57
N MSE F 119 -35.89 -9.45 -13.96
CA MSE F 119 -36.14 -10.41 -12.89
C MSE F 119 -35.77 -11.78 -13.43
O MSE F 119 -34.85 -12.38 -12.92
CB MSE F 119 -37.58 -10.32 -12.39
CG MSE F 119 -37.84 -10.57 -10.88
SE MSE F 119 -36.44 -10.13 -9.56
CE MSE F 119 -37.04 -8.41 -9.05
N GLU F 120 -36.45 -12.20 -14.50
CA GLU F 120 -36.28 -13.52 -15.16
C GLU F 120 -34.81 -13.78 -15.49
N ALA F 121 -34.16 -12.78 -16.04
CA ALA F 121 -32.75 -12.85 -16.36
C ALA F 121 -31.84 -12.90 -15.13
N THR F 122 -32.25 -12.35 -14.00
CA THR F 122 -31.45 -12.48 -12.79
C THR F 122 -31.53 -13.92 -12.37
N LEU F 123 -32.72 -14.47 -12.39
CA LEU F 123 -32.82 -15.83 -11.98
C LEU F 123 -31.91 -16.71 -12.82
N GLU F 124 -32.05 -16.54 -14.13
CA GLU F 124 -31.47 -17.43 -15.10
C GLU F 124 -29.93 -17.50 -14.93
N ALA F 125 -29.32 -16.34 -14.72
CA ALA F 125 -27.88 -16.23 -14.53
C ALA F 125 -27.40 -16.94 -13.26
N MSE F 126 -28.23 -16.88 -12.21
CA MSE F 126 -28.03 -17.59 -10.94
C MSE F 126 -28.26 -19.12 -10.97
O MSE F 126 -27.61 -19.84 -10.22
CB MSE F 126 -28.95 -17.03 -9.89
CG MSE F 126 -28.90 -15.50 -9.72
SE MSE F 126 -30.02 -14.93 -8.24
CE MSE F 126 -28.86 -15.20 -6.73
N ILE F 127 -29.19 -19.62 -11.78
CA ILE F 127 -29.47 -21.09 -11.74
C ILE F 127 -29.23 -21.94 -13.01
N GLY F 128 -29.28 -21.27 -14.17
CA GLY F 128 -29.13 -21.93 -15.46
C GLY F 128 -30.44 -22.05 -16.21
N GLU F 129 -30.36 -22.11 -17.55
CA GLU F 129 -31.58 -22.09 -18.35
C GLU F 129 -32.46 -23.33 -18.26
N ASP F 130 -31.85 -24.53 -18.34
CA ASP F 130 -32.58 -25.80 -18.13
C ASP F 130 -33.33 -25.88 -16.74
N LEU F 131 -32.70 -25.35 -15.69
CA LEU F 131 -33.30 -25.28 -14.35
C LEU F 131 -34.42 -24.22 -14.30
N LEU F 132 -34.21 -23.12 -15.03
CA LEU F 132 -35.22 -22.08 -15.23
C LEU F 132 -36.40 -22.56 -16.10
N HIS F 133 -36.11 -23.32 -17.16
N HIS F 133 -36.10 -23.31 -17.16
CA HIS F 133 -37.18 -23.82 -18.02
CA HIS F 133 -37.12 -23.89 -18.01
C HIS F 133 -38.06 -24.84 -17.28
C HIS F 133 -38.04 -24.78 -17.21
N ALA F 134 -37.44 -25.73 -16.51
CA ALA F 134 -38.17 -26.79 -15.80
C ALA F 134 -39.08 -26.28 -14.68
N ALA F 135 -38.51 -25.43 -13.84
CA ALA F 135 -39.24 -24.88 -12.73
C ALA F 135 -40.31 -23.92 -13.27
N LEU F 136 -39.93 -23.10 -14.26
CA LEU F 136 -40.79 -22.02 -14.74
C LEU F 136 -41.17 -22.22 -16.20
N PRO F 137 -42.26 -22.95 -16.43
CA PRO F 137 -42.68 -23.30 -17.79
C PRO F 137 -42.90 -22.06 -18.66
N SER F 138 -43.73 -21.15 -18.18
CA SER F 138 -44.06 -19.94 -18.94
C SER F 138 -43.55 -18.69 -18.25
N GLY F 139 -42.36 -18.79 -17.68
CA GLY F 139 -41.60 -17.62 -17.28
C GLY F 139 -41.86 -17.21 -15.85
N PHE F 140 -41.02 -16.32 -15.33
CA PHE F 140 -41.31 -15.64 -14.06
C PHE F 140 -42.67 -14.94 -14.11
N PRO F 141 -43.60 -15.42 -13.29
CA PRO F 141 -44.95 -14.87 -13.27
C PRO F 141 -45.06 -13.66 -12.35
N THR F 142 -46.15 -12.92 -12.46
CA THR F 142 -46.42 -11.83 -11.54
C THR F 142 -46.57 -12.43 -10.17
N SER F 143 -46.00 -11.75 -9.18
CA SER F 143 -46.15 -12.12 -7.79
C SER F 143 -45.35 -13.36 -7.45
N GLY F 144 -44.61 -13.91 -8.40
CA GLY F 144 -43.77 -15.10 -8.17
C GLY F 144 -42.56 -14.82 -7.30
N LEU F 145 -42.34 -15.69 -6.32
CA LEU F 145 -41.23 -15.50 -5.38
C LEU F 145 -40.23 -16.61 -5.46
N ALA F 146 -38.99 -16.23 -5.76
CA ALA F 146 -37.93 -17.20 -5.88
C ALA F 146 -37.01 -17.08 -4.67
N VAL F 147 -36.56 -18.25 -4.16
CA VAL F 147 -35.74 -18.38 -2.97
C VAL F 147 -34.48 -19.16 -3.26
N LEU F 148 -33.35 -18.48 -3.15
CA LEU F 148 -32.04 -19.00 -3.47
C LEU F 148 -31.09 -18.96 -2.29
N ASP F 149 -30.32 -20.01 -2.13
CA ASP F 149 -29.25 -20.01 -1.16
C ASP F 149 -28.02 -20.38 -1.88
N GLN F 150 -26.89 -19.97 -1.32
CA GLN F 150 -25.60 -20.54 -1.72
C GLN F 150 -25.52 -22.01 -1.31
N ASP F 151 -24.81 -22.82 -2.11
CA ASP F 151 -24.40 -24.16 -1.67
C ASP F 151 -23.18 -24.08 -0.75
N ASN F 159 -19.55 -23.89 -4.17
CA ASN F 159 -20.38 -22.76 -3.78
C ASN F 159 -20.86 -21.96 -5.00
N ARG F 160 -22.19 -21.84 -5.08
CA ARG F 160 -22.98 -21.46 -6.26
C ARG F 160 -24.42 -21.15 -5.78
N TRP F 161 -25.29 -20.60 -6.65
CA TRP F 161 -26.69 -20.37 -6.28
C TRP F 161 -27.56 -21.60 -6.41
N ARG F 162 -28.50 -21.77 -5.49
CA ARG F 162 -29.44 -22.88 -5.56
C ARG F 162 -30.87 -22.41 -5.24
N LEU F 163 -31.81 -22.79 -6.10
CA LEU F 163 -33.22 -22.48 -5.87
C LEU F 163 -33.85 -23.48 -4.90
N ILE F 164 -34.37 -22.97 -3.79
CA ILE F 164 -34.75 -23.83 -2.67
C ILE F 164 -36.25 -23.74 -2.40
N ASP F 165 -36.87 -22.70 -2.93
CA ASP F 165 -38.33 -22.66 -3.05
C ASP F 165 -38.77 -21.76 -4.21
N PHE F 166 -40.01 -21.94 -4.65
CA PHE F 166 -40.70 -20.92 -5.43
C PHE F 166 -42.18 -20.84 -5.05
N LEU F 167 -42.62 -19.66 -4.64
CA LEU F 167 -44.03 -19.43 -4.35
C LEU F 167 -44.71 -18.66 -5.47
N ALA F 168 -45.82 -19.19 -5.97
CA ALA F 168 -46.51 -18.60 -7.10
C ALA F 168 -47.95 -18.23 -6.74
N SER G 6 42.38 16.93 2.71
CA SER G 6 41.44 18.08 2.91
C SER G 6 40.05 17.77 2.38
N PHE G 7 39.74 16.48 2.22
CA PHE G 7 38.47 16.01 1.63
C PHE G 7 37.53 15.27 2.61
N PRO G 8 36.20 15.36 2.39
CA PRO G 8 35.51 16.07 1.32
C PRO G 8 35.35 17.54 1.65
N THR G 9 34.98 18.34 0.68
CA THR G 9 34.82 19.76 0.88
C THR G 9 33.38 20.14 0.54
N ARG G 10 32.69 19.23 -0.09
CA ARG G 10 31.29 19.40 -0.29
C ARG G 10 30.51 18.25 0.31
N VAL G 11 29.70 18.56 1.33
CA VAL G 11 28.84 17.58 2.03
C VAL G 11 27.33 17.86 1.89
N TYR G 12 26.58 16.81 1.51
CA TYR G 12 25.11 16.83 1.54
C TYR G 12 24.53 15.99 2.66
N LEU G 13 23.44 16.47 3.24
CA LEU G 13 22.81 15.77 4.36
C LEU G 13 21.31 15.68 4.15
N LEU G 14 20.86 14.48 3.81
CA LEU G 14 19.48 14.23 3.39
C LEU G 14 18.77 13.32 4.37
N ARG G 15 17.59 13.73 4.81
CA ARG G 15 16.76 12.86 5.65
C ARG G 15 15.79 12.17 4.71
N HIS G 16 15.53 10.89 4.89
CA HIS G 16 14.62 10.12 4.05
C HIS G 16 13.33 10.92 3.97
N ALA G 17 12.56 10.74 2.89
CA ALA G 17 11.32 11.49 2.70
C ALA G 17 10.22 10.83 3.52
N LYS G 18 8.98 11.30 3.39
CA LYS G 18 7.96 10.88 4.35
C LYS G 18 7.53 9.41 4.24
N ALA G 19 7.75 8.63 5.31
CA ALA G 19 7.39 7.20 5.37
C ALA G 19 5.93 6.87 5.69
N ALA G 20 5.42 5.82 5.03
CA ALA G 20 4.14 5.23 5.30
C ALA G 20 4.05 4.85 6.78
N TRP G 21 2.84 4.86 7.36
CA TRP G 21 2.68 4.43 8.73
C TRP G 21 2.87 2.90 8.92
N ALA G 22 3.18 2.53 10.15
CA ALA G 22 3.47 1.16 10.45
C ALA G 22 2.18 0.40 10.33
N ALA G 23 2.26 -0.79 9.73
CA ALA G 23 1.24 -1.80 9.85
C ALA G 23 1.62 -2.76 10.98
N PRO G 24 0.65 -3.18 11.84
CA PRO G 24 0.92 -4.18 12.92
C PRO G 24 1.62 -5.48 12.42
N GLY G 25 2.65 -5.92 13.13
CA GLY G 25 3.37 -7.15 12.76
C GLY G 25 4.48 -7.04 11.73
N GLU G 26 4.59 -5.87 11.10
CA GLU G 26 5.61 -5.56 10.11
C GLU G 26 6.86 -4.94 10.81
N ARG G 27 8.02 -4.98 10.17
N ARG G 27 7.98 -4.95 10.14
CA ARG G 27 9.18 -4.32 10.79
CA ARG G 27 9.18 -4.34 10.63
C ARG G 27 9.44 -2.90 10.28
C ARG G 27 9.33 -2.83 10.30
N ASP G 28 10.01 -2.09 11.16
CA ASP G 28 10.27 -0.67 10.86
C ASP G 28 11.27 -0.51 9.68
N PHE G 29 12.23 -1.43 9.64
CA PHE G 29 13.19 -1.46 8.53
C PHE G 29 12.50 -1.43 7.17
N ASP G 30 11.29 -1.97 7.14
CA ASP G 30 10.62 -2.31 5.88
C ASP G 30 9.44 -1.37 5.61
N ARG G 31 9.49 -0.17 6.19
CA ARG G 31 8.50 0.86 5.90
C ARG G 31 8.92 1.67 4.69
N GLY G 32 7.97 1.90 3.78
CA GLY G 32 8.27 2.65 2.58
C GLY G 32 7.90 4.10 2.73
N LEU G 33 8.00 4.83 1.63
CA LEU G 33 7.45 6.18 1.57
C LEU G 33 5.95 6.08 1.35
N ASN G 34 5.21 7.07 1.83
CA ASN G 34 3.83 7.14 1.43
C ASN G 34 3.73 8.03 0.19
N GLU G 35 2.55 8.19 -0.37
CA GLU G 35 2.38 9.04 -1.54
C GLU G 35 3.02 10.42 -1.39
N ALA G 36 2.81 11.10 -0.26
CA ALA G 36 3.42 12.43 -0.04
C ALA G 36 4.97 12.42 -0.04
N GLY G 37 5.56 11.39 0.59
CA GLY G 37 6.98 11.20 0.57
C GLY G 37 7.66 10.95 -0.78
N PHE G 38 7.10 10.03 -1.57
CA PHE G 38 7.50 9.84 -2.96
C PHE G 38 7.52 11.15 -3.75
N ALA G 39 6.44 11.93 -3.66
CA ALA G 39 6.38 13.24 -4.29
C ALA G 39 7.50 14.20 -3.78
N GLU G 40 7.60 14.37 -2.46
CA GLU G 40 8.74 15.10 -1.82
C GLU G 40 10.12 14.72 -2.35
N ALA G 41 10.38 13.42 -2.52
CA ALA G 41 11.67 12.91 -2.93
C ALA G 41 11.95 13.32 -4.36
N GLU G 42 10.95 13.15 -5.23
CA GLU G 42 11.07 13.57 -6.59
C GLU G 42 11.30 15.13 -6.74
N ILE G 43 10.47 15.95 -6.10
CA ILE G 43 10.62 17.40 -6.15
C ILE G 43 12.02 17.86 -5.65
N ILE G 44 12.42 17.45 -4.46
CA ILE G 44 13.72 17.86 -3.93
C ILE G 44 14.93 17.42 -4.76
N ALA G 45 14.99 16.13 -5.11
CA ALA G 45 16.00 15.59 -6.00
C ALA G 45 16.08 16.28 -7.39
N ASP G 46 14.93 16.62 -7.97
CA ASP G 46 14.89 17.37 -9.23
C ASP G 46 15.41 18.84 -9.00
N LEU G 47 14.96 19.45 -7.92
CA LEU G 47 15.53 20.71 -7.50
C LEU G 47 17.08 20.67 -7.29
N ALA G 48 17.56 19.70 -6.54
CA ALA G 48 19.00 19.52 -6.33
C ALA G 48 19.73 19.26 -7.62
N ALA G 49 19.02 18.83 -8.64
CA ALA G 49 19.64 18.51 -9.93
C ALA G 49 19.68 19.72 -10.84
N ASP G 50 18.76 20.65 -10.60
CA ASP G 50 18.72 21.96 -11.24
C ASP G 50 19.91 22.80 -10.78
N ARG G 51 20.64 22.28 -9.80
CA ARG G 51 21.55 23.12 -9.00
C ARG G 51 22.92 22.54 -8.96
N ARG G 52 23.10 21.45 -9.69
CA ARG G 52 24.37 20.77 -9.82
C ARG G 52 24.88 20.29 -8.42
N TYR G 53 23.94 19.76 -7.66
CA TYR G 53 24.19 19.33 -6.33
C TYR G 53 24.40 17.80 -6.40
N ARG G 54 25.23 17.42 -7.37
CA ARG G 54 25.57 16.05 -7.66
C ARG G 54 26.71 15.55 -6.80
N PRO G 55 26.41 14.59 -5.91
CA PRO G 55 27.46 14.11 -4.98
C PRO G 55 28.29 13.08 -5.71
N ASP G 56 29.51 12.89 -5.21
CA ASP G 56 30.42 11.86 -5.77
C ASP G 56 30.21 10.47 -5.14
N LEU G 57 29.79 10.50 -3.90
CA LEU G 57 29.57 9.27 -3.15
C LEU G 57 28.36 9.46 -2.25
N ILE G 58 27.38 8.60 -2.41
CA ILE G 58 26.20 8.48 -1.52
C ILE G 58 26.33 7.27 -0.62
N LEU G 59 26.34 7.56 0.66
CA LEU G 59 26.42 6.64 1.77
C LEU G 59 25.04 6.75 2.31
N SER G 60 24.25 5.69 2.12
CA SER G 60 22.86 5.66 2.51
C SER G 60 22.49 4.51 3.51
N SER G 61 21.58 4.80 4.41
CA SER G 61 20.99 3.74 5.24
C SER G 61 20.21 2.69 4.41
N THR G 62 20.15 1.49 4.97
CA THR G 62 19.52 0.35 4.33
C THR G 62 17.98 0.25 4.48
N ALA G 63 17.35 1.00 5.41
CA ALA G 63 15.92 0.83 5.63
C ALA G 63 15.24 1.28 4.34
N ALA G 64 14.15 0.59 3.98
CA ALA G 64 13.34 0.88 2.76
C ALA G 64 13.15 2.34 2.40
N ARG G 65 12.93 3.18 3.39
CA ARG G 65 12.63 4.60 3.19
C ARG G 65 13.81 5.46 2.75
N CYS G 66 15.03 5.17 3.26
CA CYS G 66 16.27 5.76 2.75
C CYS G 66 16.56 5.29 1.34
N ARG G 67 16.43 3.98 1.07
CA ARG G 67 16.65 3.39 -0.25
C ARG G 67 15.86 4.08 -1.36
N GLN G 68 14.53 4.19 -1.11
CA GLN G 68 13.59 4.80 -2.03
C GLN G 68 13.87 6.30 -2.26
N THR G 69 14.52 6.93 -1.29
CA THR G 69 14.78 8.35 -1.37
C THR G 69 16.05 8.53 -2.21
N THR G 70 17.03 7.65 -1.97
CA THR G 70 18.22 7.53 -2.79
C THR G 70 17.90 7.27 -4.26
N GLN G 71 16.92 6.39 -4.50
CA GLN G 71 16.45 5.99 -5.85
C GLN G 71 16.02 7.17 -6.68
N ALA G 72 15.16 8.02 -6.10
CA ALA G 72 14.75 9.35 -6.60
C ALA G 72 15.96 10.21 -7.00
N TRP G 73 16.98 10.25 -6.15
CA TRP G 73 18.20 10.91 -6.60
C TRP G 73 18.93 10.23 -7.76
N GLN G 74 18.85 8.89 -7.85
CA GLN G 74 19.38 8.15 -8.98
C GLN G 74 18.64 8.52 -10.25
N ARG G 75 17.31 8.69 -10.12
CA ARG G 75 16.45 9.06 -11.23
C ARG G 75 16.76 10.53 -11.74
N ALA G 76 16.82 11.52 -10.82
CA ALA G 76 17.06 12.95 -11.15
C ALA G 76 18.42 13.32 -11.76
N PHE G 77 19.47 12.56 -11.43
CA PHE G 77 20.82 12.76 -11.98
C PHE G 77 21.22 11.84 -13.16
N ASN G 78 20.76 10.58 -13.15
CA ASN G 78 21.12 9.58 -14.18
C ASN G 78 22.64 9.41 -14.36
N GLY G 80 26.94 9.02 -12.78
CA GLY G 80 27.82 7.92 -12.42
C GLY G 80 27.98 7.74 -10.93
N ILE G 81 26.89 8.02 -10.18
CA ILE G 81 26.96 8.14 -8.72
C ILE G 81 27.22 6.83 -8.00
N ASP G 82 28.36 6.74 -7.35
CA ASP G 82 28.68 5.57 -6.53
C ASP G 82 27.79 5.56 -5.25
N ILE G 83 27.11 4.43 -5.00
CA ILE G 83 26.18 4.29 -3.84
C ILE G 83 26.52 3.15 -2.87
N VAL G 84 26.67 3.51 -1.59
CA VAL G 84 26.97 2.46 -0.58
C VAL G 84 25.85 2.39 0.41
N TYR G 85 25.37 1.16 0.69
CA TYR G 85 24.34 0.99 1.74
C TYR G 85 25.00 0.52 3.02
N ILE G 86 24.76 1.24 4.13
CA ILE G 86 25.32 0.87 5.45
C ILE G 86 24.22 0.67 6.49
N ASP G 87 24.12 -0.56 7.01
CA ASP G 87 23.10 -0.94 8.00
C ASP G 87 23.33 -0.14 9.29
N GLU G 88 24.62 0.05 9.63
CA GLU G 88 25.09 0.87 10.76
C GLU G 88 24.37 2.25 10.83
N MSE G 89 23.79 2.67 9.68
CA MSE G 89 23.22 4.00 9.53
C MSE G 89 21.74 4.06 9.91
O MSE G 89 21.17 5.17 9.96
CB MSE G 89 23.42 4.50 8.09
CG MSE G 89 24.79 5.12 7.80
SE MSE G 89 24.86 6.23 6.14
CE MSE G 89 23.63 7.71 6.49
N TYR G 90 21.15 2.89 10.16
CA TYR G 90 19.83 2.73 10.76
C TYR G 90 20.03 2.86 12.25
N ASN G 91 19.19 3.67 12.93
CA ASN G 91 19.15 3.79 14.40
C ASN G 91 20.57 3.92 15.01
N ALA G 92 21.24 5.03 14.71
CA ALA G 92 22.64 5.22 15.10
C ALA G 92 22.86 6.58 15.74
N ARG G 93 24.12 6.97 15.86
CA ARG G 93 24.48 8.21 16.54
C ARG G 93 25.04 9.23 15.57
N SER G 94 25.06 10.50 15.98
CA SER G 94 25.76 11.53 15.24
C SER G 94 27.20 11.15 14.97
N GLU G 95 27.80 10.49 15.90
CA GLU G 95 29.22 10.14 15.80
C GLU G 95 29.47 9.18 14.64
N THR G 96 28.60 8.17 14.46
CA THR G 96 28.71 7.33 13.27
C THR G 96 28.66 8.16 12.04
N TYR G 97 27.75 9.12 12.01
CA TYR G 97 27.57 9.93 10.80
C TYR G 97 28.81 10.78 10.51
N LEU G 98 29.29 11.48 11.54
CA LEU G 98 30.50 12.23 11.43
C LEU G 98 31.69 11.41 10.97
N SER G 99 31.80 10.20 11.50
CA SER G 99 32.87 9.32 11.11
C SER G 99 32.93 8.96 9.63
N LEU G 100 31.77 8.88 9.00
CA LEU G 100 31.60 8.43 7.64
C LEU G 100 31.94 9.51 6.63
N ILE G 101 31.63 10.76 6.98
CA ILE G 101 32.20 11.92 6.28
C ILE G 101 33.74 12.04 6.47
N ALA G 102 34.15 12.07 7.73
CA ALA G 102 35.57 12.19 8.07
C ALA G 102 36.42 11.24 7.22
N ALA G 103 35.81 10.14 6.78
CA ALA G 103 36.53 8.91 6.52
C ALA G 103 36.89 8.79 5.03
N GLN G 104 36.17 9.55 4.20
CA GLN G 104 36.35 9.47 2.76
C GLN G 104 37.25 10.60 2.24
N THR G 105 38.55 10.43 2.41
CA THR G 105 39.48 11.55 2.32
C THR G 105 40.02 11.71 0.89
N GLU G 106 39.39 11.01 -0.05
CA GLU G 106 39.73 11.14 -1.45
C GLU G 106 38.49 11.35 -2.31
N VAL G 107 37.47 11.97 -1.73
CA VAL G 107 36.23 12.24 -2.43
C VAL G 107 35.70 13.64 -2.11
N GLN G 108 35.43 14.42 -3.14
CA GLN G 108 35.28 15.89 -3.00
C GLN G 108 33.95 16.17 -2.33
N SER G 109 33.00 15.27 -2.55
CA SER G 109 31.61 15.57 -2.33
C SER G 109 30.83 14.30 -1.92
N VAL G 110 30.36 14.26 -0.67
CA VAL G 110 29.56 13.10 -0.21
C VAL G 110 28.20 13.46 0.43
N MSE G 111 27.20 12.62 0.17
CA MSE G 111 25.86 12.80 0.65
C MSE G 111 25.56 11.68 1.62
O MSE G 111 25.74 10.54 1.29
CB MSE G 111 24.90 12.77 -0.50
CG MSE G 111 23.44 13.05 -0.06
SE MSE G 111 22.17 13.38 -1.54
CE MSE G 111 21.74 11.56 -2.01
N LEU G 112 25.08 12.01 2.81
CA LEU G 112 24.58 10.99 3.73
C LEU G 112 23.11 10.88 3.55
N VAL G 113 22.56 9.67 3.34
CA VAL G 113 21.10 9.46 3.50
C VAL G 113 20.72 8.76 4.83
N GLY G 114 20.22 9.54 5.76
CA GLY G 114 20.11 9.12 7.15
C GLY G 114 18.75 9.31 7.76
N HIS G 115 18.71 9.17 9.08
CA HIS G 115 17.49 9.36 9.88
C HIS G 115 17.73 10.31 11.01
N ASN G 116 16.68 11.01 11.41
CA ASN G 116 16.67 11.71 12.66
C ASN G 116 16.54 10.66 13.80
N PRO G 117 17.02 11.01 15.03
CA PRO G 117 17.59 12.29 15.36
C PRO G 117 19.01 12.48 14.84
N THR G 118 19.62 11.41 14.38
CA THR G 118 21.05 11.47 14.02
C THR G 118 21.50 12.65 13.15
N MSE G 119 20.72 12.91 12.11
CA MSE G 119 21.04 13.83 11.04
C MSE G 119 21.10 15.27 11.54
O MSE G 119 22.12 15.95 11.39
CB MSE G 119 19.99 13.68 9.94
CG MSE G 119 20.46 14.11 8.53
SE MSE G 119 22.09 13.26 7.77
CE MSE G 119 21.37 11.78 6.76
N GLU G 120 20.01 15.70 12.16
CA GLU G 120 19.95 16.94 12.92
C GLU G 120 21.17 17.22 13.81
N ALA G 121 21.54 16.22 14.60
CA ALA G 121 22.67 16.24 15.53
C ALA G 121 24.02 16.27 14.82
N THR G 122 24.12 15.57 13.69
CA THR G 122 25.20 15.71 12.73
C THR G 122 25.29 17.16 12.29
N LEU G 123 24.18 17.73 11.80
CA LEU G 123 24.16 19.17 11.48
C LEU G 123 24.68 20.04 12.60
N GLU G 124 23.98 20.03 13.74
CA GLU G 124 24.36 20.77 14.93
C GLU G 124 25.86 20.63 15.16
N ALA G 125 26.40 19.43 14.98
CA ALA G 125 27.82 19.17 15.15
C ALA G 125 28.69 19.90 14.13
N MSE G 126 28.06 20.28 13.02
CA MSE G 126 28.77 20.82 11.86
C MSE G 126 28.89 22.33 11.82
O MSE G 126 30.01 22.84 11.59
CB MSE G 126 28.22 20.26 10.57
CG MSE G 126 29.14 19.13 9.99
SE MSE G 126 28.27 17.99 8.68
CE MSE G 126 29.69 17.81 7.34
N ILE G 127 27.77 23.03 12.07
CA ILE G 127 27.62 24.50 12.02
C ILE G 127 27.21 25.13 13.33
N GLY G 128 27.46 24.45 14.45
CA GLY G 128 27.00 24.98 15.75
C GLY G 128 25.51 24.94 16.05
N GLU G 129 25.19 24.82 17.33
CA GLU G 129 23.81 24.63 17.80
C GLU G 129 22.98 25.88 17.65
N ASP G 130 23.66 27.02 17.59
CA ASP G 130 23.04 28.32 17.33
C ASP G 130 22.52 28.44 15.88
N LEU G 131 23.42 28.31 14.88
CA LEU G 131 23.02 28.41 13.47
C LEU G 131 21.88 27.46 13.13
N LEU G 132 21.90 26.31 13.77
CA LEU G 132 20.92 25.28 13.58
C LEU G 132 19.45 25.69 13.94
N HIS G 133 19.20 26.04 15.21
CA HIS G 133 17.89 26.58 15.66
C HIS G 133 17.38 27.89 14.95
N ALA G 134 18.27 28.68 14.36
CA ALA G 134 17.86 29.84 13.56
C ALA G 134 17.62 29.50 12.08
N ALA G 135 18.25 28.43 11.62
CA ALA G 135 17.93 27.87 10.31
C ALA G 135 16.70 26.94 10.40
N LEU G 136 16.65 26.08 11.42
CA LEU G 136 15.57 25.10 11.49
C LEU G 136 14.76 25.13 12.79
N PRO G 137 14.00 26.22 13.01
CA PRO G 137 13.35 26.36 14.31
C PRO G 137 12.50 25.17 14.73
N SER G 138 11.90 24.46 13.78
CA SER G 138 11.06 23.31 14.12
C SER G 138 11.57 21.95 13.59
N GLY G 139 12.87 21.69 13.74
CA GLY G 139 13.49 20.47 13.22
C GLY G 139 14.03 20.43 11.78
N PHE G 140 14.87 19.43 11.51
CA PHE G 140 15.31 18.98 10.17
C PHE G 140 14.19 18.10 9.52
N PRO G 141 13.51 18.64 8.48
CA PRO G 141 12.32 18.00 7.90
C PRO G 141 12.67 16.83 6.98
N THR G 142 11.65 16.09 6.53
CA THR G 142 11.91 14.85 5.80
C THR G 142 12.28 15.20 4.38
N SER G 143 13.15 14.44 3.74
CA SER G 143 13.76 14.86 2.46
C SER G 143 14.21 16.34 2.57
N GLY G 144 14.80 16.70 3.70
CA GLY G 144 15.46 18.00 3.82
C GLY G 144 16.86 17.86 3.25
N LEU G 145 17.31 18.77 2.39
CA LEU G 145 18.69 18.71 1.94
C LEU G 145 19.52 19.88 2.46
N ALA G 146 20.39 19.53 3.41
CA ALA G 146 21.45 20.46 3.80
C ALA G 146 22.67 20.32 2.88
N VAL G 147 23.22 21.47 2.52
CA VAL G 147 24.40 21.56 1.63
C VAL G 147 25.54 22.31 2.34
N LEU G 148 26.64 21.62 2.59
CA LEU G 148 27.75 22.23 3.35
C LEU G 148 29.05 22.36 2.54
N ASP G 149 29.66 23.54 2.64
CA ASP G 149 31.02 23.81 2.15
C ASP G 149 31.98 23.75 3.32
N GLN G 150 33.14 23.12 3.11
CA GLN G 150 34.22 23.12 4.14
C GLN G 150 34.51 24.50 4.69
N ARG G 160 35.09 22.81 10.78
CA ARG G 160 34.23 23.97 10.86
C ARG G 160 33.68 24.29 9.48
N TRP G 161 32.39 24.02 9.27
CA TRP G 161 31.74 24.11 7.93
C TRP G 161 30.86 25.36 7.71
N ARG G 162 30.43 25.52 6.45
CA ARG G 162 29.55 26.58 6.00
C ARG G 162 28.27 25.99 5.45
N LEU G 163 27.14 26.38 6.01
CA LEU G 163 25.84 26.00 5.47
C LEU G 163 25.52 26.88 4.27
N ILE G 164 25.62 26.32 3.08
CA ILE G 164 25.44 27.06 1.84
C ILE G 164 24.00 27.04 1.39
N ASP G 165 23.27 25.94 1.61
CA ASP G 165 21.86 25.89 1.27
C ASP G 165 20.96 25.06 2.23
N PHE G 166 19.68 25.02 1.93
CA PHE G 166 18.76 24.10 2.53
C PHE G 166 17.52 23.99 1.65
N LEU G 167 17.28 22.78 1.18
CA LEU G 167 16.09 22.52 0.40
C LEU G 167 15.17 21.61 1.21
N ALA G 168 13.97 22.12 1.43
CA ALA G 168 12.93 21.47 2.15
C ALA G 168 11.63 21.54 1.34
N PRO G 169 10.77 20.54 1.50
CA PRO G 169 9.46 20.52 0.85
C PRO G 169 8.52 21.67 1.26
N ALA H 5 -3.80 -12.99 13.57
CA ALA H 5 -2.93 -12.25 12.62
C ALA H 5 -1.54 -11.85 13.24
N SER H 6 -1.50 -10.77 14.03
N SER H 6 -1.50 -10.87 14.02
CA SER H 6 -0.30 -10.37 14.76
CA SER H 6 -0.30 -10.46 14.74
C SER H 6 -0.66 -9.85 16.18
C SER H 6 -0.66 -9.95 16.17
N PHE H 7 0.23 -10.14 17.12
CA PHE H 7 0.25 -9.70 18.52
C PHE H 7 1.46 -8.78 18.71
N PRO H 8 1.34 -7.64 19.45
CA PRO H 8 0.32 -7.01 20.32
C PRO H 8 -0.91 -6.52 19.63
N THR H 9 -2.04 -6.88 20.18
N THR H 9 -2.04 -6.97 20.17
CA THR H 9 -3.27 -6.43 19.60
CA THR H 9 -3.27 -6.53 19.58
C THR H 9 -3.73 -5.08 20.21
C THR H 9 -3.73 -5.18 20.19
N ARG H 10 -3.05 -4.69 21.28
CA ARG H 10 -3.20 -3.39 21.89
C ARG H 10 -1.89 -2.79 22.45
N VAL H 11 -1.66 -1.54 22.07
CA VAL H 11 -0.48 -0.81 22.50
C VAL H 11 -0.86 0.35 23.39
N TYR H 12 -0.10 0.52 24.45
CA TYR H 12 -0.21 1.71 25.24
C TYR H 12 1.09 2.45 25.11
N LEU H 13 0.96 3.77 24.85
CA LEU H 13 2.10 4.74 24.84
C LEU H 13 1.99 5.72 26.04
N LEU H 14 2.99 5.76 26.91
CA LEU H 14 2.95 6.69 28.02
C LEU H 14 4.25 7.50 28.17
N ARG H 15 4.13 8.83 28.04
CA ARG H 15 5.25 9.70 28.34
C ARG H 15 5.40 9.97 29.86
N HIS H 16 6.63 9.96 30.35
CA HIS H 16 6.82 10.22 31.73
C HIS H 16 5.98 11.45 32.17
N ALA H 17 5.61 11.50 33.45
CA ALA H 17 4.97 12.66 34.08
C ALA H 17 6.03 13.71 34.31
N LYS H 18 5.62 14.95 34.55
CA LYS H 18 6.56 16.04 34.82
C LYS H 18 7.66 15.70 35.85
N ALA H 19 8.79 16.36 35.66
CA ALA H 19 9.97 16.15 36.43
C ALA H 19 10.35 17.49 37.03
N ALA H 20 11.10 17.45 38.12
CA ALA H 20 11.86 18.62 38.54
C ALA H 20 12.86 18.87 37.40
N TRP H 21 13.26 20.12 37.21
CA TRP H 21 14.35 20.40 36.28
C TRP H 21 15.64 20.10 37.03
N ALA H 22 16.65 19.59 36.33
CA ALA H 22 17.91 19.19 36.98
C ALA H 22 18.46 20.23 37.97
N ALA H 23 19.05 19.78 39.05
CA ALA H 23 19.77 20.66 39.96
C ALA H 23 21.13 20.99 39.35
N PRO H 24 21.86 21.99 39.91
CA PRO H 24 23.23 22.19 39.45
C PRO H 24 24.05 20.98 39.84
N GLY H 25 24.62 20.29 38.85
CA GLY H 25 25.36 19.05 39.11
C GLY H 25 24.62 17.77 38.74
N GLU H 26 23.40 17.61 39.25
N GLU H 26 23.39 17.64 39.23
CA GLU H 26 22.61 16.40 38.98
CA GLU H 26 22.49 16.52 38.92
C GLU H 26 22.41 16.18 37.48
C GLU H 26 22.48 16.20 37.42
N ARG H 27 22.53 14.92 37.08
CA ARG H 27 22.36 14.50 35.69
C ARG H 27 20.87 14.49 35.33
N ASP H 28 20.53 14.94 34.12
CA ASP H 28 19.17 14.84 33.60
C ASP H 28 18.59 13.40 33.74
N PHE H 29 19.45 12.38 33.63
CA PHE H 29 19.02 10.99 33.81
C PHE H 29 18.46 10.76 35.23
N ASP H 30 19.17 11.29 36.24
CA ASP H 30 18.80 11.16 37.66
C ASP H 30 17.66 12.03 38.13
N ARG H 31 17.05 12.73 37.18
CA ARG H 31 16.01 13.71 37.45
C ARG H 31 14.73 13.08 37.99
N GLY H 32 14.37 13.50 39.18
CA GLY H 32 13.18 13.01 39.79
C GLY H 32 11.93 13.60 39.18
N LEU H 33 10.85 12.90 39.44
CA LEU H 33 9.52 13.43 39.27
C LEU H 33 9.28 14.53 40.32
N ASN H 34 8.26 15.32 40.03
CA ASN H 34 7.77 16.42 40.84
C ASN H 34 6.50 16.07 41.57
N GLU H 35 6.18 16.93 42.56
CA GLU H 35 4.85 17.06 43.21
C GLU H 35 3.74 17.10 42.14
N ALA H 36 3.71 18.15 41.34
CA ALA H 36 2.81 18.17 40.19
C ALA H 36 2.91 16.85 39.42
N GLY H 37 4.13 16.40 39.12
CA GLY H 37 4.34 15.20 38.32
C GLY H 37 3.87 13.95 39.04
N PHE H 38 4.08 13.92 40.36
CA PHE H 38 3.62 12.77 41.17
C PHE H 38 2.12 12.68 41.20
N ALA H 39 1.47 13.79 41.50
CA ALA H 39 0.04 13.82 41.60
C ALA H 39 -0.55 13.47 40.24
N GLU H 40 -0.08 14.14 39.22
CA GLU H 40 -0.50 13.93 37.83
C GLU H 40 -0.40 12.49 37.27
N ALA H 41 0.64 11.75 37.66
CA ALA H 41 0.81 10.37 37.16
C ALA H 41 -0.12 9.35 37.84
N GLU H 42 -0.58 9.71 39.03
CA GLU H 42 -1.52 8.93 39.81
C GLU H 42 -2.94 9.06 39.23
N ILE H 43 -3.37 10.27 38.91
CA ILE H 43 -4.65 10.52 38.25
C ILE H 43 -4.75 9.75 36.91
N ILE H 44 -3.67 9.70 36.14
CA ILE H 44 -3.62 8.88 34.93
C ILE H 44 -3.58 7.37 35.24
N ALA H 45 -2.71 6.95 36.15
CA ALA H 45 -2.68 5.53 36.49
C ALA H 45 -4.08 5.04 36.90
N ASP H 46 -4.69 5.65 37.93
CA ASP H 46 -6.05 5.29 38.37
C ASP H 46 -7.20 5.48 37.36
N LEU H 47 -7.17 6.56 36.60
CA LEU H 47 -8.10 6.72 35.49
C LEU H 47 -8.02 5.51 34.52
N ALA H 48 -6.79 5.04 34.30
CA ALA H 48 -6.57 3.91 33.41
C ALA H 48 -7.06 2.60 34.03
N ALA H 49 -7.00 2.49 35.36
CA ALA H 49 -7.44 1.28 36.04
C ALA H 49 -8.97 1.21 36.11
N ASP H 50 -9.59 2.37 36.18
CA ASP H 50 -11.03 2.50 35.93
C ASP H 50 -11.46 1.91 34.60
N ARG H 51 -10.71 2.20 33.53
CA ARG H 51 -11.08 1.72 32.20
C ARG H 51 -10.53 0.33 31.93
N ARG H 52 -9.77 -0.16 32.90
CA ARG H 52 -9.19 -1.51 32.86
C ARG H 52 -8.20 -1.60 31.69
N TYR H 53 -7.43 -0.54 31.49
CA TYR H 53 -6.39 -0.50 30.50
C TYR H 53 -5.11 -1.07 31.11
N ARG H 54 -5.23 -2.29 31.66
CA ARG H 54 -4.12 -3.05 32.22
C ARG H 54 -3.33 -3.72 31.10
N PRO H 55 -2.03 -3.39 31.00
CA PRO H 55 -1.19 -4.07 30.05
C PRO H 55 -0.56 -5.33 30.65
N ASP H 56 -0.19 -6.26 29.78
CA ASP H 56 0.43 -7.52 30.16
C ASP H 56 1.93 -7.30 30.41
N LEU H 57 2.48 -6.28 29.75
CA LEU H 57 3.89 -5.96 29.80
C LEU H 57 4.13 -4.46 29.68
N ILE H 58 4.91 -3.95 30.63
CA ILE H 58 5.43 -2.62 30.54
C ILE H 58 6.89 -2.66 30.20
N LEU H 59 7.25 -2.03 29.07
CA LEU H 59 8.64 -1.70 28.81
C LEU H 59 8.83 -0.22 29.19
N SER H 60 9.83 0.07 30.02
CA SER H 60 10.11 1.41 30.59
C SER H 60 11.61 1.81 30.53
N SER H 61 11.86 3.09 30.27
CA SER H 61 13.17 3.68 30.36
C SER H 61 13.65 3.55 31.82
N THR H 62 14.95 3.35 31.97
CA THR H 62 15.55 3.33 33.29
C THR H 62 15.54 4.71 34.02
N ALA H 63 15.48 5.83 33.31
CA ALA H 63 15.59 7.15 33.99
C ALA H 63 14.58 7.26 35.11
N ALA H 64 14.97 7.97 36.18
CA ALA H 64 14.21 7.98 37.41
C ALA H 64 12.78 8.47 37.20
N ARG H 65 12.62 9.48 36.34
CA ARG H 65 11.32 10.07 36.11
C ARG H 65 10.38 9.02 35.49
N CYS H 66 10.92 8.22 34.57
CA CYS H 66 10.22 7.08 33.93
C CYS H 66 9.86 5.93 34.89
N ARG H 67 10.80 5.65 35.80
CA ARG H 67 10.68 4.67 36.88
C ARG H 67 9.63 5.00 37.93
N GLN H 68 9.57 6.28 38.31
CA GLN H 68 8.58 6.80 39.26
C GLN H 68 7.18 6.95 38.62
N THR H 69 7.14 7.22 37.32
CA THR H 69 5.88 7.18 36.56
C THR H 69 5.38 5.72 36.36
N THR H 70 6.32 4.81 36.01
CA THR H 70 6.04 3.38 36.04
C THR H 70 5.59 2.87 37.40
N GLN H 71 6.26 3.20 38.50
CA GLN H 71 5.76 2.77 39.86
C GLN H 71 4.36 3.31 40.31
N ALA H 72 4.07 4.57 40.05
CA ALA H 72 2.68 5.04 40.15
C ALA H 72 1.67 4.08 39.46
N TRP H 73 2.06 3.50 38.35
CA TRP H 73 1.22 2.54 37.68
C TRP H 73 1.23 1.19 38.37
N GLN H 74 2.29 0.90 39.14
CA GLN H 74 2.40 -0.38 39.86
C GLN H 74 1.44 -0.41 41.06
N ARG H 75 1.00 0.76 41.50
CA ARG H 75 0.08 0.86 42.63
C ARG H 75 -1.38 0.82 42.17
N ALA H 76 -1.66 1.45 41.04
CA ALA H 76 -3.00 1.44 40.49
C ALA H 76 -3.52 0.04 40.16
N PHE H 77 -2.62 -0.93 39.98
CA PHE H 77 -3.04 -2.28 39.63
C PHE H 77 -2.68 -3.37 40.66
N ILE H 81 1.95 -6.74 37.45
CA ILE H 81 2.28 -6.66 36.00
C ILE H 81 3.78 -6.87 35.62
N ASP H 82 4.04 -7.46 34.45
CA ASP H 82 5.40 -7.61 33.92
C ASP H 82 6.08 -6.35 33.42
N ILE H 83 7.19 -6.02 34.05
CA ILE H 83 7.86 -4.73 33.91
C ILE H 83 9.24 -5.13 33.48
N VAL H 84 9.84 -4.36 32.59
CA VAL H 84 11.20 -4.58 32.24
C VAL H 84 11.82 -3.23 31.90
N TYR H 85 12.98 -2.93 32.49
CA TYR H 85 13.63 -1.66 32.22
C TYR H 85 14.77 -1.72 31.24
N ILE H 86 14.94 -0.65 30.50
CA ILE H 86 15.75 -0.68 29.26
C ILE H 86 16.43 0.66 29.11
N ASP H 87 17.75 0.68 29.31
CA ASP H 87 18.55 1.93 29.24
C ASP H 87 18.47 2.71 27.95
N GLU H 88 18.65 1.98 26.85
CA GLU H 88 18.37 2.42 25.49
C GLU H 88 17.06 3.19 25.20
N MSE H 89 16.02 3.08 26.03
CA MSE H 89 14.84 3.97 25.88
C MSE H 89 15.17 5.42 26.32
O MSE H 89 14.47 6.36 25.94
CB MSE H 89 13.58 3.44 26.60
CG MSE H 89 12.89 2.32 25.87
SE MSE H 89 11.48 1.43 26.92
CE MSE H 89 9.78 2.20 26.18
N TYR H 90 16.23 5.58 27.11
CA TYR H 90 16.69 6.90 27.51
C TYR H 90 17.59 7.48 26.43
N ASN H 91 17.24 8.67 25.95
CA ASN H 91 17.95 9.30 24.88
C ASN H 91 18.20 8.25 23.75
N ALA H 92 17.09 7.81 23.12
CA ALA H 92 17.11 6.68 22.19
C ALA H 92 17.81 7.07 20.92
N ARG H 93 18.49 6.09 20.34
N ARG H 93 18.49 6.09 20.33
CA ARG H 93 19.13 6.28 19.07
CA ARG H 93 19.15 6.31 19.07
C ARG H 93 18.09 6.35 17.96
C ARG H 93 18.13 6.32 17.93
N SER H 94 17.15 5.42 18.03
CA SER H 94 16.09 5.27 17.04
C SER H 94 15.10 6.43 17.11
N GLU H 95 14.37 6.71 16.03
CA GLU H 95 13.39 7.77 16.08
C GLU H 95 12.10 7.42 16.84
N THR H 96 11.74 6.15 16.81
CA THR H 96 10.54 5.65 17.45
C THR H 96 10.83 4.46 18.32
N TYR H 97 9.81 4.01 19.02
CA TYR H 97 9.93 2.86 19.87
C TYR H 97 9.34 1.61 19.20
N LEU H 98 8.84 1.76 17.99
CA LEU H 98 8.13 0.71 17.26
C LEU H 98 8.74 -0.67 17.17
N SER H 99 10.05 -0.78 17.22
CA SER H 99 10.63 -2.12 17.11
C SER H 99 10.47 -2.87 18.43
N LEU H 100 10.37 -2.10 19.52
CA LEU H 100 10.13 -2.63 20.87
C LEU H 100 8.78 -3.32 20.99
N ILE H 101 7.77 -2.69 20.42
CA ILE H 101 6.41 -3.18 20.32
C ILE H 101 6.35 -4.45 19.48
N ALA H 102 6.81 -4.38 18.24
CA ALA H 102 6.64 -5.46 17.31
C ALA H 102 7.44 -6.76 17.64
N ALA H 103 8.40 -6.66 18.57
CA ALA H 103 9.17 -7.84 19.03
C ALA H 103 8.36 -8.78 19.90
N GLN H 104 7.36 -8.24 20.59
CA GLN H 104 6.62 -8.97 21.63
C GLN H 104 5.47 -9.74 20.97
N THR H 105 5.85 -10.72 20.12
CA THR H 105 4.96 -11.37 19.16
C THR H 105 3.97 -12.36 19.73
N GLU H 106 4.16 -12.67 21.01
CA GLU H 106 3.30 -13.57 21.75
C GLU H 106 2.77 -12.94 23.05
N VAL H 107 2.85 -11.60 23.17
CA VAL H 107 2.16 -10.81 24.24
C VAL H 107 0.96 -10.00 23.70
N GLN H 108 -0.17 -10.09 24.40
CA GLN H 108 -1.40 -9.41 23.99
C GLN H 108 -1.43 -7.86 24.10
N SER H 109 -1.12 -7.31 25.28
CA SER H 109 -1.02 -5.86 25.38
C SER H 109 0.34 -5.42 25.92
N VAL H 110 0.82 -4.28 25.43
CA VAL H 110 2.17 -3.85 25.74
C VAL H 110 2.27 -2.33 25.89
N MSE H 111 2.99 -1.92 26.95
CA MSE H 111 3.14 -0.53 27.35
C MSE H 111 4.60 -0.05 27.38
O MSE H 111 5.50 -0.69 27.98
CB MSE H 111 2.42 -0.23 28.67
CG MSE H 111 2.59 1.21 29.16
SE MSE H 111 1.30 1.79 30.54
CE MSE H 111 2.56 2.26 31.96
N LEU H 112 4.81 1.09 26.70
CA LEU H 112 6.08 1.77 26.70
C LEU H 112 6.05 2.95 27.63
N VAL H 113 7.02 3.05 28.52
CA VAL H 113 7.18 4.27 29.31
C VAL H 113 8.48 4.94 28.91
N GLY H 114 8.41 5.88 27.99
CA GLY H 114 9.60 6.63 27.64
C GLY H 114 9.43 8.12 27.53
N HIS H 115 10.26 8.73 26.69
CA HIS H 115 10.51 10.18 26.59
C HIS H 115 10.17 10.73 25.19
N ASN H 116 9.77 12.00 25.13
CA ASN H 116 9.82 12.72 23.87
C ASN H 116 11.27 13.03 23.52
N PRO H 117 11.56 13.23 22.22
CA PRO H 117 10.67 13.18 21.01
C PRO H 117 10.32 11.76 20.53
N THR H 118 11.04 10.78 21.04
CA THR H 118 10.80 9.41 20.68
C THR H 118 9.31 8.97 20.85
N MSE H 119 8.75 9.23 22.00
CA MSE H 119 7.36 8.83 22.28
C MSE H 119 6.35 9.42 21.28
O MSE H 119 5.50 8.69 20.79
CB MSE H 119 6.97 9.15 23.76
CG MSE H 119 5.71 8.45 24.31
SE MSE H 119 5.79 6.52 23.97
CE MSE H 119 6.72 6.00 25.58
N GLU H 120 6.45 10.71 21.00
CA GLU H 120 5.60 11.38 20.00
C GLU H 120 5.84 10.97 18.53
N ALA H 121 7.10 10.76 18.15
CA ALA H 121 7.35 10.20 16.82
C ALA H 121 6.71 8.80 16.70
N THR H 122 6.73 8.01 17.78
CA THR H 122 6.11 6.65 17.81
C THR H 122 4.63 6.63 17.36
N LEU H 123 3.83 7.41 18.05
CA LEU H 123 2.43 7.66 17.76
C LEU H 123 2.23 8.23 16.36
N GLU H 124 3.01 9.25 15.99
CA GLU H 124 2.93 9.80 14.64
C GLU H 124 3.05 8.70 13.59
N ALA H 125 4.00 7.79 13.80
CA ALA H 125 4.28 6.75 12.82
C ALA H 125 3.19 5.69 12.77
N MSE H 126 2.46 5.49 13.86
CA MSE H 126 1.37 4.53 13.90
C MSE H 126 0.04 5.11 13.37
O MSE H 126 -0.73 4.39 12.75
CB MSE H 126 1.17 4.04 15.33
CG MSE H 126 2.38 3.37 16.02
SE MSE H 126 2.11 2.94 18.00
CE MSE H 126 0.93 1.39 17.86
N ILE H 127 -0.23 6.39 13.58
CA ILE H 127 -1.56 6.92 13.25
C ILE H 127 -1.56 8.05 12.27
N GLY H 128 -0.38 8.64 12.07
CA GLY H 128 -0.17 9.67 11.06
C GLY H 128 -0.32 11.04 11.67
N GLU H 129 0.46 12.00 11.15
CA GLU H 129 0.46 13.40 11.60
C GLU H 129 -0.89 14.13 11.53
N ASP H 130 -1.76 13.74 10.62
CA ASP H 130 -3.04 14.43 10.51
C ASP H 130 -3.89 14.15 11.74
N LEU H 131 -4.06 12.88 12.03
CA LEU H 131 -4.78 12.44 13.20
C LEU H 131 -4.07 12.79 14.50
N LEU H 132 -2.73 12.73 14.51
CA LEU H 132 -1.98 13.11 15.69
C LEU H 132 -2.22 14.60 16.03
N HIS H 133 -2.16 15.45 14.99
CA HIS H 133 -2.41 16.88 15.15
C HIS H 133 -3.83 17.23 15.59
N ALA H 134 -4.82 16.49 15.08
CA ALA H 134 -6.23 16.69 15.42
C ALA H 134 -6.54 16.28 16.85
N ALA H 135 -5.92 15.18 17.27
CA ALA H 135 -6.05 14.66 18.63
C ALA H 135 -5.11 15.34 19.65
N LEU H 136 -3.93 15.77 19.22
CA LEU H 136 -2.97 16.45 20.11
C LEU H 136 -2.42 17.77 19.51
N PRO H 137 -3.13 18.89 19.71
CA PRO H 137 -2.82 20.21 19.15
C PRO H 137 -1.58 20.86 19.74
N SER H 138 -1.16 20.42 20.92
CA SER H 138 0.04 20.95 21.57
C SER H 138 1.11 19.87 21.77
N GLY H 139 0.95 18.76 21.07
CA GLY H 139 1.92 17.66 21.09
C GLY H 139 1.53 16.55 22.07
N PHE H 140 2.53 15.78 22.50
CA PHE H 140 2.33 14.62 23.39
C PHE H 140 2.75 14.96 24.83
N PRO H 141 1.76 15.10 25.73
CA PRO H 141 1.94 15.64 27.08
C PRO H 141 2.49 14.65 28.08
N THR H 142 3.13 15.19 29.13
CA THR H 142 3.58 14.42 30.29
C THR H 142 2.49 13.64 30.98
N SER H 143 2.74 12.34 31.11
CA SER H 143 1.77 11.40 31.70
C SER H 143 0.61 11.14 30.76
N GLY H 144 0.72 11.65 29.53
CA GLY H 144 -0.24 11.37 28.53
C GLY H 144 -0.06 9.92 28.12
N LEU H 145 -1.20 9.37 27.69
CA LEU H 145 -1.41 7.98 27.37
C LEU H 145 -2.23 7.77 26.09
N ALA H 146 -1.64 7.07 25.12
CA ALA H 146 -2.38 6.66 23.93
C ALA H 146 -2.72 5.19 24.06
N VAL H 147 -3.95 4.87 23.68
CA VAL H 147 -4.47 3.54 23.65
C VAL H 147 -4.70 3.19 22.16
N LEU H 148 -4.06 2.13 21.66
CA LEU H 148 -4.19 1.80 20.24
C LEU H 148 -4.55 0.36 20.01
N ASP H 149 -5.46 0.17 19.07
CA ASP H 149 -5.90 -1.14 18.67
C ASP H 149 -5.56 -1.38 17.20
N GLN H 150 -5.55 -2.65 16.80
CA GLN H 150 -5.42 -2.98 15.40
C GLN H 150 -6.71 -2.80 14.60
N ASP H 151 -6.56 -2.87 13.28
CA ASP H 151 -7.61 -2.57 12.27
C ASP H 151 -7.32 -1.24 11.59
N LYS H 158 -5.90 -4.45 5.00
CA LYS H 158 -4.80 -3.48 5.07
C LYS H 158 -4.66 -2.99 6.52
N ASN H 159 -4.04 -3.82 7.37
CA ASN H 159 -3.92 -3.58 8.84
C ASN H 159 -3.20 -2.28 9.20
N ARG H 160 -3.75 -1.56 10.16
CA ARG H 160 -3.16 -0.32 10.67
C ARG H 160 -3.58 -0.09 12.11
N TRP H 161 -2.75 0.63 12.85
CA TRP H 161 -3.05 0.97 14.23
C TRP H 161 -4.14 2.02 14.27
N ARG H 162 -5.07 1.89 15.20
CA ARG H 162 -6.12 2.90 15.37
C ARG H 162 -6.03 3.49 16.77
N LEU H 163 -6.09 4.82 16.84
CA LEU H 163 -6.19 5.48 18.11
C LEU H 163 -7.65 5.24 18.57
N ILE H 164 -7.81 4.86 19.84
CA ILE H 164 -9.12 4.55 20.40
C ILE H 164 -9.42 5.37 21.62
N ASP H 165 -8.39 5.91 22.25
CA ASP H 165 -8.56 6.83 23.36
C ASP H 165 -7.22 7.44 23.70
N PHE H 166 -7.27 8.64 24.29
CA PHE H 166 -6.11 9.33 24.82
C PHE H 166 -6.36 9.96 26.21
N LEU H 167 -5.65 9.49 27.21
CA LEU H 167 -5.74 10.13 28.52
C LEU H 167 -4.61 11.15 28.75
N ALA H 168 -5.00 12.31 29.27
CA ALA H 168 -4.08 13.41 29.57
C ALA H 168 -4.69 14.22 30.69
N PRO H 169 -3.85 14.82 31.55
CA PRO H 169 -4.26 15.89 32.45
C PRO H 169 -4.44 17.24 31.74
S SCN I . 10.72 10.43 -40.70
C SCN I . 10.98 11.66 -41.98
N SCN I . 11.11 12.61 -42.70
C1 GOL J . 9.76 17.20 -43.18
O1 GOL J . 11.12 17.48 -42.91
C2 GOL J . 9.14 16.48 -41.98
O2 GOL J . 8.24 15.46 -42.35
C3 GOL J . 10.20 15.94 -41.06
O3 GOL J . 9.70 16.06 -39.75
C ACY K . 41.69 1.86 19.81
O ACY K . 42.80 1.60 19.35
OXT ACY K . 40.86 2.63 19.29
CH3 ACY K . 41.31 1.19 21.06
C1 GOL L . 18.61 30.22 2.10
O1 GOL L . 19.92 30.53 1.71
C2 GOL L . 18.59 28.89 2.86
O2 GOL L . 19.88 28.37 3.11
C3 GOL L . 17.77 27.87 2.09
O3 GOL L . 16.41 28.25 2.08
#